data_5UET
# 
_entry.id   5UET 
# 
_audit_conform.dict_name       mmcif_pdbx.dic 
_audit_conform.dict_version    5.387 
_audit_conform.dict_location   http://mmcif.pdb.org/dictionaries/ascii/mmcif_pdbx.dic 
# 
loop_
_database_2.database_id 
_database_2.database_code 
_database_2.pdbx_database_accession 
_database_2.pdbx_DOI 
PDB   5UET         pdb_00005uet 10.2210/pdb5uet/pdb 
WWPDB D_1000224345 ?            ?                   
# 
loop_
_pdbx_audit_revision_history.ordinal 
_pdbx_audit_revision_history.data_content_type 
_pdbx_audit_revision_history.major_revision 
_pdbx_audit_revision_history.minor_revision 
_pdbx_audit_revision_history.revision_date 
1 'Structure model' 1 0 2017-06-14 
2 'Structure model' 1 1 2024-03-06 
# 
_pdbx_audit_revision_details.ordinal             1 
_pdbx_audit_revision_details.revision_ordinal    1 
_pdbx_audit_revision_details.data_content_type   'Structure model' 
_pdbx_audit_revision_details.provider            repository 
_pdbx_audit_revision_details.type                'Initial release' 
_pdbx_audit_revision_details.description         ? 
_pdbx_audit_revision_details.details             ? 
# 
loop_
_pdbx_audit_revision_group.ordinal 
_pdbx_audit_revision_group.revision_ordinal 
_pdbx_audit_revision_group.data_content_type 
_pdbx_audit_revision_group.group 
1 2 'Structure model' 'Data collection'     
2 2 'Structure model' 'Database references' 
# 
loop_
_pdbx_audit_revision_category.ordinal 
_pdbx_audit_revision_category.revision_ordinal 
_pdbx_audit_revision_category.data_content_type 
_pdbx_audit_revision_category.category 
1 2 'Structure model' chem_comp_atom 
2 2 'Structure model' chem_comp_bond 
3 2 'Structure model' database_2     
# 
loop_
_pdbx_audit_revision_item.ordinal 
_pdbx_audit_revision_item.revision_ordinal 
_pdbx_audit_revision_item.data_content_type 
_pdbx_audit_revision_item.item 
1 2 'Structure model' '_database_2.pdbx_DOI'                
2 2 'Structure model' '_database_2.pdbx_database_accession' 
# 
_pdbx_database_status.status_code                     REL 
_pdbx_database_status.status_code_sf                  REL 
_pdbx_database_status.status_code_mr                  ? 
_pdbx_database_status.entry_id                        5UET 
_pdbx_database_status.recvd_initial_deposition_date   2017-01-03 
_pdbx_database_status.SG_entry                        N 
_pdbx_database_status.deposit_site                    RCSB 
_pdbx_database_status.process_site                    RCSB 
_pdbx_database_status.status_code_cs                  ? 
_pdbx_database_status.methods_development_category    ? 
_pdbx_database_status.pdb_format_compatible           Y 
_pdbx_database_status.status_code_nmr_data            ? 
# 
loop_
_pdbx_database_related.content_type 
_pdbx_database_related.db_id 
_pdbx_database_related.db_name 
_pdbx_database_related.details 
unspecified 5UF0 PDB . 
unspecified 5UEZ PDB . 
unspecified 5UEY PDB . 
unspecified 5UEX PDB . 
unspecified 5UEV PDB . 
unspecified 5UEP PDB . 
unspecified 5UES PDB . 
unspecified 5UER PDB . 
unspecified 5UEQ PDB . 
unspecified 5UEW PDB . 
unspecified 5UEO PDB . 
unspecified 5UEU PDB . 
# 
_audit_author.name               'Park, C.H.' 
_audit_author.pdbx_ordinal       1 
_audit_author.identifier_ORCID   ? 
# 
_citation.abstract                  ? 
_citation.abstract_id_CAS           ? 
_citation.book_id_ISBN              ? 
_citation.book_publisher            ? 
_citation.book_publisher_city       ? 
_citation.book_title                ? 
_citation.coordinate_linkage        ? 
_citation.country                   ? 
_citation.database_id_Medline       ? 
_citation.details                   ? 
_citation.id                        primary 
_citation.journal_abbrev            'To Be Published' 
_citation.journal_id_ASTM           ? 
_citation.journal_id_CSD            0353 
_citation.journal_id_ISSN           ? 
_citation.journal_full              ? 
_citation.journal_issue             ? 
_citation.journal_volume            ? 
_citation.language                  ? 
_citation.page_first                ? 
_citation.page_last                 ? 
_citation.title                     'Complex structure of BRD4_BD2_A-1308586' 
_citation.year                      ? 
_citation.database_id_CSD           ? 
_citation.pdbx_database_id_DOI      ? 
_citation.pdbx_database_id_PubMed   ? 
_citation.unpublished_flag          ? 
# 
_citation_author.citation_id        primary 
_citation_author.name               'Park, C.H.' 
_citation_author.ordinal            1 
_citation_author.identifier_ORCID   ? 
# 
loop_
_entity.id 
_entity.type 
_entity.src_method 
_entity.pdbx_description 
_entity.formula_weight 
_entity.pdbx_number_of_molecules 
_entity.pdbx_ec 
_entity.pdbx_mutation 
_entity.pdbx_fragment 
_entity.details 
1 polymer     man 'Bromodomain-containing protein 4'         12806.933 1   ? ? 'residues 352-457' ? 
2 non-polymer syn 2-methyl-5-phenyl-1H-pyrrole-3-carboxamide 200.236   1   ? ? ?                  ? 
3 water       nat water                                      18.015    109 ? ? ?                  ? 
# 
_entity_name_com.entity_id   1 
_entity_name_com.name        'Protein HUNK1' 
# 
_entity_poly.entity_id                      1 
_entity_poly.type                           'polypeptide(L)' 
_entity_poly.nstd_linkage                   no 
_entity_poly.nstd_monomer                   no 
_entity_poly.pdbx_seq_one_letter_code       
;SHMEQLKCCSGILKEMFAKKHAAYAWPFYKPVDVEALGLHDYCDIIKHPMDMSTIKSKLEAREYRDAQEFGADVRLMFSN
CYKYNPPDHEVVAMARKLQDVFEMRFAKM
;
_entity_poly.pdbx_seq_one_letter_code_can   
;SHMEQLKCCSGILKEMFAKKHAAYAWPFYKPVDVEALGLHDYCDIIKHPMDMSTIKSKLEAREYRDAQEFGADVRLMFSN
CYKYNPPDHEVVAMARKLQDVFEMRFAKM
;
_entity_poly.pdbx_strand_id                 A 
_entity_poly.pdbx_target_identifier         ? 
# 
loop_
_pdbx_entity_nonpoly.entity_id 
_pdbx_entity_nonpoly.name 
_pdbx_entity_nonpoly.comp_id 
2 2-methyl-5-phenyl-1H-pyrrole-3-carboxamide 87V 
3 water                                      HOH 
# 
loop_
_entity_poly_seq.entity_id 
_entity_poly_seq.num 
_entity_poly_seq.mon_id 
_entity_poly_seq.hetero 
1 1   SER n 
1 2   HIS n 
1 3   MET n 
1 4   GLU n 
1 5   GLN n 
1 6   LEU n 
1 7   LYS n 
1 8   CYS n 
1 9   CYS n 
1 10  SER n 
1 11  GLY n 
1 12  ILE n 
1 13  LEU n 
1 14  LYS n 
1 15  GLU n 
1 16  MET n 
1 17  PHE n 
1 18  ALA n 
1 19  LYS n 
1 20  LYS n 
1 21  HIS n 
1 22  ALA n 
1 23  ALA n 
1 24  TYR n 
1 25  ALA n 
1 26  TRP n 
1 27  PRO n 
1 28  PHE n 
1 29  TYR n 
1 30  LYS n 
1 31  PRO n 
1 32  VAL n 
1 33  ASP n 
1 34  VAL n 
1 35  GLU n 
1 36  ALA n 
1 37  LEU n 
1 38  GLY n 
1 39  LEU n 
1 40  HIS n 
1 41  ASP n 
1 42  TYR n 
1 43  CYS n 
1 44  ASP n 
1 45  ILE n 
1 46  ILE n 
1 47  LYS n 
1 48  HIS n 
1 49  PRO n 
1 50  MET n 
1 51  ASP n 
1 52  MET n 
1 53  SER n 
1 54  THR n 
1 55  ILE n 
1 56  LYS n 
1 57  SER n 
1 58  LYS n 
1 59  LEU n 
1 60  GLU n 
1 61  ALA n 
1 62  ARG n 
1 63  GLU n 
1 64  TYR n 
1 65  ARG n 
1 66  ASP n 
1 67  ALA n 
1 68  GLN n 
1 69  GLU n 
1 70  PHE n 
1 71  GLY n 
1 72  ALA n 
1 73  ASP n 
1 74  VAL n 
1 75  ARG n 
1 76  LEU n 
1 77  MET n 
1 78  PHE n 
1 79  SER n 
1 80  ASN n 
1 81  CYS n 
1 82  TYR n 
1 83  LYS n 
1 84  TYR n 
1 85  ASN n 
1 86  PRO n 
1 87  PRO n 
1 88  ASP n 
1 89  HIS n 
1 90  GLU n 
1 91  VAL n 
1 92  VAL n 
1 93  ALA n 
1 94  MET n 
1 95  ALA n 
1 96  ARG n 
1 97  LYS n 
1 98  LEU n 
1 99  GLN n 
1 100 ASP n 
1 101 VAL n 
1 102 PHE n 
1 103 GLU n 
1 104 MET n 
1 105 ARG n 
1 106 PHE n 
1 107 ALA n 
1 108 LYS n 
1 109 MET n 
# 
_entity_src_gen.entity_id                          1 
_entity_src_gen.pdbx_src_id                        1 
_entity_src_gen.pdbx_alt_source_flag               sample 
_entity_src_gen.pdbx_seq_type                      'Biological sequence' 
_entity_src_gen.pdbx_beg_seq_num                   1 
_entity_src_gen.pdbx_end_seq_num                   109 
_entity_src_gen.gene_src_common_name               Human 
_entity_src_gen.gene_src_genus                     ? 
_entity_src_gen.pdbx_gene_src_gene                 'BRD4, HUNK1' 
_entity_src_gen.gene_src_species                   ? 
_entity_src_gen.gene_src_strain                    ? 
_entity_src_gen.gene_src_tissue                    ? 
_entity_src_gen.gene_src_tissue_fraction           ? 
_entity_src_gen.gene_src_details                   ? 
_entity_src_gen.pdbx_gene_src_fragment             ? 
_entity_src_gen.pdbx_gene_src_scientific_name      'Homo sapiens' 
_entity_src_gen.pdbx_gene_src_ncbi_taxonomy_id     9606 
_entity_src_gen.pdbx_gene_src_variant              ? 
_entity_src_gen.pdbx_gene_src_cell_line            ? 
_entity_src_gen.pdbx_gene_src_atcc                 ? 
_entity_src_gen.pdbx_gene_src_organ                ? 
_entity_src_gen.pdbx_gene_src_organelle            ? 
_entity_src_gen.pdbx_gene_src_cell                 ? 
_entity_src_gen.pdbx_gene_src_cellular_location    ? 
_entity_src_gen.host_org_common_name               ? 
_entity_src_gen.pdbx_host_org_scientific_name      'Enterobacteria phage L1' 
_entity_src_gen.pdbx_host_org_ncbi_taxonomy_id     268588 
_entity_src_gen.host_org_genus                     ? 
_entity_src_gen.pdbx_host_org_gene                 ? 
_entity_src_gen.pdbx_host_org_organ                ? 
_entity_src_gen.host_org_species                   ? 
_entity_src_gen.pdbx_host_org_tissue               ? 
_entity_src_gen.pdbx_host_org_tissue_fraction      ? 
_entity_src_gen.pdbx_host_org_strain               ? 
_entity_src_gen.pdbx_host_org_variant              ? 
_entity_src_gen.pdbx_host_org_cell_line            ? 
_entity_src_gen.pdbx_host_org_atcc                 ? 
_entity_src_gen.pdbx_host_org_culture_collection   ? 
_entity_src_gen.pdbx_host_org_cell                 ? 
_entity_src_gen.pdbx_host_org_organelle            ? 
_entity_src_gen.pdbx_host_org_cellular_location    ? 
_entity_src_gen.pdbx_host_org_vector_type          ? 
_entity_src_gen.pdbx_host_org_vector               ? 
_entity_src_gen.host_org_details                   ? 
_entity_src_gen.expression_system_id               ? 
_entity_src_gen.plasmid_name                       ? 
_entity_src_gen.plasmid_details                    ? 
_entity_src_gen.pdbx_description                   ? 
# 
loop_
_chem_comp.id 
_chem_comp.type 
_chem_comp.mon_nstd_flag 
_chem_comp.name 
_chem_comp.pdbx_synonyms 
_chem_comp.formula 
_chem_comp.formula_weight 
87V non-polymer         . 2-methyl-5-phenyl-1H-pyrrole-3-carboxamide ? 'C12 H12 N2 O'   200.236 
ALA 'L-peptide linking' y ALANINE                                    ? 'C3 H7 N O2'     89.093  
ARG 'L-peptide linking' y ARGININE                                   ? 'C6 H15 N4 O2 1' 175.209 
ASN 'L-peptide linking' y ASPARAGINE                                 ? 'C4 H8 N2 O3'    132.118 
ASP 'L-peptide linking' y 'ASPARTIC ACID'                            ? 'C4 H7 N O4'     133.103 
CYS 'L-peptide linking' y CYSTEINE                                   ? 'C3 H7 N O2 S'   121.158 
GLN 'L-peptide linking' y GLUTAMINE                                  ? 'C5 H10 N2 O3'   146.144 
GLU 'L-peptide linking' y 'GLUTAMIC ACID'                            ? 'C5 H9 N O4'     147.129 
GLY 'peptide linking'   y GLYCINE                                    ? 'C2 H5 N O2'     75.067  
HIS 'L-peptide linking' y HISTIDINE                                  ? 'C6 H10 N3 O2 1' 156.162 
HOH non-polymer         . WATER                                      ? 'H2 O'           18.015  
ILE 'L-peptide linking' y ISOLEUCINE                                 ? 'C6 H13 N O2'    131.173 
LEU 'L-peptide linking' y LEUCINE                                    ? 'C6 H13 N O2'    131.173 
LYS 'L-peptide linking' y LYSINE                                     ? 'C6 H15 N2 O2 1' 147.195 
MET 'L-peptide linking' y METHIONINE                                 ? 'C5 H11 N O2 S'  149.211 
PHE 'L-peptide linking' y PHENYLALANINE                              ? 'C9 H11 N O2'    165.189 
PRO 'L-peptide linking' y PROLINE                                    ? 'C5 H9 N O2'     115.130 
SER 'L-peptide linking' y SERINE                                     ? 'C3 H7 N O3'     105.093 
THR 'L-peptide linking' y THREONINE                                  ? 'C4 H9 N O3'     119.119 
TRP 'L-peptide linking' y TRYPTOPHAN                                 ? 'C11 H12 N2 O2'  204.225 
TYR 'L-peptide linking' y TYROSINE                                   ? 'C9 H11 N O3'    181.189 
VAL 'L-peptide linking' y VALINE                                     ? 'C5 H11 N O2'    117.146 
# 
loop_
_pdbx_poly_seq_scheme.asym_id 
_pdbx_poly_seq_scheme.entity_id 
_pdbx_poly_seq_scheme.seq_id 
_pdbx_poly_seq_scheme.mon_id 
_pdbx_poly_seq_scheme.ndb_seq_num 
_pdbx_poly_seq_scheme.pdb_seq_num 
_pdbx_poly_seq_scheme.auth_seq_num 
_pdbx_poly_seq_scheme.pdb_mon_id 
_pdbx_poly_seq_scheme.auth_mon_id 
_pdbx_poly_seq_scheme.pdb_strand_id 
_pdbx_poly_seq_scheme.pdb_ins_code 
_pdbx_poly_seq_scheme.hetero 
A 1 1   SER 1   349 349 SER SER A . n 
A 1 2   HIS 2   350 350 HIS HIS A . n 
A 1 3   MET 3   351 351 MET MET A . n 
A 1 4   GLU 4   352 352 GLU GLU A . n 
A 1 5   GLN 5   353 353 GLN GLN A . n 
A 1 6   LEU 6   354 354 LEU LEU A . n 
A 1 7   LYS 7   355 355 LYS LYS A . n 
A 1 8   CYS 8   356 356 CYS CYS A . n 
A 1 9   CYS 9   357 357 CYS CYS A . n 
A 1 10  SER 10  358 358 SER SER A . n 
A 1 11  GLY 11  359 359 GLY GLY A . n 
A 1 12  ILE 12  360 360 ILE ILE A . n 
A 1 13  LEU 13  361 361 LEU LEU A . n 
A 1 14  LYS 14  362 362 LYS LYS A . n 
A 1 15  GLU 15  363 363 GLU GLU A . n 
A 1 16  MET 16  364 364 MET MET A . n 
A 1 17  PHE 17  365 365 PHE PHE A . n 
A 1 18  ALA 18  366 366 ALA ALA A . n 
A 1 19  LYS 19  367 367 LYS LYS A . n 
A 1 20  LYS 20  368 368 LYS LYS A . n 
A 1 21  HIS 21  369 369 HIS HIS A . n 
A 1 22  ALA 22  370 370 ALA ALA A . n 
A 1 23  ALA 23  371 371 ALA ALA A . n 
A 1 24  TYR 24  372 372 TYR TYR A . n 
A 1 25  ALA 25  373 373 ALA ALA A . n 
A 1 26  TRP 26  374 374 TRP TRP A . n 
A 1 27  PRO 27  375 375 PRO PRO A . n 
A 1 28  PHE 28  376 376 PHE PHE A . n 
A 1 29  TYR 29  377 377 TYR TYR A . n 
A 1 30  LYS 30  378 378 LYS LYS A . n 
A 1 31  PRO 31  379 379 PRO PRO A . n 
A 1 32  VAL 32  380 380 VAL VAL A . n 
A 1 33  ASP 33  381 381 ASP ASP A . n 
A 1 34  VAL 34  382 382 VAL VAL A . n 
A 1 35  GLU 35  383 383 GLU GLU A . n 
A 1 36  ALA 36  384 384 ALA ALA A . n 
A 1 37  LEU 37  385 385 LEU LEU A . n 
A 1 38  GLY 38  386 386 GLY GLY A . n 
A 1 39  LEU 39  387 387 LEU LEU A . n 
A 1 40  HIS 40  388 388 HIS HIS A . n 
A 1 41  ASP 41  389 389 ASP ASP A . n 
A 1 42  TYR 42  390 390 TYR TYR A . n 
A 1 43  CYS 43  391 391 CYS CYS A . n 
A 1 44  ASP 44  392 392 ASP ASP A . n 
A 1 45  ILE 45  393 393 ILE ILE A . n 
A 1 46  ILE 46  394 394 ILE ILE A . n 
A 1 47  LYS 47  395 395 LYS LYS A . n 
A 1 48  HIS 48  396 396 HIS HIS A . n 
A 1 49  PRO 49  397 397 PRO PRO A . n 
A 1 50  MET 50  398 398 MET MET A . n 
A 1 51  ASP 51  399 399 ASP ASP A . n 
A 1 52  MET 52  400 400 MET MET A . n 
A 1 53  SER 53  401 401 SER SER A . n 
A 1 54  THR 54  402 402 THR THR A . n 
A 1 55  ILE 55  403 403 ILE ILE A . n 
A 1 56  LYS 56  404 404 LYS LYS A . n 
A 1 57  SER 57  405 405 SER SER A . n 
A 1 58  LYS 58  406 406 LYS LYS A . n 
A 1 59  LEU 59  407 407 LEU LEU A . n 
A 1 60  GLU 60  408 408 GLU GLU A . n 
A 1 61  ALA 61  409 409 ALA ALA A . n 
A 1 62  ARG 62  410 410 ARG ARG A . n 
A 1 63  GLU 63  411 411 GLU GLU A . n 
A 1 64  TYR 64  412 412 TYR TYR A . n 
A 1 65  ARG 65  413 413 ARG ARG A . n 
A 1 66  ASP 66  414 414 ASP ASP A . n 
A 1 67  ALA 67  415 415 ALA ALA A . n 
A 1 68  GLN 68  416 416 GLN GLN A . n 
A 1 69  GLU 69  417 417 GLU GLU A . n 
A 1 70  PHE 70  418 418 PHE PHE A . n 
A 1 71  GLY 71  419 419 GLY GLY A . n 
A 1 72  ALA 72  420 420 ALA ALA A . n 
A 1 73  ASP 73  421 421 ASP ASP A . n 
A 1 74  VAL 74  422 422 VAL VAL A . n 
A 1 75  ARG 75  423 423 ARG ARG A . n 
A 1 76  LEU 76  424 424 LEU LEU A . n 
A 1 77  MET 77  425 425 MET MET A . n 
A 1 78  PHE 78  426 426 PHE PHE A . n 
A 1 79  SER 79  427 427 SER SER A . n 
A 1 80  ASN 80  428 428 ASN ASN A . n 
A 1 81  CYS 81  429 429 CYS CYS A . n 
A 1 82  TYR 82  430 430 TYR TYR A . n 
A 1 83  LYS 83  431 431 LYS LYS A . n 
A 1 84  TYR 84  432 432 TYR TYR A . n 
A 1 85  ASN 85  433 433 ASN ASN A . n 
A 1 86  PRO 86  434 434 PRO PRO A . n 
A 1 87  PRO 87  435 435 PRO PRO A . n 
A 1 88  ASP 88  436 436 ASP ASP A . n 
A 1 89  HIS 89  437 437 HIS HIS A . n 
A 1 90  GLU 90  438 438 GLU GLU A . n 
A 1 91  VAL 91  439 439 VAL VAL A . n 
A 1 92  VAL 92  440 440 VAL VAL A . n 
A 1 93  ALA 93  441 441 ALA ALA A . n 
A 1 94  MET 94  442 442 MET MET A . n 
A 1 95  ALA 95  443 443 ALA ALA A . n 
A 1 96  ARG 96  444 444 ARG ARG A . n 
A 1 97  LYS 97  445 445 LYS LYS A . n 
A 1 98  LEU 98  446 446 LEU LEU A . n 
A 1 99  GLN 99  447 447 GLN GLN A . n 
A 1 100 ASP 100 448 448 ASP ASP A . n 
A 1 101 VAL 101 449 449 VAL VAL A . n 
A 1 102 PHE 102 450 450 PHE PHE A . n 
A 1 103 GLU 103 451 451 GLU GLU A . n 
A 1 104 MET 104 452 452 MET MET A . n 
A 1 105 ARG 105 453 453 ARG ARG A . n 
A 1 106 PHE 106 454 454 PHE PHE A . n 
A 1 107 ALA 107 455 455 ALA ALA A . n 
A 1 108 LYS 108 456 456 LYS LYS A . n 
A 1 109 MET 109 457 457 MET MET A . n 
# 
loop_
_pdbx_nonpoly_scheme.asym_id 
_pdbx_nonpoly_scheme.entity_id 
_pdbx_nonpoly_scheme.mon_id 
_pdbx_nonpoly_scheme.ndb_seq_num 
_pdbx_nonpoly_scheme.pdb_seq_num 
_pdbx_nonpoly_scheme.auth_seq_num 
_pdbx_nonpoly_scheme.pdb_mon_id 
_pdbx_nonpoly_scheme.auth_mon_id 
_pdbx_nonpoly_scheme.pdb_strand_id 
_pdbx_nonpoly_scheme.pdb_ins_code 
B 2 87V 1   501 1   87V LIG A . 
C 3 HOH 1   601 85  HOH HOH A . 
C 3 HOH 2   602 68  HOH HOH A . 
C 3 HOH 3   603 53  HOH HOH A . 
C 3 HOH 4   604 8   HOH HOH A . 
C 3 HOH 5   605 17  HOH HOH A . 
C 3 HOH 6   606 2   HOH HOH A . 
C 3 HOH 7   607 54  HOH HOH A . 
C 3 HOH 8   608 21  HOH HOH A . 
C 3 HOH 9   609 14  HOH HOH A . 
C 3 HOH 10  610 3   HOH HOH A . 
C 3 HOH 11  611 51  HOH HOH A . 
C 3 HOH 12  612 5   HOH HOH A . 
C 3 HOH 13  613 19  HOH HOH A . 
C 3 HOH 14  614 35  HOH HOH A . 
C 3 HOH 15  615 1   HOH HOH A . 
C 3 HOH 16  616 45  HOH HOH A . 
C 3 HOH 17  617 42  HOH HOH A . 
C 3 HOH 18  618 86  HOH HOH A . 
C 3 HOH 19  619 81  HOH HOH A . 
C 3 HOH 20  620 24  HOH HOH A . 
C 3 HOH 21  621 56  HOH HOH A . 
C 3 HOH 22  622 15  HOH HOH A . 
C 3 HOH 23  623 87  HOH HOH A . 
C 3 HOH 24  624 36  HOH HOH A . 
C 3 HOH 25  625 88  HOH HOH A . 
C 3 HOH 26  626 55  HOH HOH A . 
C 3 HOH 27  627 97  HOH HOH A . 
C 3 HOH 28  628 33  HOH HOH A . 
C 3 HOH 29  629 98  HOH HOH A . 
C 3 HOH 30  630 79  HOH HOH A . 
C 3 HOH 31  631 62  HOH HOH A . 
C 3 HOH 32  632 107 HOH HOH A . 
C 3 HOH 33  633 6   HOH HOH A . 
C 3 HOH 34  634 90  HOH HOH A . 
C 3 HOH 35  635 58  HOH HOH A . 
C 3 HOH 36  636 32  HOH HOH A . 
C 3 HOH 37  637 25  HOH HOH A . 
C 3 HOH 38  638 16  HOH HOH A . 
C 3 HOH 39  639 93  HOH HOH A . 
C 3 HOH 40  640 29  HOH HOH A . 
C 3 HOH 41  641 84  HOH HOH A . 
C 3 HOH 42  642 43  HOH HOH A . 
C 3 HOH 43  643 10  HOH HOH A . 
C 3 HOH 44  644 4   HOH HOH A . 
C 3 HOH 45  645 20  HOH HOH A . 
C 3 HOH 46  646 108 HOH HOH A . 
C 3 HOH 47  647 13  HOH HOH A . 
C 3 HOH 48  648 52  HOH HOH A . 
C 3 HOH 49  649 37  HOH HOH A . 
C 3 HOH 50  650 80  HOH HOH A . 
C 3 HOH 51  651 27  HOH HOH A . 
C 3 HOH 52  652 71  HOH HOH A . 
C 3 HOH 53  653 96  HOH HOH A . 
C 3 HOH 54  654 41  HOH HOH A . 
C 3 HOH 55  655 26  HOH HOH A . 
C 3 HOH 56  656 12  HOH HOH A . 
C 3 HOH 57  657 9   HOH HOH A . 
C 3 HOH 58  658 109 HOH HOH A . 
C 3 HOH 59  659 34  HOH HOH A . 
C 3 HOH 60  660 48  HOH HOH A . 
C 3 HOH 61  661 39  HOH HOH A . 
C 3 HOH 62  662 28  HOH HOH A . 
C 3 HOH 63  663 7   HOH HOH A . 
C 3 HOH 64  664 40  HOH HOH A . 
C 3 HOH 65  665 75  HOH HOH A . 
C 3 HOH 66  666 69  HOH HOH A . 
C 3 HOH 67  667 102 HOH HOH A . 
C 3 HOH 68  668 23  HOH HOH A . 
C 3 HOH 69  669 18  HOH HOH A . 
C 3 HOH 70  670 38  HOH HOH A . 
C 3 HOH 71  671 74  HOH HOH A . 
C 3 HOH 72  672 76  HOH HOH A . 
C 3 HOH 73  673 61  HOH HOH A . 
C 3 HOH 74  674 49  HOH HOH A . 
C 3 HOH 75  675 63  HOH HOH A . 
C 3 HOH 76  676 91  HOH HOH A . 
C 3 HOH 77  677 106 HOH HOH A . 
C 3 HOH 78  678 47  HOH HOH A . 
C 3 HOH 79  679 100 HOH HOH A . 
C 3 HOH 80  680 50  HOH HOH A . 
C 3 HOH 81  681 104 HOH HOH A . 
C 3 HOH 82  682 31  HOH HOH A . 
C 3 HOH 83  683 22  HOH HOH A . 
C 3 HOH 84  684 105 HOH HOH A . 
C 3 HOH 85  685 59  HOH HOH A . 
C 3 HOH 86  686 11  HOH HOH A . 
C 3 HOH 87  687 46  HOH HOH A . 
C 3 HOH 88  688 65  HOH HOH A . 
C 3 HOH 89  689 64  HOH HOH A . 
C 3 HOH 90  690 70  HOH HOH A . 
C 3 HOH 91  691 77  HOH HOH A . 
C 3 HOH 92  692 73  HOH HOH A . 
C 3 HOH 93  693 89  HOH HOH A . 
C 3 HOH 94  694 92  HOH HOH A . 
C 3 HOH 95  695 44  HOH HOH A . 
C 3 HOH 96  696 67  HOH HOH A . 
C 3 HOH 97  697 101 HOH HOH A . 
C 3 HOH 98  698 78  HOH HOH A . 
C 3 HOH 99  699 99  HOH HOH A . 
C 3 HOH 100 700 82  HOH HOH A . 
C 3 HOH 101 701 95  HOH HOH A . 
C 3 HOH 102 702 30  HOH HOH A . 
C 3 HOH 103 703 72  HOH HOH A . 
C 3 HOH 104 704 60  HOH HOH A . 
C 3 HOH 105 705 94  HOH HOH A . 
C 3 HOH 106 706 83  HOH HOH A . 
C 3 HOH 107 707 103 HOH HOH A . 
C 3 HOH 108 708 66  HOH HOH A . 
C 3 HOH 109 709 57  HOH HOH A . 
# 
loop_
_software.citation_id 
_software.classification 
_software.compiler_name 
_software.compiler_version 
_software.contact_author 
_software.contact_author_email 
_software.date 
_software.description 
_software.dependencies 
_software.hardware 
_software.language 
_software.location 
_software.mods 
_software.name 
_software.os 
_software.os_version 
_software.type 
_software.version 
_software.pdbx_ordinal 
? 'data reduction' ? ? ? ? ? ? ? ? ? ? ? XDS    ? ? ? 2.11.7 1 
? 'data scaling'   ? ? ? ? ? ? ? ? ? ? ? SCALA  ? ? ? .      2 
? 'model building' ? ? ? ? ? ? ? ? ? ? ? Coot   ? ? ? .      3 
? refinement       ? ? ? ? ? ? ? ? ? ? ? BUSTER ? ? ? 2.11.7 4 
# 
_cell.angle_alpha                  90.00 
_cell.angle_alpha_esd              ? 
_cell.angle_beta                   90.00 
_cell.angle_beta_esd               ? 
_cell.angle_gamma                  90.00 
_cell.angle_gamma_esd              ? 
_cell.entry_id                     5UET 
_cell.details                      ? 
_cell.formula_units_Z              ? 
_cell.length_a                     59.123 
_cell.length_a_esd                 ? 
_cell.length_b                     72.965 
_cell.length_b_esd                 ? 
_cell.length_c                     33.622 
_cell.length_c_esd                 ? 
_cell.volume                       ? 
_cell.volume_esd                   ? 
_cell.Z_PDB                        4 
_cell.reciprocal_angle_alpha       ? 
_cell.reciprocal_angle_beta        ? 
_cell.reciprocal_angle_gamma       ? 
_cell.reciprocal_angle_alpha_esd   ? 
_cell.reciprocal_angle_beta_esd    ? 
_cell.reciprocal_angle_gamma_esd   ? 
_cell.reciprocal_length_a          ? 
_cell.reciprocal_length_b          ? 
_cell.reciprocal_length_c          ? 
_cell.reciprocal_length_a_esd      ? 
_cell.reciprocal_length_b_esd      ? 
_cell.reciprocal_length_c_esd      ? 
_cell.pdbx_unique_axis             ? 
# 
_symmetry.entry_id                         5UET 
_symmetry.cell_setting                     ? 
_symmetry.Int_Tables_number                18 
_symmetry.space_group_name_Hall            ? 
_symmetry.space_group_name_H-M             'P 21 21 2' 
_symmetry.pdbx_full_space_group_name_H-M   ? 
# 
_exptl.absorpt_coefficient_mu     ? 
_exptl.absorpt_correction_T_max   ? 
_exptl.absorpt_correction_T_min   ? 
_exptl.absorpt_correction_type    ? 
_exptl.absorpt_process_details    ? 
_exptl.entry_id                   5UET 
_exptl.crystals_number            1 
_exptl.details                    ? 
_exptl.method                     'X-RAY DIFFRACTION' 
_exptl.method_details             ? 
# 
_exptl_crystal.colour                      ? 
_exptl_crystal.density_diffrn              ? 
_exptl_crystal.density_Matthews            2.83 
_exptl_crystal.density_method              ? 
_exptl_crystal.density_percent_sol         56.56 
_exptl_crystal.description                 ? 
_exptl_crystal.F_000                       ? 
_exptl_crystal.id                          1 
_exptl_crystal.preparation                 ? 
_exptl_crystal.size_max                    ? 
_exptl_crystal.size_mid                    ? 
_exptl_crystal.size_min                    ? 
_exptl_crystal.size_rad                    ? 
_exptl_crystal.colour_lustre               ? 
_exptl_crystal.colour_modifier             ? 
_exptl_crystal.colour_primary              ? 
_exptl_crystal.density_meas                ? 
_exptl_crystal.density_meas_esd            ? 
_exptl_crystal.density_meas_gt             ? 
_exptl_crystal.density_meas_lt             ? 
_exptl_crystal.density_meas_temp           ? 
_exptl_crystal.density_meas_temp_esd       ? 
_exptl_crystal.density_meas_temp_gt        ? 
_exptl_crystal.density_meas_temp_lt        ? 
_exptl_crystal.pdbx_crystal_image_url      ? 
_exptl_crystal.pdbx_crystal_image_format   ? 
_exptl_crystal.pdbx_mosaicity              ? 
_exptl_crystal.pdbx_mosaicity_esd          ? 
# 
_exptl_crystal_grow.apparatus       ? 
_exptl_crystal_grow.atmosphere      ? 
_exptl_crystal_grow.crystal_id      1 
_exptl_crystal_grow.details         ? 
_exptl_crystal_grow.method          'VAPOR DIFFUSION' 
_exptl_crystal_grow.method_ref      ? 
_exptl_crystal_grow.pH              ? 
_exptl_crystal_grow.pressure        ? 
_exptl_crystal_grow.pressure_esd    ? 
_exptl_crystal_grow.seeding         ? 
_exptl_crystal_grow.seeding_ref     ? 
_exptl_crystal_grow.temp            277 
_exptl_crystal_grow.temp_details    ? 
_exptl_crystal_grow.temp_esd        ? 
_exptl_crystal_grow.time            ? 
_exptl_crystal_grow.pdbx_details    
;Protein Buffer :
10 mM HEPES PH 7.5
100 mM NaCl   5 mM DTT
Crystallization :
15 % (v/v) Ethanol  Tris PH 7.0
;
_exptl_crystal_grow.pdbx_pH_range   ? 
# 
_diffrn.ambient_environment    ? 
_diffrn.ambient_temp           100 
_diffrn.ambient_temp_details   ? 
_diffrn.ambient_temp_esd       ? 
_diffrn.crystal_id             1 
_diffrn.crystal_support        ? 
_diffrn.crystal_treatment      ? 
_diffrn.details                ? 
_diffrn.id                     1 
_diffrn.ambient_pressure       ? 
_diffrn.ambient_pressure_esd   ? 
_diffrn.ambient_pressure_gt    ? 
_diffrn.ambient_pressure_lt    ? 
_diffrn.ambient_temp_gt        ? 
_diffrn.ambient_temp_lt        ? 
# 
_diffrn_detector.details                      ? 
_diffrn_detector.detector                     PIXEL 
_diffrn_detector.diffrn_id                    1 
_diffrn_detector.type                         'DECTRIS PILATUS3 S 6M' 
_diffrn_detector.area_resol_mean              ? 
_diffrn_detector.dtime                        ? 
_diffrn_detector.pdbx_frames_total            ? 
_diffrn_detector.pdbx_collection_time_total   ? 
_diffrn_detector.pdbx_collection_date         2011-04-14 
# 
_diffrn_radiation.collimation                      ? 
_diffrn_radiation.diffrn_id                        1 
_diffrn_radiation.filter_edge                      ? 
_diffrn_radiation.inhomogeneity                    ? 
_diffrn_radiation.monochromator                    ? 
_diffrn_radiation.polarisn_norm                    ? 
_diffrn_radiation.polarisn_ratio                   ? 
_diffrn_radiation.probe                            ? 
_diffrn_radiation.type                             ? 
_diffrn_radiation.xray_symbol                      ? 
_diffrn_radiation.wavelength_id                    1 
_diffrn_radiation.pdbx_monochromatic_or_laue_m_l   M 
_diffrn_radiation.pdbx_wavelength_list             ? 
_diffrn_radiation.pdbx_wavelength                  ? 
_diffrn_radiation.pdbx_diffrn_protocol             'SINGLE WAVELENGTH' 
_diffrn_radiation.pdbx_analyzer                    ? 
_diffrn_radiation.pdbx_scattering_type             x-ray 
# 
_diffrn_radiation_wavelength.id           1 
_diffrn_radiation_wavelength.wavelength   1.0 
_diffrn_radiation_wavelength.wt           1.0 
# 
_diffrn_source.current                     ? 
_diffrn_source.details                     ? 
_diffrn_source.diffrn_id                   1 
_diffrn_source.power                       ? 
_diffrn_source.size                        ? 
_diffrn_source.source                      SYNCHROTRON 
_diffrn_source.target                      ? 
_diffrn_source.type                        'APS BEAMLINE 17-ID' 
_diffrn_source.voltage                     ? 
_diffrn_source.take-off_angle              ? 
_diffrn_source.pdbx_wavelength_list        1.0 
_diffrn_source.pdbx_wavelength             ? 
_diffrn_source.pdbx_synchrotron_beamline   17-ID 
_diffrn_source.pdbx_synchrotron_site       APS 
# 
_reflns.B_iso_Wilson_estimate            46.19 
_reflns.entry_id                         5UET 
_reflns.data_reduction_details           ? 
_reflns.data_reduction_method            ? 
_reflns.d_resolution_high                2.27 
_reflns.d_resolution_low                 73.0 
_reflns.details                          ? 
_reflns.limit_h_max                      ? 
_reflns.limit_h_min                      ? 
_reflns.limit_k_max                      ? 
_reflns.limit_k_min                      ? 
_reflns.limit_l_max                      ? 
_reflns.limit_l_min                      ? 
_reflns.number_all                       ? 
_reflns.number_obs                       7155 
_reflns.observed_criterion               ? 
_reflns.observed_criterion_F_max         ? 
_reflns.observed_criterion_F_min         ? 
_reflns.observed_criterion_I_max         ? 
_reflns.observed_criterion_I_min         ? 
_reflns.observed_criterion_sigma_F       ? 
_reflns.observed_criterion_sigma_I       ? 
_reflns.percent_possible_obs             99.6 
_reflns.R_free_details                   ? 
_reflns.Rmerge_F_all                     ? 
_reflns.Rmerge_F_obs                     ? 
_reflns.Friedel_coverage                 ? 
_reflns.number_gt                        ? 
_reflns.threshold_expression             ? 
_reflns.pdbx_redundancy                  6.1 
_reflns.pdbx_Rmerge_I_obs                ? 
_reflns.pdbx_Rmerge_I_all                ? 
_reflns.pdbx_Rsym_value                  ? 
_reflns.pdbx_netI_over_av_sigmaI         ? 
_reflns.pdbx_netI_over_sigmaI            16.8 
_reflns.pdbx_res_netI_over_av_sigmaI_2   ? 
_reflns.pdbx_res_netI_over_sigmaI_2      ? 
_reflns.pdbx_chi_squared                 ? 
_reflns.pdbx_scaling_rejects             ? 
_reflns.pdbx_d_res_high_opt              ? 
_reflns.pdbx_d_res_low_opt               ? 
_reflns.pdbx_d_res_opt_method            ? 
_reflns.phase_calculation_details        ? 
_reflns.pdbx_Rrim_I_all                  ? 
_reflns.pdbx_Rpim_I_all                  ? 
_reflns.pdbx_d_opt                       ? 
_reflns.pdbx_number_measured_all         ? 
_reflns.pdbx_diffrn_id                   1 
_reflns.pdbx_ordinal                     1 
_reflns.pdbx_CC_half                     ? 
_reflns.pdbx_R_split                     ? 
# 
_reflns_shell.d_res_high                  . 
_reflns_shell.d_res_low                   ? 
_reflns_shell.meanI_over_sigI_all         ? 
_reflns_shell.meanI_over_sigI_obs         ? 
_reflns_shell.number_measured_all         ? 
_reflns_shell.number_measured_obs         ? 
_reflns_shell.number_possible             ? 
_reflns_shell.number_unique_all           ? 
_reflns_shell.number_unique_obs           ? 
_reflns_shell.percent_possible_all        ? 
_reflns_shell.percent_possible_obs        ? 
_reflns_shell.Rmerge_F_all                ? 
_reflns_shell.Rmerge_F_obs                ? 
_reflns_shell.Rmerge_I_all                ? 
_reflns_shell.Rmerge_I_obs                ? 
_reflns_shell.meanI_over_sigI_gt          ? 
_reflns_shell.meanI_over_uI_all           ? 
_reflns_shell.meanI_over_uI_gt            ? 
_reflns_shell.number_measured_gt          ? 
_reflns_shell.number_unique_gt            ? 
_reflns_shell.percent_possible_gt         ? 
_reflns_shell.Rmerge_F_gt                 ? 
_reflns_shell.Rmerge_I_gt                 ? 
_reflns_shell.pdbx_redundancy             ? 
_reflns_shell.pdbx_Rsym_value             ? 
_reflns_shell.pdbx_chi_squared            ? 
_reflns_shell.pdbx_netI_over_sigmaI_all   ? 
_reflns_shell.pdbx_netI_over_sigmaI_obs   ? 
_reflns_shell.pdbx_Rrim_I_all             ? 
_reflns_shell.pdbx_Rpim_I_all             ? 
_reflns_shell.pdbx_rejects                ? 
_reflns_shell.pdbx_ordinal                1 
_reflns_shell.pdbx_diffrn_id              1 
_reflns_shell.pdbx_CC_half                ? 
_reflns_shell.pdbx_R_split                ? 
# 
_refine.aniso_B[1][1]                            -13.35270 
_refine.aniso_B[1][2]                            0.00000 
_refine.aniso_B[1][3]                            0.00000 
_refine.aniso_B[2][2]                            11.81360 
_refine.aniso_B[2][3]                            0.00000 
_refine.aniso_B[3][3]                            1.53900 
_refine.B_iso_max                                ? 
_refine.B_iso_mean                               42.20 
_refine.B_iso_min                                ? 
_refine.correlation_coeff_Fo_to_Fc               0.914 
_refine.correlation_coeff_Fo_to_Fc_free          0.896 
_refine.details                                  ? 
_refine.diff_density_max                         ? 
_refine.diff_density_max_esd                     ? 
_refine.diff_density_min                         ? 
_refine.diff_density_min_esd                     ? 
_refine.diff_density_rms                         ? 
_refine.diff_density_rms_esd                     ? 
_refine.entry_id                                 5UET 
_refine.pdbx_refine_id                           'X-RAY DIFFRACTION' 
_refine.ls_abs_structure_details                 ? 
_refine.ls_abs_structure_Flack                   ? 
_refine.ls_abs_structure_Flack_esd               ? 
_refine.ls_abs_structure_Rogers                  ? 
_refine.ls_abs_structure_Rogers_esd              ? 
_refine.ls_d_res_high                            2.29 
_refine.ls_d_res_low                             36.48 
_refine.ls_extinction_coef                       ? 
_refine.ls_extinction_coef_esd                   ? 
_refine.ls_extinction_expression                 ? 
_refine.ls_extinction_method                     ? 
_refine.ls_goodness_of_fit_all                   ? 
_refine.ls_goodness_of_fit_all_esd               ? 
_refine.ls_goodness_of_fit_obs                   ? 
_refine.ls_goodness_of_fit_obs_esd               ? 
_refine.ls_hydrogen_treatment                    ? 
_refine.ls_matrix_type                           ? 
_refine.ls_number_constraints                    ? 
_refine.ls_number_parameters                     ? 
_refine.ls_number_reflns_all                     ? 
_refine.ls_number_reflns_obs                     6907 
_refine.ls_number_reflns_R_free                  327 
_refine.ls_number_reflns_R_work                  ? 
_refine.ls_number_restraints                     ? 
_refine.ls_percent_reflns_obs                    99.1 
_refine.ls_percent_reflns_R_free                 4.730 
_refine.ls_R_factor_all                          ? 
_refine.ls_R_factor_obs                          0.214 
_refine.ls_R_factor_R_free                       0.254 
_refine.ls_R_factor_R_free_error                 0.02 
_refine.ls_R_factor_R_free_error_details         ? 
_refine.ls_R_factor_R_work                       0.212 
_refine.ls_R_Fsqd_factor_obs                     ? 
_refine.ls_R_I_factor_obs                        ? 
_refine.ls_redundancy_reflns_all                 ? 
_refine.ls_redundancy_reflns_obs                 ? 
_refine.ls_restrained_S_all                      ? 
_refine.ls_restrained_S_obs                      ? 
_refine.ls_shift_over_esd_max                    ? 
_refine.ls_shift_over_esd_mean                   ? 
_refine.ls_structure_factor_coef                 ? 
_refine.ls_weighting_details                     ? 
_refine.ls_weighting_scheme                      ? 
_refine.ls_wR_factor_all                         ? 
_refine.ls_wR_factor_obs                         ? 
_refine.ls_wR_factor_R_free                      ? 
_refine.ls_wR_factor_R_work                      ? 
_refine.occupancy_max                            ? 
_refine.occupancy_min                            ? 
_refine.solvent_model_details                    ? 
_refine.solvent_model_param_bsol                 ? 
_refine.solvent_model_param_ksol                 ? 
_refine.ls_R_factor_gt                           ? 
_refine.ls_goodness_of_fit_gt                    ? 
_refine.ls_goodness_of_fit_ref                   ? 
_refine.ls_shift_over_su_max                     ? 
_refine.ls_shift_over_su_max_lt                  ? 
_refine.ls_shift_over_su_mean                    ? 
_refine.ls_shift_over_su_mean_lt                 ? 
_refine.pdbx_ls_sigma_I                          ? 
_refine.pdbx_ls_sigma_F                          0.000 
_refine.pdbx_ls_sigma_Fsqd                       ? 
_refine.pdbx_data_cutoff_high_absF               ? 
_refine.pdbx_data_cutoff_high_rms_absF           ? 
_refine.pdbx_data_cutoff_low_absF                ? 
_refine.pdbx_isotropic_thermal_model             ? 
_refine.pdbx_ls_cross_valid_method               THROUGHOUT 
_refine.pdbx_method_to_determine_struct          ? 
_refine.pdbx_starting_model                      ? 
_refine.pdbx_stereochemistry_target_values       ? 
_refine.pdbx_R_Free_selection_details            RANDOM 
_refine.pdbx_stereochem_target_val_spec_case     ? 
_refine.pdbx_overall_ESU_R                       ? 
_refine.pdbx_overall_ESU_R_Free                  ? 
_refine.pdbx_solvent_vdw_probe_radii             ? 
_refine.pdbx_solvent_ion_probe_radii             ? 
_refine.pdbx_solvent_shrinkage_radii             ? 
_refine.pdbx_real_space_R                        ? 
_refine.pdbx_density_correlation                 ? 
_refine.pdbx_pd_number_of_powder_patterns        ? 
_refine.pdbx_pd_number_of_points                 ? 
_refine.pdbx_pd_meas_number_of_points            ? 
_refine.pdbx_pd_proc_ls_prof_R_factor            ? 
_refine.pdbx_pd_proc_ls_prof_wR_factor           ? 
_refine.pdbx_pd_Marquardt_correlation_coeff      ? 
_refine.pdbx_pd_Fsqrd_R_factor                   ? 
_refine.pdbx_pd_ls_matrix_band_width             ? 
_refine.pdbx_overall_phase_error                 ? 
_refine.pdbx_overall_SU_R_free_Cruickshank_DPI   0.223 
_refine.pdbx_overall_SU_R_free_Blow_DPI          0.239 
_refine.pdbx_overall_SU_R_Blow_DPI               0.366 
_refine.pdbx_TLS_residual_ADP_flag               ? 
_refine.pdbx_diffrn_id                           1 
_refine.overall_SU_B                             ? 
_refine.overall_SU_ML                            ? 
_refine.overall_SU_R_Cruickshank_DPI             0.291 
_refine.overall_SU_R_free                        ? 
_refine.overall_FOM_free_R_set                   ? 
_refine.overall_FOM_work_R_set                   ? 
_refine.pdbx_average_fsc_overall                 ? 
_refine.pdbx_average_fsc_work                    ? 
_refine.pdbx_average_fsc_free                    ? 
# 
_refine_analyze.entry_id                        5UET 
_refine_analyze.pdbx_refine_id                  'X-RAY DIFFRACTION' 
_refine_analyze.Luzzati_coordinate_error_free   ? 
_refine_analyze.Luzzati_coordinate_error_obs    0.35 
_refine_analyze.Luzzati_d_res_low_free          ? 
_refine_analyze.Luzzati_d_res_low_obs           ? 
_refine_analyze.Luzzati_sigma_a_free            ? 
_refine_analyze.Luzzati_sigma_a_free_details    ? 
_refine_analyze.Luzzati_sigma_a_obs             ? 
_refine_analyze.Luzzati_sigma_a_obs_details     ? 
_refine_analyze.number_disordered_residues      ? 
_refine_analyze.occupancy_sum_hydrogen          ? 
_refine_analyze.occupancy_sum_non_hydrogen      ? 
_refine_analyze.RG_d_res_high                   ? 
_refine_analyze.RG_d_res_low                    ? 
_refine_analyze.RG_free                         ? 
_refine_analyze.RG_work                         ? 
_refine_analyze.RG_free_work_ratio              ? 
_refine_analyze.pdbx_Luzzati_d_res_high_obs     ? 
# 
_refine_hist.pdbx_refine_id                   'X-RAY DIFFRACTION' 
_refine_hist.cycle_id                         1 
_refine_hist.pdbx_number_atoms_protein        892 
_refine_hist.pdbx_number_atoms_nucleic_acid   0 
_refine_hist.pdbx_number_atoms_ligand         15 
_refine_hist.number_atoms_solvent             109 
_refine_hist.number_atoms_total               1016 
_refine_hist.d_res_high                       2.29 
_refine_hist.d_res_low                        36.48 
# 
loop_
_refine_ls_restr.pdbx_refine_id 
_refine_ls_restr.criterion 
_refine_ls_restr.dev_ideal 
_refine_ls_restr.dev_ideal_target 
_refine_ls_restr.number 
_refine_ls_restr.rejects 
_refine_ls_restr.type 
_refine_ls_restr.weight 
_refine_ls_restr.pdbx_restraint_function 
'X-RAY DIFFRACTION' ? 0.008 ? 935  ? t_bond_d                  2.00  HARMONIC     
'X-RAY DIFFRACTION' ? 0.86  ? 1253 ? t_angle_deg               2.00  HARMONIC     
'X-RAY DIFFRACTION' ? ?     ? 334  ? t_dihedral_angle_d        2.00  SINUSOIDAL   
'X-RAY DIFFRACTION' ? ?     ? ?    ? t_incorr_chiral_ct        ?     ?            
'X-RAY DIFFRACTION' ? ?     ? ?    ? t_pseud_angle             ?     ?            
'X-RAY DIFFRACTION' ? ?     ? 21   ? t_trig_c_planes           2.00  HARMONIC     
'X-RAY DIFFRACTION' ? ?     ? 139  ? t_gen_planes              5.00  HARMONIC     
'X-RAY DIFFRACTION' ? ?     ? 935  ? t_it                      20.00 HARMONIC     
'X-RAY DIFFRACTION' ? ?     ? ?    ? t_nbd                     ?     ?            
'X-RAY DIFFRACTION' ? 1.84  ? ?    ? t_omega_torsion           ?     ?            
'X-RAY DIFFRACTION' ? 17.31 ? ?    ? t_other_torsion           ?     ?            
'X-RAY DIFFRACTION' ? ?     ? ?    ? t_improper_torsion        ?     ?            
'X-RAY DIFFRACTION' ? ?     ? 111  ? t_chiral_improper_torsion 5.00  SEMIHARMONIC 
'X-RAY DIFFRACTION' ? ?     ? ?    ? t_sum_occupancies         ?     ?            
'X-RAY DIFFRACTION' ? ?     ? ?    ? t_utility_distance        ?     ?            
'X-RAY DIFFRACTION' ? ?     ? ?    ? t_utility_angle           ?     ?            
'X-RAY DIFFRACTION' ? ?     ? ?    ? t_utility_torsion         ?     ?            
'X-RAY DIFFRACTION' ? ?     ? 1127 ? t_ideal_dist_contact      4.00  SEMIHARMONIC 
# 
_refine_ls_shell.pdbx_refine_id                   'X-RAY DIFFRACTION' 
_refine_ls_shell.d_res_high                       2.29 
_refine_ls_shell.d_res_low                        2.56 
_refine_ls_shell.number_reflns_all                1928 
_refine_ls_shell.number_reflns_obs                ? 
_refine_ls_shell.number_reflns_R_free             103 
_refine_ls_shell.number_reflns_R_work             1825 
_refine_ls_shell.percent_reflns_obs               99.79 
_refine_ls_shell.percent_reflns_R_free            5.34 
_refine_ls_shell.R_factor_all                     0.240 
_refine_ls_shell.R_factor_obs                     ? 
_refine_ls_shell.R_factor_R_free                  0.258 
_refine_ls_shell.R_factor_R_free_error            0.000 
_refine_ls_shell.R_factor_R_work                  0.239 
_refine_ls_shell.redundancy_reflns_all            ? 
_refine_ls_shell.redundancy_reflns_obs            ? 
_refine_ls_shell.wR_factor_all                    ? 
_refine_ls_shell.wR_factor_obs                    ? 
_refine_ls_shell.wR_factor_R_free                 ? 
_refine_ls_shell.wR_factor_R_work                 ? 
_refine_ls_shell.pdbx_total_number_of_bins_used   5 
_refine_ls_shell.pdbx_phase_error                 ? 
_refine_ls_shell.pdbx_fsc_work                    ? 
_refine_ls_shell.pdbx_fsc_free                    ? 
# 
_struct.entry_id                     5UET 
_struct.title                        BRD4_BD2_A-1308586 
_struct.pdbx_model_details           ? 
_struct.pdbx_formula_weight          ? 
_struct.pdbx_formula_weight_method   ? 
_struct.pdbx_model_type_details      ? 
_struct.pdbx_CASP_flag               N 
# 
_struct_keywords.entry_id        5UET 
_struct_keywords.text            'SIGNALING PROTEIN-INHIBITOR complex' 
_struct_keywords.pdbx_keywords   'SIGNALING PROTEIN/INHIBITOR' 
# 
loop_
_struct_asym.id 
_struct_asym.pdbx_blank_PDB_chainid_flag 
_struct_asym.pdbx_modified 
_struct_asym.entity_id 
_struct_asym.details 
A N N 1 ? 
B N N 2 ? 
C N N 3 ? 
# 
_struct_ref.id                         1 
_struct_ref.db_name                    UNP 
_struct_ref.db_code                    BRD4_HUMAN 
_struct_ref.pdbx_db_accession          O60885 
_struct_ref.pdbx_db_isoform            ? 
_struct_ref.entity_id                  1 
_struct_ref.pdbx_seq_one_letter_code   
;EQLKCCSGILKEMFAKKHAAYAWPFYKPVDVEALGLHDYCDIIKHPMDMSTIKSKLEAREYRDAQEFGADVRLMFSNCYK
YNPPDHEVVAMARKLQDVFEMRFAKM
;
_struct_ref.pdbx_align_begin           352 
# 
_struct_ref_seq.align_id                      1 
_struct_ref_seq.ref_id                        1 
_struct_ref_seq.pdbx_PDB_id_code              5UET 
_struct_ref_seq.pdbx_strand_id                A 
_struct_ref_seq.seq_align_beg                 4 
_struct_ref_seq.pdbx_seq_align_beg_ins_code   ? 
_struct_ref_seq.seq_align_end                 109 
_struct_ref_seq.pdbx_seq_align_end_ins_code   ? 
_struct_ref_seq.pdbx_db_accession             O60885 
_struct_ref_seq.db_align_beg                  352 
_struct_ref_seq.pdbx_db_align_beg_ins_code    ? 
_struct_ref_seq.db_align_end                  457 
_struct_ref_seq.pdbx_db_align_end_ins_code    ? 
_struct_ref_seq.pdbx_auth_seq_align_beg       352 
_struct_ref_seq.pdbx_auth_seq_align_end       457 
# 
loop_
_struct_ref_seq_dif.align_id 
_struct_ref_seq_dif.pdbx_pdb_id_code 
_struct_ref_seq_dif.mon_id 
_struct_ref_seq_dif.pdbx_pdb_strand_id 
_struct_ref_seq_dif.seq_num 
_struct_ref_seq_dif.pdbx_pdb_ins_code 
_struct_ref_seq_dif.pdbx_seq_db_name 
_struct_ref_seq_dif.pdbx_seq_db_accession_code 
_struct_ref_seq_dif.db_mon_id 
_struct_ref_seq_dif.pdbx_seq_db_seq_num 
_struct_ref_seq_dif.details 
_struct_ref_seq_dif.pdbx_auth_seq_num 
_struct_ref_seq_dif.pdbx_ordinal 
1 5UET SER A 1 ? UNP O60885 ? ? 'expression tag' 349 1 
1 5UET HIS A 2 ? UNP O60885 ? ? 'expression tag' 350 2 
1 5UET MET A 3 ? UNP O60885 ? ? 'expression tag' 351 3 
# 
_pdbx_struct_assembly.id                   1 
_pdbx_struct_assembly.details              author_and_software_defined_assembly 
_pdbx_struct_assembly.method_details       PISA 
_pdbx_struct_assembly.oligomeric_details   monomeric 
_pdbx_struct_assembly.oligomeric_count     1 
# 
loop_
_pdbx_struct_assembly_prop.biol_id 
_pdbx_struct_assembly_prop.type 
_pdbx_struct_assembly_prop.value 
_pdbx_struct_assembly_prop.details 
1 'ABSA (A^2)' 0    ? 
1 MORE         0    ? 
1 'SSA (A^2)'  7070 ? 
# 
_pdbx_struct_assembly_gen.assembly_id       1 
_pdbx_struct_assembly_gen.oper_expression   1 
_pdbx_struct_assembly_gen.asym_id_list      A,B,C 
# 
_pdbx_struct_oper_list.id                   1 
_pdbx_struct_oper_list.type                 'identity operation' 
_pdbx_struct_oper_list.name                 1_555 
_pdbx_struct_oper_list.symmetry_operation   x,y,z 
_pdbx_struct_oper_list.matrix[1][1]         1.0000000000 
_pdbx_struct_oper_list.matrix[1][2]         0.0000000000 
_pdbx_struct_oper_list.matrix[1][3]         0.0000000000 
_pdbx_struct_oper_list.vector[1]            0.0000000000 
_pdbx_struct_oper_list.matrix[2][1]         0.0000000000 
_pdbx_struct_oper_list.matrix[2][2]         1.0000000000 
_pdbx_struct_oper_list.matrix[2][3]         0.0000000000 
_pdbx_struct_oper_list.vector[2]            0.0000000000 
_pdbx_struct_oper_list.matrix[3][1]         0.0000000000 
_pdbx_struct_oper_list.matrix[3][2]         0.0000000000 
_pdbx_struct_oper_list.matrix[3][3]         1.0000000000 
_pdbx_struct_oper_list.vector[3]            0.0000000000 
# 
loop_
_struct_conf.conf_type_id 
_struct_conf.id 
_struct_conf.pdbx_PDB_helix_id 
_struct_conf.beg_label_comp_id 
_struct_conf.beg_label_asym_id 
_struct_conf.beg_label_seq_id 
_struct_conf.pdbx_beg_PDB_ins_code 
_struct_conf.end_label_comp_id 
_struct_conf.end_label_asym_id 
_struct_conf.end_label_seq_id 
_struct_conf.pdbx_end_PDB_ins_code 
_struct_conf.beg_auth_comp_id 
_struct_conf.beg_auth_asym_id 
_struct_conf.beg_auth_seq_id 
_struct_conf.end_auth_comp_id 
_struct_conf.end_auth_asym_id 
_struct_conf.end_auth_seq_id 
_struct_conf.pdbx_PDB_helix_class 
_struct_conf.details 
_struct_conf.pdbx_PDB_helix_length 
HELX_P HELX_P1 AA1 SER A 1  ? ALA A 18  ? SER A 349 ALA A 366 1 ? 18 
HELX_P HELX_P2 AA2 HIS A 21 ? TRP A 26  ? HIS A 369 TRP A 374 1 ? 6  
HELX_P HELX_P3 AA3 PRO A 27 ? TYR A 29  ? PRO A 375 TYR A 377 5 ? 3  
HELX_P HELX_P4 AA4 ASP A 41 ? ILE A 46  ? ASP A 389 ILE A 394 1 ? 6  
HELX_P HELX_P5 AA5 ASP A 51 ? ALA A 61  ? ASP A 399 ALA A 409 1 ? 11 
HELX_P HELX_P6 AA6 ASP A 66 ? ASN A 85  ? ASP A 414 ASN A 433 1 ? 20 
HELX_P HELX_P7 AA7 HIS A 89 ? LYS A 108 ? HIS A 437 LYS A 456 1 ? 20 
# 
_struct_conf_type.id          HELX_P 
_struct_conf_type.criteria    ? 
_struct_conf_type.reference   ? 
# 
_struct_site.id                   AC1 
_struct_site.pdbx_evidence_code   Software 
_struct_site.pdbx_auth_asym_id    A 
_struct_site.pdbx_auth_comp_id    87V 
_struct_site.pdbx_auth_seq_id     501 
_struct_site.pdbx_auth_ins_code   ? 
_struct_site.pdbx_num_residues    4 
_struct_site.details              'binding site for residue 87V A 501' 
# 
loop_
_struct_site_gen.id 
_struct_site_gen.site_id 
_struct_site_gen.pdbx_num_res 
_struct_site_gen.label_comp_id 
_struct_site_gen.label_asym_id 
_struct_site_gen.label_seq_id 
_struct_site_gen.pdbx_auth_ins_code 
_struct_site_gen.auth_comp_id 
_struct_site_gen.auth_asym_id 
_struct_site_gen.auth_seq_id 
_struct_site_gen.label_atom_id 
_struct_site_gen.label_alt_id 
_struct_site_gen.symmetry 
_struct_site_gen.details 
1 AC1 4 PRO A 27 ? PRO A 375 . ? 1_555 ? 
2 AC1 4 PHE A 28 ? PHE A 376 . ? 1_555 ? 
3 AC1 4 ASN A 85 ? ASN A 433 . ? 1_555 ? 
4 AC1 4 HOH C .  ? HOH A 608 . ? 1_555 ? 
# 
_pdbx_validate_torsion.id              1 
_pdbx_validate_torsion.PDB_model_num   1 
_pdbx_validate_torsion.auth_comp_id    LYS 
_pdbx_validate_torsion.auth_asym_id    A 
_pdbx_validate_torsion.auth_seq_id     456 
_pdbx_validate_torsion.PDB_ins_code    ? 
_pdbx_validate_torsion.label_alt_id    ? 
_pdbx_validate_torsion.phi             -88.74 
_pdbx_validate_torsion.psi             38.94 
# 
loop_
_pdbx_distant_solvent_atoms.id 
_pdbx_distant_solvent_atoms.PDB_model_num 
_pdbx_distant_solvent_atoms.auth_atom_id 
_pdbx_distant_solvent_atoms.label_alt_id 
_pdbx_distant_solvent_atoms.auth_asym_id 
_pdbx_distant_solvent_atoms.auth_comp_id 
_pdbx_distant_solvent_atoms.auth_seq_id 
_pdbx_distant_solvent_atoms.PDB_ins_code 
_pdbx_distant_solvent_atoms.neighbor_macromolecule_distance 
_pdbx_distant_solvent_atoms.neighbor_ligand_distance 
1 1 O ? A HOH 708 ? 6.54 . 
2 1 O ? A HOH 709 ? 7.20 . 
# 
loop_
_chem_comp_atom.comp_id 
_chem_comp_atom.atom_id 
_chem_comp_atom.type_symbol 
_chem_comp_atom.pdbx_aromatic_flag 
_chem_comp_atom.pdbx_stereo_config 
_chem_comp_atom.pdbx_ordinal 
87V C4   C Y N 1   
87V C5   C Y N 2   
87V C6   C Y N 3   
87V C7   C Y N 4   
87V C8   C Y N 5   
87V C10  C Y N 6   
87V C1   C Y N 7   
87V C2   C Y N 8   
87V C3   C Y N 9   
87V C9   C Y N 10  
87V C11  C N N 11  
87V C12  C N N 12  
87V N13  N Y N 13  
87V N14  N N N 14  
87V O15  O N N 15  
87V H1   H N N 16  
87V H2   H N N 17  
87V H3   H N N 18  
87V H4   H N N 19  
87V H5   H N N 20  
87V H6   H N N 21  
87V H7   H N N 22  
87V H8   H N N 23  
87V H9   H N N 24  
87V H10  H N N 25  
87V H11  H N N 26  
87V H12  H N N 27  
ALA N    N N N 28  
ALA CA   C N S 29  
ALA C    C N N 30  
ALA O    O N N 31  
ALA CB   C N N 32  
ALA OXT  O N N 33  
ALA H    H N N 34  
ALA H2   H N N 35  
ALA HA   H N N 36  
ALA HB1  H N N 37  
ALA HB2  H N N 38  
ALA HB3  H N N 39  
ALA HXT  H N N 40  
ARG N    N N N 41  
ARG CA   C N S 42  
ARG C    C N N 43  
ARG O    O N N 44  
ARG CB   C N N 45  
ARG CG   C N N 46  
ARG CD   C N N 47  
ARG NE   N N N 48  
ARG CZ   C N N 49  
ARG NH1  N N N 50  
ARG NH2  N N N 51  
ARG OXT  O N N 52  
ARG H    H N N 53  
ARG H2   H N N 54  
ARG HA   H N N 55  
ARG HB2  H N N 56  
ARG HB3  H N N 57  
ARG HG2  H N N 58  
ARG HG3  H N N 59  
ARG HD2  H N N 60  
ARG HD3  H N N 61  
ARG HE   H N N 62  
ARG HH11 H N N 63  
ARG HH12 H N N 64  
ARG HH21 H N N 65  
ARG HH22 H N N 66  
ARG HXT  H N N 67  
ASN N    N N N 68  
ASN CA   C N S 69  
ASN C    C N N 70  
ASN O    O N N 71  
ASN CB   C N N 72  
ASN CG   C N N 73  
ASN OD1  O N N 74  
ASN ND2  N N N 75  
ASN OXT  O N N 76  
ASN H    H N N 77  
ASN H2   H N N 78  
ASN HA   H N N 79  
ASN HB2  H N N 80  
ASN HB3  H N N 81  
ASN HD21 H N N 82  
ASN HD22 H N N 83  
ASN HXT  H N N 84  
ASP N    N N N 85  
ASP CA   C N S 86  
ASP C    C N N 87  
ASP O    O N N 88  
ASP CB   C N N 89  
ASP CG   C N N 90  
ASP OD1  O N N 91  
ASP OD2  O N N 92  
ASP OXT  O N N 93  
ASP H    H N N 94  
ASP H2   H N N 95  
ASP HA   H N N 96  
ASP HB2  H N N 97  
ASP HB3  H N N 98  
ASP HD2  H N N 99  
ASP HXT  H N N 100 
CYS N    N N N 101 
CYS CA   C N R 102 
CYS C    C N N 103 
CYS O    O N N 104 
CYS CB   C N N 105 
CYS SG   S N N 106 
CYS OXT  O N N 107 
CYS H    H N N 108 
CYS H2   H N N 109 
CYS HA   H N N 110 
CYS HB2  H N N 111 
CYS HB3  H N N 112 
CYS HG   H N N 113 
CYS HXT  H N N 114 
GLN N    N N N 115 
GLN CA   C N S 116 
GLN C    C N N 117 
GLN O    O N N 118 
GLN CB   C N N 119 
GLN CG   C N N 120 
GLN CD   C N N 121 
GLN OE1  O N N 122 
GLN NE2  N N N 123 
GLN OXT  O N N 124 
GLN H    H N N 125 
GLN H2   H N N 126 
GLN HA   H N N 127 
GLN HB2  H N N 128 
GLN HB3  H N N 129 
GLN HG2  H N N 130 
GLN HG3  H N N 131 
GLN HE21 H N N 132 
GLN HE22 H N N 133 
GLN HXT  H N N 134 
GLU N    N N N 135 
GLU CA   C N S 136 
GLU C    C N N 137 
GLU O    O N N 138 
GLU CB   C N N 139 
GLU CG   C N N 140 
GLU CD   C N N 141 
GLU OE1  O N N 142 
GLU OE2  O N N 143 
GLU OXT  O N N 144 
GLU H    H N N 145 
GLU H2   H N N 146 
GLU HA   H N N 147 
GLU HB2  H N N 148 
GLU HB3  H N N 149 
GLU HG2  H N N 150 
GLU HG3  H N N 151 
GLU HE2  H N N 152 
GLU HXT  H N N 153 
GLY N    N N N 154 
GLY CA   C N N 155 
GLY C    C N N 156 
GLY O    O N N 157 
GLY OXT  O N N 158 
GLY H    H N N 159 
GLY H2   H N N 160 
GLY HA2  H N N 161 
GLY HA3  H N N 162 
GLY HXT  H N N 163 
HIS N    N N N 164 
HIS CA   C N S 165 
HIS C    C N N 166 
HIS O    O N N 167 
HIS CB   C N N 168 
HIS CG   C Y N 169 
HIS ND1  N Y N 170 
HIS CD2  C Y N 171 
HIS CE1  C Y N 172 
HIS NE2  N Y N 173 
HIS OXT  O N N 174 
HIS H    H N N 175 
HIS H2   H N N 176 
HIS HA   H N N 177 
HIS HB2  H N N 178 
HIS HB3  H N N 179 
HIS HD1  H N N 180 
HIS HD2  H N N 181 
HIS HE1  H N N 182 
HIS HE2  H N N 183 
HIS HXT  H N N 184 
HOH O    O N N 185 
HOH H1   H N N 186 
HOH H2   H N N 187 
ILE N    N N N 188 
ILE CA   C N S 189 
ILE C    C N N 190 
ILE O    O N N 191 
ILE CB   C N S 192 
ILE CG1  C N N 193 
ILE CG2  C N N 194 
ILE CD1  C N N 195 
ILE OXT  O N N 196 
ILE H    H N N 197 
ILE H2   H N N 198 
ILE HA   H N N 199 
ILE HB   H N N 200 
ILE HG12 H N N 201 
ILE HG13 H N N 202 
ILE HG21 H N N 203 
ILE HG22 H N N 204 
ILE HG23 H N N 205 
ILE HD11 H N N 206 
ILE HD12 H N N 207 
ILE HD13 H N N 208 
ILE HXT  H N N 209 
LEU N    N N N 210 
LEU CA   C N S 211 
LEU C    C N N 212 
LEU O    O N N 213 
LEU CB   C N N 214 
LEU CG   C N N 215 
LEU CD1  C N N 216 
LEU CD2  C N N 217 
LEU OXT  O N N 218 
LEU H    H N N 219 
LEU H2   H N N 220 
LEU HA   H N N 221 
LEU HB2  H N N 222 
LEU HB3  H N N 223 
LEU HG   H N N 224 
LEU HD11 H N N 225 
LEU HD12 H N N 226 
LEU HD13 H N N 227 
LEU HD21 H N N 228 
LEU HD22 H N N 229 
LEU HD23 H N N 230 
LEU HXT  H N N 231 
LYS N    N N N 232 
LYS CA   C N S 233 
LYS C    C N N 234 
LYS O    O N N 235 
LYS CB   C N N 236 
LYS CG   C N N 237 
LYS CD   C N N 238 
LYS CE   C N N 239 
LYS NZ   N N N 240 
LYS OXT  O N N 241 
LYS H    H N N 242 
LYS H2   H N N 243 
LYS HA   H N N 244 
LYS HB2  H N N 245 
LYS HB3  H N N 246 
LYS HG2  H N N 247 
LYS HG3  H N N 248 
LYS HD2  H N N 249 
LYS HD3  H N N 250 
LYS HE2  H N N 251 
LYS HE3  H N N 252 
LYS HZ1  H N N 253 
LYS HZ2  H N N 254 
LYS HZ3  H N N 255 
LYS HXT  H N N 256 
MET N    N N N 257 
MET CA   C N S 258 
MET C    C N N 259 
MET O    O N N 260 
MET CB   C N N 261 
MET CG   C N N 262 
MET SD   S N N 263 
MET CE   C N N 264 
MET OXT  O N N 265 
MET H    H N N 266 
MET H2   H N N 267 
MET HA   H N N 268 
MET HB2  H N N 269 
MET HB3  H N N 270 
MET HG2  H N N 271 
MET HG3  H N N 272 
MET HE1  H N N 273 
MET HE2  H N N 274 
MET HE3  H N N 275 
MET HXT  H N N 276 
PHE N    N N N 277 
PHE CA   C N S 278 
PHE C    C N N 279 
PHE O    O N N 280 
PHE CB   C N N 281 
PHE CG   C Y N 282 
PHE CD1  C Y N 283 
PHE CD2  C Y N 284 
PHE CE1  C Y N 285 
PHE CE2  C Y N 286 
PHE CZ   C Y N 287 
PHE OXT  O N N 288 
PHE H    H N N 289 
PHE H2   H N N 290 
PHE HA   H N N 291 
PHE HB2  H N N 292 
PHE HB3  H N N 293 
PHE HD1  H N N 294 
PHE HD2  H N N 295 
PHE HE1  H N N 296 
PHE HE2  H N N 297 
PHE HZ   H N N 298 
PHE HXT  H N N 299 
PRO N    N N N 300 
PRO CA   C N S 301 
PRO C    C N N 302 
PRO O    O N N 303 
PRO CB   C N N 304 
PRO CG   C N N 305 
PRO CD   C N N 306 
PRO OXT  O N N 307 
PRO H    H N N 308 
PRO HA   H N N 309 
PRO HB2  H N N 310 
PRO HB3  H N N 311 
PRO HG2  H N N 312 
PRO HG3  H N N 313 
PRO HD2  H N N 314 
PRO HD3  H N N 315 
PRO HXT  H N N 316 
SER N    N N N 317 
SER CA   C N S 318 
SER C    C N N 319 
SER O    O N N 320 
SER CB   C N N 321 
SER OG   O N N 322 
SER OXT  O N N 323 
SER H    H N N 324 
SER H2   H N N 325 
SER HA   H N N 326 
SER HB2  H N N 327 
SER HB3  H N N 328 
SER HG   H N N 329 
SER HXT  H N N 330 
THR N    N N N 331 
THR CA   C N S 332 
THR C    C N N 333 
THR O    O N N 334 
THR CB   C N R 335 
THR OG1  O N N 336 
THR CG2  C N N 337 
THR OXT  O N N 338 
THR H    H N N 339 
THR H2   H N N 340 
THR HA   H N N 341 
THR HB   H N N 342 
THR HG1  H N N 343 
THR HG21 H N N 344 
THR HG22 H N N 345 
THR HG23 H N N 346 
THR HXT  H N N 347 
TRP N    N N N 348 
TRP CA   C N S 349 
TRP C    C N N 350 
TRP O    O N N 351 
TRP CB   C N N 352 
TRP CG   C Y N 353 
TRP CD1  C Y N 354 
TRP CD2  C Y N 355 
TRP NE1  N Y N 356 
TRP CE2  C Y N 357 
TRP CE3  C Y N 358 
TRP CZ2  C Y N 359 
TRP CZ3  C Y N 360 
TRP CH2  C Y N 361 
TRP OXT  O N N 362 
TRP H    H N N 363 
TRP H2   H N N 364 
TRP HA   H N N 365 
TRP HB2  H N N 366 
TRP HB3  H N N 367 
TRP HD1  H N N 368 
TRP HE1  H N N 369 
TRP HE3  H N N 370 
TRP HZ2  H N N 371 
TRP HZ3  H N N 372 
TRP HH2  H N N 373 
TRP HXT  H N N 374 
TYR N    N N N 375 
TYR CA   C N S 376 
TYR C    C N N 377 
TYR O    O N N 378 
TYR CB   C N N 379 
TYR CG   C Y N 380 
TYR CD1  C Y N 381 
TYR CD2  C Y N 382 
TYR CE1  C Y N 383 
TYR CE2  C Y N 384 
TYR CZ   C Y N 385 
TYR OH   O N N 386 
TYR OXT  O N N 387 
TYR H    H N N 388 
TYR H2   H N N 389 
TYR HA   H N N 390 
TYR HB2  H N N 391 
TYR HB3  H N N 392 
TYR HD1  H N N 393 
TYR HD2  H N N 394 
TYR HE1  H N N 395 
TYR HE2  H N N 396 
TYR HH   H N N 397 
TYR HXT  H N N 398 
VAL N    N N N 399 
VAL CA   C N S 400 
VAL C    C N N 401 
VAL O    O N N 402 
VAL CB   C N N 403 
VAL CG1  C N N 404 
VAL CG2  C N N 405 
VAL OXT  O N N 406 
VAL H    H N N 407 
VAL H2   H N N 408 
VAL HA   H N N 409 
VAL HB   H N N 410 
VAL HG11 H N N 411 
VAL HG12 H N N 412 
VAL HG13 H N N 413 
VAL HG21 H N N 414 
VAL HG22 H N N 415 
VAL HG23 H N N 416 
VAL HXT  H N N 417 
# 
loop_
_chem_comp_bond.comp_id 
_chem_comp_bond.atom_id_1 
_chem_comp_bond.atom_id_2 
_chem_comp_bond.value_order 
_chem_comp_bond.pdbx_aromatic_flag 
_chem_comp_bond.pdbx_stereo_config 
_chem_comp_bond.pdbx_ordinal 
87V C2  C1   doub Y N 1   
87V C2  C4   sing Y N 2   
87V C1  C3   sing Y N 3   
87V C4  C7   doub Y N 4   
87V C3  C5   doub Y N 5   
87V C7  C5   sing Y N 6   
87V C7  C9   sing N N 7   
87V N14 C11  sing N N 8   
87V C6  C9   doub Y N 9   
87V C6  C8   sing Y N 10  
87V C9  N13  sing Y N 11  
87V C8  C11  sing N N 12  
87V C8  C10  doub Y N 13  
87V C11 O15  doub N N 14  
87V N13 C10  sing Y N 15  
87V C10 C12  sing N N 16  
87V C4  H1   sing N N 17  
87V C5  H2   sing N N 18  
87V C6  H3   sing N N 19  
87V C1  H4   sing N N 20  
87V C2  H5   sing N N 21  
87V C3  H6   sing N N 22  
87V C12 H7   sing N N 23  
87V C12 H8   sing N N 24  
87V C12 H9   sing N N 25  
87V N13 H10  sing N N 26  
87V N14 H11  sing N N 27  
87V N14 H12  sing N N 28  
ALA N   CA   sing N N 29  
ALA N   H    sing N N 30  
ALA N   H2   sing N N 31  
ALA CA  C    sing N N 32  
ALA CA  CB   sing N N 33  
ALA CA  HA   sing N N 34  
ALA C   O    doub N N 35  
ALA C   OXT  sing N N 36  
ALA CB  HB1  sing N N 37  
ALA CB  HB2  sing N N 38  
ALA CB  HB3  sing N N 39  
ALA OXT HXT  sing N N 40  
ARG N   CA   sing N N 41  
ARG N   H    sing N N 42  
ARG N   H2   sing N N 43  
ARG CA  C    sing N N 44  
ARG CA  CB   sing N N 45  
ARG CA  HA   sing N N 46  
ARG C   O    doub N N 47  
ARG C   OXT  sing N N 48  
ARG CB  CG   sing N N 49  
ARG CB  HB2  sing N N 50  
ARG CB  HB3  sing N N 51  
ARG CG  CD   sing N N 52  
ARG CG  HG2  sing N N 53  
ARG CG  HG3  sing N N 54  
ARG CD  NE   sing N N 55  
ARG CD  HD2  sing N N 56  
ARG CD  HD3  sing N N 57  
ARG NE  CZ   sing N N 58  
ARG NE  HE   sing N N 59  
ARG CZ  NH1  sing N N 60  
ARG CZ  NH2  doub N N 61  
ARG NH1 HH11 sing N N 62  
ARG NH1 HH12 sing N N 63  
ARG NH2 HH21 sing N N 64  
ARG NH2 HH22 sing N N 65  
ARG OXT HXT  sing N N 66  
ASN N   CA   sing N N 67  
ASN N   H    sing N N 68  
ASN N   H2   sing N N 69  
ASN CA  C    sing N N 70  
ASN CA  CB   sing N N 71  
ASN CA  HA   sing N N 72  
ASN C   O    doub N N 73  
ASN C   OXT  sing N N 74  
ASN CB  CG   sing N N 75  
ASN CB  HB2  sing N N 76  
ASN CB  HB3  sing N N 77  
ASN CG  OD1  doub N N 78  
ASN CG  ND2  sing N N 79  
ASN ND2 HD21 sing N N 80  
ASN ND2 HD22 sing N N 81  
ASN OXT HXT  sing N N 82  
ASP N   CA   sing N N 83  
ASP N   H    sing N N 84  
ASP N   H2   sing N N 85  
ASP CA  C    sing N N 86  
ASP CA  CB   sing N N 87  
ASP CA  HA   sing N N 88  
ASP C   O    doub N N 89  
ASP C   OXT  sing N N 90  
ASP CB  CG   sing N N 91  
ASP CB  HB2  sing N N 92  
ASP CB  HB3  sing N N 93  
ASP CG  OD1  doub N N 94  
ASP CG  OD2  sing N N 95  
ASP OD2 HD2  sing N N 96  
ASP OXT HXT  sing N N 97  
CYS N   CA   sing N N 98  
CYS N   H    sing N N 99  
CYS N   H2   sing N N 100 
CYS CA  C    sing N N 101 
CYS CA  CB   sing N N 102 
CYS CA  HA   sing N N 103 
CYS C   O    doub N N 104 
CYS C   OXT  sing N N 105 
CYS CB  SG   sing N N 106 
CYS CB  HB2  sing N N 107 
CYS CB  HB3  sing N N 108 
CYS SG  HG   sing N N 109 
CYS OXT HXT  sing N N 110 
GLN N   CA   sing N N 111 
GLN N   H    sing N N 112 
GLN N   H2   sing N N 113 
GLN CA  C    sing N N 114 
GLN CA  CB   sing N N 115 
GLN CA  HA   sing N N 116 
GLN C   O    doub N N 117 
GLN C   OXT  sing N N 118 
GLN CB  CG   sing N N 119 
GLN CB  HB2  sing N N 120 
GLN CB  HB3  sing N N 121 
GLN CG  CD   sing N N 122 
GLN CG  HG2  sing N N 123 
GLN CG  HG3  sing N N 124 
GLN CD  OE1  doub N N 125 
GLN CD  NE2  sing N N 126 
GLN NE2 HE21 sing N N 127 
GLN NE2 HE22 sing N N 128 
GLN OXT HXT  sing N N 129 
GLU N   CA   sing N N 130 
GLU N   H    sing N N 131 
GLU N   H2   sing N N 132 
GLU CA  C    sing N N 133 
GLU CA  CB   sing N N 134 
GLU CA  HA   sing N N 135 
GLU C   O    doub N N 136 
GLU C   OXT  sing N N 137 
GLU CB  CG   sing N N 138 
GLU CB  HB2  sing N N 139 
GLU CB  HB3  sing N N 140 
GLU CG  CD   sing N N 141 
GLU CG  HG2  sing N N 142 
GLU CG  HG3  sing N N 143 
GLU CD  OE1  doub N N 144 
GLU CD  OE2  sing N N 145 
GLU OE2 HE2  sing N N 146 
GLU OXT HXT  sing N N 147 
GLY N   CA   sing N N 148 
GLY N   H    sing N N 149 
GLY N   H2   sing N N 150 
GLY CA  C    sing N N 151 
GLY CA  HA2  sing N N 152 
GLY CA  HA3  sing N N 153 
GLY C   O    doub N N 154 
GLY C   OXT  sing N N 155 
GLY OXT HXT  sing N N 156 
HIS N   CA   sing N N 157 
HIS N   H    sing N N 158 
HIS N   H2   sing N N 159 
HIS CA  C    sing N N 160 
HIS CA  CB   sing N N 161 
HIS CA  HA   sing N N 162 
HIS C   O    doub N N 163 
HIS C   OXT  sing N N 164 
HIS CB  CG   sing N N 165 
HIS CB  HB2  sing N N 166 
HIS CB  HB3  sing N N 167 
HIS CG  ND1  sing Y N 168 
HIS CG  CD2  doub Y N 169 
HIS ND1 CE1  doub Y N 170 
HIS ND1 HD1  sing N N 171 
HIS CD2 NE2  sing Y N 172 
HIS CD2 HD2  sing N N 173 
HIS CE1 NE2  sing Y N 174 
HIS CE1 HE1  sing N N 175 
HIS NE2 HE2  sing N N 176 
HIS OXT HXT  sing N N 177 
HOH O   H1   sing N N 178 
HOH O   H2   sing N N 179 
ILE N   CA   sing N N 180 
ILE N   H    sing N N 181 
ILE N   H2   sing N N 182 
ILE CA  C    sing N N 183 
ILE CA  CB   sing N N 184 
ILE CA  HA   sing N N 185 
ILE C   O    doub N N 186 
ILE C   OXT  sing N N 187 
ILE CB  CG1  sing N N 188 
ILE CB  CG2  sing N N 189 
ILE CB  HB   sing N N 190 
ILE CG1 CD1  sing N N 191 
ILE CG1 HG12 sing N N 192 
ILE CG1 HG13 sing N N 193 
ILE CG2 HG21 sing N N 194 
ILE CG2 HG22 sing N N 195 
ILE CG2 HG23 sing N N 196 
ILE CD1 HD11 sing N N 197 
ILE CD1 HD12 sing N N 198 
ILE CD1 HD13 sing N N 199 
ILE OXT HXT  sing N N 200 
LEU N   CA   sing N N 201 
LEU N   H    sing N N 202 
LEU N   H2   sing N N 203 
LEU CA  C    sing N N 204 
LEU CA  CB   sing N N 205 
LEU CA  HA   sing N N 206 
LEU C   O    doub N N 207 
LEU C   OXT  sing N N 208 
LEU CB  CG   sing N N 209 
LEU CB  HB2  sing N N 210 
LEU CB  HB3  sing N N 211 
LEU CG  CD1  sing N N 212 
LEU CG  CD2  sing N N 213 
LEU CG  HG   sing N N 214 
LEU CD1 HD11 sing N N 215 
LEU CD1 HD12 sing N N 216 
LEU CD1 HD13 sing N N 217 
LEU CD2 HD21 sing N N 218 
LEU CD2 HD22 sing N N 219 
LEU CD2 HD23 sing N N 220 
LEU OXT HXT  sing N N 221 
LYS N   CA   sing N N 222 
LYS N   H    sing N N 223 
LYS N   H2   sing N N 224 
LYS CA  C    sing N N 225 
LYS CA  CB   sing N N 226 
LYS CA  HA   sing N N 227 
LYS C   O    doub N N 228 
LYS C   OXT  sing N N 229 
LYS CB  CG   sing N N 230 
LYS CB  HB2  sing N N 231 
LYS CB  HB3  sing N N 232 
LYS CG  CD   sing N N 233 
LYS CG  HG2  sing N N 234 
LYS CG  HG3  sing N N 235 
LYS CD  CE   sing N N 236 
LYS CD  HD2  sing N N 237 
LYS CD  HD3  sing N N 238 
LYS CE  NZ   sing N N 239 
LYS CE  HE2  sing N N 240 
LYS CE  HE3  sing N N 241 
LYS NZ  HZ1  sing N N 242 
LYS NZ  HZ2  sing N N 243 
LYS NZ  HZ3  sing N N 244 
LYS OXT HXT  sing N N 245 
MET N   CA   sing N N 246 
MET N   H    sing N N 247 
MET N   H2   sing N N 248 
MET CA  C    sing N N 249 
MET CA  CB   sing N N 250 
MET CA  HA   sing N N 251 
MET C   O    doub N N 252 
MET C   OXT  sing N N 253 
MET CB  CG   sing N N 254 
MET CB  HB2  sing N N 255 
MET CB  HB3  sing N N 256 
MET CG  SD   sing N N 257 
MET CG  HG2  sing N N 258 
MET CG  HG3  sing N N 259 
MET SD  CE   sing N N 260 
MET CE  HE1  sing N N 261 
MET CE  HE2  sing N N 262 
MET CE  HE3  sing N N 263 
MET OXT HXT  sing N N 264 
PHE N   CA   sing N N 265 
PHE N   H    sing N N 266 
PHE N   H2   sing N N 267 
PHE CA  C    sing N N 268 
PHE CA  CB   sing N N 269 
PHE CA  HA   sing N N 270 
PHE C   O    doub N N 271 
PHE C   OXT  sing N N 272 
PHE CB  CG   sing N N 273 
PHE CB  HB2  sing N N 274 
PHE CB  HB3  sing N N 275 
PHE CG  CD1  doub Y N 276 
PHE CG  CD2  sing Y N 277 
PHE CD1 CE1  sing Y N 278 
PHE CD1 HD1  sing N N 279 
PHE CD2 CE2  doub Y N 280 
PHE CD2 HD2  sing N N 281 
PHE CE1 CZ   doub Y N 282 
PHE CE1 HE1  sing N N 283 
PHE CE2 CZ   sing Y N 284 
PHE CE2 HE2  sing N N 285 
PHE CZ  HZ   sing N N 286 
PHE OXT HXT  sing N N 287 
PRO N   CA   sing N N 288 
PRO N   CD   sing N N 289 
PRO N   H    sing N N 290 
PRO CA  C    sing N N 291 
PRO CA  CB   sing N N 292 
PRO CA  HA   sing N N 293 
PRO C   O    doub N N 294 
PRO C   OXT  sing N N 295 
PRO CB  CG   sing N N 296 
PRO CB  HB2  sing N N 297 
PRO CB  HB3  sing N N 298 
PRO CG  CD   sing N N 299 
PRO CG  HG2  sing N N 300 
PRO CG  HG3  sing N N 301 
PRO CD  HD2  sing N N 302 
PRO CD  HD3  sing N N 303 
PRO OXT HXT  sing N N 304 
SER N   CA   sing N N 305 
SER N   H    sing N N 306 
SER N   H2   sing N N 307 
SER CA  C    sing N N 308 
SER CA  CB   sing N N 309 
SER CA  HA   sing N N 310 
SER C   O    doub N N 311 
SER C   OXT  sing N N 312 
SER CB  OG   sing N N 313 
SER CB  HB2  sing N N 314 
SER CB  HB3  sing N N 315 
SER OG  HG   sing N N 316 
SER OXT HXT  sing N N 317 
THR N   CA   sing N N 318 
THR N   H    sing N N 319 
THR N   H2   sing N N 320 
THR CA  C    sing N N 321 
THR CA  CB   sing N N 322 
THR CA  HA   sing N N 323 
THR C   O    doub N N 324 
THR C   OXT  sing N N 325 
THR CB  OG1  sing N N 326 
THR CB  CG2  sing N N 327 
THR CB  HB   sing N N 328 
THR OG1 HG1  sing N N 329 
THR CG2 HG21 sing N N 330 
THR CG2 HG22 sing N N 331 
THR CG2 HG23 sing N N 332 
THR OXT HXT  sing N N 333 
TRP N   CA   sing N N 334 
TRP N   H    sing N N 335 
TRP N   H2   sing N N 336 
TRP CA  C    sing N N 337 
TRP CA  CB   sing N N 338 
TRP CA  HA   sing N N 339 
TRP C   O    doub N N 340 
TRP C   OXT  sing N N 341 
TRP CB  CG   sing N N 342 
TRP CB  HB2  sing N N 343 
TRP CB  HB3  sing N N 344 
TRP CG  CD1  doub Y N 345 
TRP CG  CD2  sing Y N 346 
TRP CD1 NE1  sing Y N 347 
TRP CD1 HD1  sing N N 348 
TRP CD2 CE2  doub Y N 349 
TRP CD2 CE3  sing Y N 350 
TRP NE1 CE2  sing Y N 351 
TRP NE1 HE1  sing N N 352 
TRP CE2 CZ2  sing Y N 353 
TRP CE3 CZ3  doub Y N 354 
TRP CE3 HE3  sing N N 355 
TRP CZ2 CH2  doub Y N 356 
TRP CZ2 HZ2  sing N N 357 
TRP CZ3 CH2  sing Y N 358 
TRP CZ3 HZ3  sing N N 359 
TRP CH2 HH2  sing N N 360 
TRP OXT HXT  sing N N 361 
TYR N   CA   sing N N 362 
TYR N   H    sing N N 363 
TYR N   H2   sing N N 364 
TYR CA  C    sing N N 365 
TYR CA  CB   sing N N 366 
TYR CA  HA   sing N N 367 
TYR C   O    doub N N 368 
TYR C   OXT  sing N N 369 
TYR CB  CG   sing N N 370 
TYR CB  HB2  sing N N 371 
TYR CB  HB3  sing N N 372 
TYR CG  CD1  doub Y N 373 
TYR CG  CD2  sing Y N 374 
TYR CD1 CE1  sing Y N 375 
TYR CD1 HD1  sing N N 376 
TYR CD2 CE2  doub Y N 377 
TYR CD2 HD2  sing N N 378 
TYR CE1 CZ   doub Y N 379 
TYR CE1 HE1  sing N N 380 
TYR CE2 CZ   sing Y N 381 
TYR CE2 HE2  sing N N 382 
TYR CZ  OH   sing N N 383 
TYR OH  HH   sing N N 384 
TYR OXT HXT  sing N N 385 
VAL N   CA   sing N N 386 
VAL N   H    sing N N 387 
VAL N   H2   sing N N 388 
VAL CA  C    sing N N 389 
VAL CA  CB   sing N N 390 
VAL CA  HA   sing N N 391 
VAL C   O    doub N N 392 
VAL C   OXT  sing N N 393 
VAL CB  CG1  sing N N 394 
VAL CB  CG2  sing N N 395 
VAL CB  HB   sing N N 396 
VAL CG1 HG11 sing N N 397 
VAL CG1 HG12 sing N N 398 
VAL CG1 HG13 sing N N 399 
VAL CG2 HG21 sing N N 400 
VAL CG2 HG22 sing N N 401 
VAL CG2 HG23 sing N N 402 
VAL OXT HXT  sing N N 403 
# 
_atom_sites.entry_id                    5UET 
_atom_sites.fract_transf_matrix[1][1]   0.00746588 
_atom_sites.fract_transf_matrix[1][2]   -0.01191847 
_atom_sites.fract_transf_matrix[1][3]   -0.00939649 
_atom_sites.fract_transf_matrix[2][1]   0.01228155 
_atom_sites.fract_transf_matrix[2][2]   0.00431072 
_atom_sites.fract_transf_matrix[2][3]   0.00429048 
_atom_sites.fract_transf_matrix[3][1]   -0.00136393 
_atom_sites.fract_transf_matrix[3][2]   -0.01891680 
_atom_sites.fract_transf_matrix[3][3]   0.02291028 
_atom_sites.fract_transf_vector[1]      0.181667 
_atom_sites.fract_transf_vector[2]      0.027329 
_atom_sites.fract_transf_vector[3]      0.165276 
# 
loop_
_atom_type.symbol 
C 
N 
O 
S 
# 
loop_
_atom_site.group_PDB 
_atom_site.id 
_atom_site.type_symbol 
_atom_site.label_atom_id 
_atom_site.label_alt_id 
_atom_site.label_comp_id 
_atom_site.label_asym_id 
_atom_site.label_entity_id 
_atom_site.label_seq_id 
_atom_site.pdbx_PDB_ins_code 
_atom_site.Cartn_x 
_atom_site.Cartn_y 
_atom_site.Cartn_z 
_atom_site.occupancy 
_atom_site.B_iso_or_equiv 
_atom_site.pdbx_formal_charge 
_atom_site.auth_seq_id 
_atom_site.auth_comp_id 
_atom_site.auth_asym_id 
_atom_site.auth_atom_id 
_atom_site.pdbx_PDB_model_num 
ATOM   1    N N   . SER A 1 1   ? -19.554 -10.119 7.628   1.00 68.61  ? 349 SER A N   1 
ATOM   2    C CA  . SER A 1 1   ? -18.835 -11.383 7.496   1.00 68.40  ? 349 SER A CA  1 
ATOM   3    C C   . SER A 1 1   ? -17.365 -11.140 7.149   1.00 72.06  ? 349 SER A C   1 
ATOM   4    O O   . SER A 1 1   ? -17.075 -10.453 6.167   1.00 71.66  ? 349 SER A O   1 
ATOM   5    C CB  . SER A 1 1   ? -19.497 -12.268 6.441   1.00 71.98  ? 349 SER A CB  1 
ATOM   6    O OG  . SER A 1 1   ? -18.813 -13.500 6.274   1.00 80.58  ? 349 SER A OG  1 
ATOM   7    N N   . HIS A 1 2   ? -16.443 -11.707 7.956   1.00 68.28  ? 350 HIS A N   1 
ATOM   8    C CA  . HIS A 1 2   ? -14.993 -11.582 7.773   1.00 67.90  ? 350 HIS A CA  1 
ATOM   9    C C   . HIS A 1 2   ? -14.492 -12.283 6.509   1.00 70.79  ? 350 HIS A C   1 
ATOM   10   O O   . HIS A 1 2   ? -13.535 -11.807 5.893   1.00 70.21  ? 350 HIS A O   1 
ATOM   11   C CB  . HIS A 1 2   ? -14.230 -12.090 9.009   1.00 68.75  ? 350 HIS A CB  1 
ATOM   12   C CG  . HIS A 1 2   ? -14.356 -11.222 10.226  1.00 72.20  ? 350 HIS A CG  1 
ATOM   13   N ND1 . HIS A 1 2   ? -14.062 -11.709 11.488  1.00 73.99  ? 350 HIS A ND1 1 
ATOM   14   C CD2 . HIS A 1 2   ? -14.731 -9.924  10.338  1.00 73.98  ? 350 HIS A CD2 1 
ATOM   15   C CE1 . HIS A 1 2   ? -14.267 -10.701 12.321  1.00 73.44  ? 350 HIS A CE1 1 
ATOM   16   N NE2 . HIS A 1 2   ? -14.671 -9.607  11.674  1.00 73.77  ? 350 HIS A NE2 1 
ATOM   17   N N   . MET A 1 3   ? -15.163 -13.342 6.080   1.00 66.68  ? 351 MET A N   1 
ATOM   18   C CA  . MET A 1 3   ? -14.747 -14.061 4.882   1.00 66.18  ? 351 MET A CA  1 
ATOM   19   C C   . MET A 1 3   ? -15.089 -13.305 3.630   1.00 67.92  ? 351 MET A C   1 
ATOM   20   O O   . MET A 1 3   ? -14.341 -13.308 2.684   1.00 67.40  ? 351 MET A O   1 
ATOM   21   C CB  . MET A 1 3   ? -15.401 -15.431 4.800   1.00 68.79  ? 351 MET A CB  1 
ATOM   22   C CG  . MET A 1 3   ? -14.574 -16.563 5.364   1.00 72.80  ? 351 MET A CG  1 
ATOM   23   S SD  . MET A 1 3   ? -13.806 -17.620 4.131   1.00 77.34  ? 351 MET A SD  1 
ATOM   24   C CE  . MET A 1 3   ? -13.022 -18.819 5.202   1.00 74.06  ? 351 MET A CE  1 
ATOM   25   N N   . GLU A 1 4   ? -16.275 -12.730 3.608   1.00 62.95  ? 352 GLU A N   1 
ATOM   26   C CA  . GLU A 1 4   ? -16.708 -11.902 2.477   1.00 61.99  ? 352 GLU A CA  1 
ATOM   27   C C   . GLU A 1 4   ? -15.878 -10.618 2.392   1.00 63.56  ? 352 GLU A C   1 
ATOM   28   O O   . GLU A 1 4   ? -15.595 -10.146 1.288   1.00 62.86  ? 352 GLU A O   1 
ATOM   29   C CB  . GLU A 1 4   ? -18.203 -11.558 2.591   1.00 63.42  ? 352 GLU A CB  1 
ATOM   30   C CG  . GLU A 1 4   ? -19.134 -12.736 2.353   1.00 74.78  ? 352 GLU A CG  1 
ATOM   31   C CD  . GLU A 1 4   ? -20.611 -12.392 2.364   1.00 97.11  ? 352 GLU A CD  1 
ATOM   32   O OE1 . GLU A 1 4   ? -21.115 -11.940 3.419   1.00 91.09  ? 352 GLU A OE1 1 
ATOM   33   O OE2 . GLU A 1 4   ? -21.272 -12.599 1.321   1.00 92.43  ? 352 GLU A OE2 1 
ATOM   34   N N   . GLN A 1 5   ? -15.498 -10.060 3.563   1.00 58.58  ? 353 GLN A N   1 
ATOM   35   C CA  . GLN A 1 5   ? -14.692 -8.845  3.706   1.00 57.58  ? 353 GLN A CA  1 
ATOM   36   C C   . GLN A 1 5   ? -13.314 -8.999  3.064   1.00 59.35  ? 353 GLN A C   1 
ATOM   37   O O   . GLN A 1 5   ? -12.933 -8.163  2.246   1.00 58.85  ? 353 GLN A O   1 
ATOM   38   C CB  . GLN A 1 5   ? -14.537 -8.471  5.190   1.00 58.96  ? 353 GLN A CB  1 
ATOM   39   C CG  . GLN A 1 5   ? -15.584 -7.490  5.705   1.00 75.28  ? 353 GLN A CG  1 
ATOM   40   C CD  . GLN A 1 5   ? -15.622 -7.413  7.217   1.00 96.23  ? 353 GLN A CD  1 
ATOM   41   O OE1 . GLN A 1 5   ? -16.689 -7.496  7.834   1.00 92.80  ? 353 GLN A OE1 1 
ATOM   42   N NE2 . GLN A 1 5   ? -14.469 -7.243  7.855   1.00 87.47  ? 353 GLN A NE2 1 
ATOM   43   N N   . LEU A 1 6   ? -12.585 -10.080 3.417   1.00 54.35  ? 354 LEU A N   1 
ATOM   44   C CA  . LEU A 1 6   ? -11.239 -10.380 2.921   1.00 53.43  ? 354 LEU A CA  1 
ATOM   45   C C   . LEU A 1 6   ? -11.183 -10.669 1.418   1.00 55.66  ? 354 LEU A C   1 
ATOM   46   O O   . LEU A 1 6   ? -10.161 -10.382 0.792   1.00 55.22  ? 354 LEU A O   1 
ATOM   47   C CB  . LEU A 1 6   ? -10.583 -11.512 3.729   1.00 53.46  ? 354 LEU A CB  1 
ATOM   48   C CG  . LEU A 1 6   ? -10.208 -11.180 5.181   1.00 58.15  ? 354 LEU A CG  1 
ATOM   49   C CD1 . LEU A 1 6   ? -10.061 -12.440 6.008   1.00 58.35  ? 354 LEU A CD1 1 
ATOM   50   C CD2 . LEU A 1 6   ? -8.937  -10.343 5.257   1.00 60.60  ? 354 LEU A CD2 1 
ATOM   51   N N   . LYS A 1 7   ? -12.273 -11.215 0.839   1.00 51.01  ? 355 LYS A N   1 
ATOM   52   C CA  . LYS A 1 7   ? -12.357 -11.494 -0.601  1.00 50.27  ? 355 LYS A CA  1 
ATOM   53   C C   . LYS A 1 7   ? -12.529 -10.182 -1.372  1.00 52.48  ? 355 LYS A C   1 
ATOM   54   O O   . LYS A 1 7   ? -12.038 -10.056 -2.495  1.00 51.65  ? 355 LYS A O   1 
ATOM   55   C CB  . LYS A 1 7   ? -13.482 -12.493 -0.924  1.00 52.94  ? 355 LYS A CB  1 
ATOM   56   C CG  . LYS A 1 7   ? -13.215 -13.893 -0.378  1.00 70.01  ? 355 LYS A CG  1 
ATOM   57   C CD  . LYS A 1 7   ? -13.476 -14.985 -1.402  1.00 80.59  ? 355 LYS A CD  1 
ATOM   58   C CE  . LYS A 1 7   ? -13.129 -16.343 -0.842  1.00 90.66  ? 355 LYS A CE  1 
ATOM   59   N NZ  . LYS A 1 7   ? -13.284 -17.416 -1.858  1.00 99.29  ? 355 LYS A NZ  1 
ATOM   60   N N   . CYS A 1 8   ? -13.204 -9.198  -0.744  1.00 48.28  ? 356 CYS A N   1 
ATOM   61   C CA  . CYS A 1 8   ? -13.408 -7.851  -1.274  1.00 47.69  ? 356 CYS A CA  1 
ATOM   62   C C   . CYS A 1 8   ? -12.079 -7.092  -1.172  1.00 48.33  ? 356 CYS A C   1 
ATOM   63   O O   . CYS A 1 8   ? -11.741 -6.338  -2.083  1.00 47.71  ? 356 CYS A O   1 
ATOM   64   C CB  . CYS A 1 8   ? -14.525 -7.137  -0.517  1.00 48.55  ? 356 CYS A CB  1 
ATOM   65   S SG  . CYS A 1 8   ? -14.824 -5.434  -1.057  1.00 52.74  ? 356 CYS A SG  1 
ATOM   66   N N   . CYS A 1 9   ? -11.316 -7.331  -0.075  1.00 42.63  ? 357 CYS A N   1 
ATOM   67   C CA  . CYS A 1 9   ? -9.991  -6.753  0.184   1.00 41.39  ? 357 CYS A CA  1 
ATOM   68   C C   . CYS A 1 9   ? -9.000  -7.208  -0.886  1.00 43.09  ? 357 CYS A C   1 
ATOM   69   O O   . CYS A 1 9   ? -8.174  -6.412  -1.328  1.00 42.65  ? 357 CYS A O   1 
ATOM   70   C CB  . CYS A 1 9   ? -9.503  -7.114  1.584   1.00 41.57  ? 357 CYS A CB  1 
ATOM   71   S SG  . CYS A 1 9   ? -10.399 -6.283  2.919   1.00 45.38  ? 357 CYS A SG  1 
ATOM   72   N N   . SER A 1 10  ? -9.111  -8.482  -1.320  1.00 38.08  ? 358 SER A N   1 
ATOM   73   C CA  . SER A 1 10  ? -8.299  -9.074  -2.384  1.00 37.09  ? 358 SER A CA  1 
ATOM   74   C C   . SER A 1 10  ? -8.656  -8.425  -3.728  1.00 39.24  ? 358 SER A C   1 
ATOM   75   O O   . SER A 1 10  ? -7.780  -8.258  -4.575  1.00 38.69  ? 358 SER A O   1 
ATOM   76   C CB  . SER A 1 10  ? -8.518  -10.584 -2.443  1.00 40.32  ? 358 SER A CB  1 
ATOM   77   O OG  A SER A 1 10  ? -8.057  -11.212 -1.257  0.50 48.90  ? 358 SER A OG  1 
ATOM   78   O OG  B SER A 1 10  ? -7.717  -11.198 -3.439  0.50 49.10  ? 358 SER A OG  1 
ATOM   79   N N   . GLY A 1 11  ? -9.928  -8.052  -3.888  1.00 34.92  ? 359 GLY A N   1 
ATOM   80   C CA  . GLY A 1 11  ? -10.452 -7.384  -5.074  1.00 34.21  ? 359 GLY A CA  1 
ATOM   81   C C   . GLY A 1 11  ? -9.971  -5.951  -5.212  1.00 36.76  ? 359 GLY A C   1 
ATOM   82   O O   . GLY A 1 11  ? -9.685  -5.503  -6.326  1.00 36.33  ? 359 GLY A O   1 
ATOM   83   N N   . ILE A 1 12  ? -9.882  -5.221  -4.071  1.00 32.27  ? 360 ILE A N   1 
ATOM   84   C CA  . ILE A 1 12  ? -9.411  -3.829  -3.991  1.00 31.54  ? 360 ILE A CA  1 
ATOM   85   C C   . ILE A 1 12  ? -7.931  -3.775  -4.401  1.00 34.87  ? 360 ILE A C   1 
ATOM   86   O O   . ILE A 1 12  ? -7.556  -2.955  -5.241  1.00 33.99  ? 360 ILE A O   1 
ATOM   87   C CB  . ILE A 1 12  ? -9.675  -3.212  -2.577  1.00 34.44  ? 360 ILE A CB  1 
ATOM   88   C CG1 . ILE A 1 12  ? -11.191 -3.063  -2.307  1.00 34.70  ? 360 ILE A CG1 1 
ATOM   89   C CG2 . ILE A 1 12  ? -8.953  -1.860  -2.396  1.00 34.95  ? 360 ILE A CG2 1 
ATOM   90   C CD1 . ILE A 1 12  ? -11.602 -3.044  -0.823  1.00 40.48  ? 360 ILE A CD1 1 
ATOM   91   N N   . LEU A 1 13  ? -7.111  -4.682  -3.834  1.00 31.74  ? 361 LEU A N   1 
ATOM   92   C CA  . LEU A 1 13  ? -5.683  -4.788  -4.131  1.00 31.74  ? 361 LEU A CA  1 
ATOM   93   C C   . LEU A 1 13  ? -5.433  -5.209  -5.581  1.00 35.51  ? 361 LEU A C   1 
ATOM   94   O O   . LEU A 1 13  ? -4.422  -4.800  -6.157  1.00 35.16  ? 361 LEU A O   1 
ATOM   95   C CB  . LEU A 1 13  ? -4.991  -5.739  -3.143  1.00 31.89  ? 361 LEU A CB  1 
ATOM   96   C CG  . LEU A 1 13  ? -3.466  -5.641  -3.032  1.00 36.71  ? 361 LEU A CG  1 
ATOM   97   C CD1 . LEU A 1 13  ? -3.024  -4.323  -2.388  1.00 36.92  ? 361 LEU A CD1 1 
ATOM   98   C CD2 . LEU A 1 13  ? -2.929  -6.785  -2.230  1.00 39.09  ? 361 LEU A CD2 1 
ATOM   99   N N   . LYS A 1 14  ? -6.367  -5.989  -6.179  1.00 32.07  ? 362 LYS A N   1 
ATOM   100  C CA  . LYS A 1 14  ? -6.294  -6.425  -7.577  1.00 31.82  ? 362 LYS A CA  1 
ATOM   101  C C   . LYS A 1 14  ? -6.416  -5.215  -8.511  1.00 35.02  ? 362 LYS A C   1 
ATOM   102  O O   . LYS A 1 14  ? -5.652  -5.121  -9.472  1.00 35.03  ? 362 LYS A O   1 
ATOM   103  C CB  . LYS A 1 14  ? -7.370  -7.481  -7.895  1.00 34.45  ? 362 LYS A CB  1 
ATOM   104  C CG  . LYS A 1 14  ? -7.150  -8.194  -9.228  1.00 47.77  ? 362 LYS A CG  1 
ATOM   105  C CD  . LYS A 1 14  ? -8.330  -9.066  -9.616  1.00 57.45  ? 362 LYS A CD  1 
ATOM   106  C CE  . LYS A 1 14  ? -8.141  -9.680  -10.980 1.00 67.05  ? 362 LYS A CE  1 
ATOM   107  N NZ  . LYS A 1 14  ? -9.265  -10.581 -11.342 1.00 76.01  ? 362 LYS A NZ  1 
ATOM   108  N N   . GLU A 1 15  ? -7.350  -4.282  -8.211  1.00 30.90  ? 363 GLU A N   1 
ATOM   109  C CA  . GLU A 1 15  ? -7.539  -3.051  -8.990  1.00 30.43  ? 363 GLU A CA  1 
ATOM   110  C C   . GLU A 1 15  ? -6.320  -2.130  -8.834  1.00 33.09  ? 363 GLU A C   1 
ATOM   111  O O   . GLU A 1 15  ? -5.892  -1.514  -9.809  1.00 32.63  ? 363 GLU A O   1 
ATOM   112  C CB  . GLU A 1 15  ? -8.818  -2.315  -8.567  1.00 31.80  ? 363 GLU A CB  1 
ATOM   113  C CG  . GLU A 1 15  ? -9.239  -1.237  -9.558  1.00 41.55  ? 363 GLU A CG  1 
ATOM   114  C CD  . GLU A 1 15  ? -10.399 -0.347  -9.155  1.00 55.71  ? 363 GLU A CD  1 
ATOM   115  O OE1 . GLU A 1 15  ? -11.190 -0.749  -8.271  1.00 45.92  ? 363 GLU A OE1 1 
ATOM   116  O OE2 . GLU A 1 15  ? -10.539 0.739   -9.759  1.00 47.39  ? 363 GLU A OE2 1 
ATOM   117  N N   . MET A 1 16  ? -5.749  -2.070  -7.615  1.00 28.63  ? 364 MET A N   1 
ATOM   118  C CA  . MET A 1 16  ? -4.564  -1.265  -7.305  1.00 28.01  ? 364 MET A CA  1 
ATOM   119  C C   . MET A 1 16  ? -3.339  -1.717  -8.115  1.00 32.74  ? 364 MET A C   1 
ATOM   120  O O   . MET A 1 16  ? -2.468  -0.895  -8.394  1.00 32.00  ? 364 MET A O   1 
ATOM   121  C CB  . MET A 1 16  ? -4.272  -1.283  -5.799  1.00 29.87  ? 364 MET A CB  1 
ATOM   122  C CG  . MET A 1 16  ? -5.227  -0.423  -4.991  1.00 32.76  ? 364 MET A CG  1 
ATOM   123  S SD  . MET A 1 16  ? -5.186  -0.771  -3.218  1.00 36.16  ? 364 MET A SD  1 
ATOM   124  C CE  . MET A 1 16  ? -3.674  0.067   -2.752  1.00 32.93  ? 364 MET A CE  1 
ATOM   125  N N   . PHE A 1 17  ? -3.290  -3.016  -8.497  1.00 30.02  ? 365 PHE A N   1 
ATOM   126  C CA  . PHE A 1 17  ? -2.231  -3.640  -9.303  1.00 30.03  ? 365 PHE A CA  1 
ATOM   127  C C   . PHE A 1 17  ? -2.504  -3.548  -10.817 1.00 35.23  ? 365 PHE A C   1 
ATOM   128  O O   . PHE A 1 17  ? -1.588  -3.776  -11.612 1.00 35.28  ? 365 PHE A O   1 
ATOM   129  C CB  . PHE A 1 17  ? -2.072  -5.126  -8.919  1.00 31.50  ? 365 PHE A CB  1 
ATOM   130  C CG  . PHE A 1 17  ? -1.016  -5.444  -7.888  1.00 32.56  ? 365 PHE A CG  1 
ATOM   131  C CD1 . PHE A 1 17  ? 0.333   -5.236  -8.161  1.00 35.14  ? 365 PHE A CD1 1 
ATOM   132  C CD2 . PHE A 1 17  ? -1.360  -6.020  -6.672  1.00 34.21  ? 365 PHE A CD2 1 
ATOM   133  C CE1 . PHE A 1 17  ? 1.311   -5.546  -7.214  1.00 35.73  ? 365 PHE A CE1 1 
ATOM   134  C CE2 . PHE A 1 17  ? -0.380  -6.341  -5.729  1.00 36.76  ? 365 PHE A CE2 1 
ATOM   135  C CZ  . PHE A 1 17  ? 0.949   -6.110  -6.010  1.00 34.78  ? 365 PHE A CZ  1 
ATOM   136  N N   . ALA A 1 18  ? -3.759  -3.255  -11.211 1.00 32.34  ? 366 ALA A N   1 
ATOM   137  C CA  . ALA A 1 18  ? -4.200  -3.180  -12.608 1.00 32.45  ? 366 ALA A CA  1 
ATOM   138  C C   . ALA A 1 18  ? -3.577  -2.044  -13.419 1.00 37.12  ? 366 ALA A C   1 
ATOM   139  O O   . ALA A 1 18  ? -3.198  -1.016  -12.853 1.00 36.50  ? 366 ALA A O   1 
ATOM   140  C CB  . ALA A 1 18  ? -5.713  -3.101  -12.675 1.00 33.18  ? 366 ALA A CB  1 
ATOM   141  N N   . LYS A 1 19  ? -3.511  -2.230  -14.760 1.00 34.39  ? 367 LYS A N   1 
ATOM   142  C CA  . LYS A 1 19  ? -2.960  -1.297  -15.756 1.00 34.61  ? 367 LYS A CA  1 
ATOM   143  C C   . LYS A 1 19  ? -3.552  0.118   -15.704 1.00 38.46  ? 367 LYS A C   1 
ATOM   144  O O   . LYS A 1 19  ? -2.859  1.075   -16.055 1.00 38.52  ? 367 LYS A O   1 
ATOM   145  C CB  . LYS A 1 19  ? -3.099  -1.877  -17.175 1.00 37.66  ? 367 LYS A CB  1 
ATOM   146  C CG  . LYS A 1 19  ? -2.074  -2.958  -17.501 1.00 56.30  ? 367 LYS A CG  1 
ATOM   147  C CD  . LYS A 1 19  ? -2.399  -3.678  -18.808 1.00 67.66  ? 367 LYS A CD  1 
ATOM   148  C CE  . LYS A 1 19  ? -1.335  -4.677  -19.207 1.00 79.34  ? 367 LYS A CE  1 
ATOM   149  N NZ  . LYS A 1 19  ? -1.317  -5.873  -18.320 1.00 88.46  ? 367 LYS A NZ  1 
ATOM   150  N N   . LYS A 1 20  ? -4.826  0.241   -15.279 1.00 34.56  ? 368 LYS A N   1 
ATOM   151  C CA  . LYS A 1 20  ? -5.569  1.498   -15.149 1.00 34.20  ? 368 LYS A CA  1 
ATOM   152  C C   . LYS A 1 20  ? -4.874  2.487   -14.196 1.00 37.99  ? 368 LYS A C   1 
ATOM   153  O O   . LYS A 1 20  ? -4.826  3.683   -14.493 1.00 38.08  ? 368 LYS A O   1 
ATOM   154  C CB  . LYS A 1 20  ? -7.008  1.208   -14.675 1.00 36.51  ? 368 LYS A CB  1 
ATOM   155  C CG  . LYS A 1 20  ? -7.943  2.414   -14.688 1.00 47.11  ? 368 LYS A CG  1 
ATOM   156  C CD  . LYS A 1 20  ? -9.297  2.084   -14.090 1.00 54.91  ? 368 LYS A CD  1 
ATOM   157  C CE  . LYS A 1 20  ? -10.219 3.277   -14.098 1.00 64.91  ? 368 LYS A CE  1 
ATOM   158  N NZ  . LYS A 1 20  ? -11.569 2.929   -13.587 1.00 74.54  ? 368 LYS A NZ  1 
ATOM   159  N N   . HIS A 1 21  ? -4.334  1.983   -13.068 1.00 33.65  ? 369 HIS A N   1 
ATOM   160  C CA  . HIS A 1 21  ? -3.678  2.793   -12.035 1.00 32.97  ? 369 HIS A CA  1 
ATOM   161  C C   . HIS A 1 21  ? -2.140  2.695   -12.031 1.00 36.26  ? 369 HIS A C   1 
ATOM   162  O O   . HIS A 1 21  ? -1.498  3.350   -11.207 1.00 35.57  ? 369 HIS A O   1 
ATOM   163  C CB  . HIS A 1 21  ? -4.254  2.454   -10.642 1.00 33.50  ? 369 HIS A CB  1 
ATOM   164  C CG  . HIS A 1 21  ? -5.751  2.414   -10.593 1.00 36.74  ? 369 HIS A CG  1 
ATOM   165  N ND1 . HIS A 1 21  ? -6.511  3.560   -10.732 1.00 38.46  ? 369 HIS A ND1 1 
ATOM   166  C CD2 . HIS A 1 21  ? -6.582  1.358   -10.432 1.00 38.32  ? 369 HIS A CD2 1 
ATOM   167  C CE1 . HIS A 1 21  ? -7.773  3.168   -10.651 1.00 37.82  ? 369 HIS A CE1 1 
ATOM   168  N NE2 . HIS A 1 21  ? -7.864  1.853   -10.463 1.00 38.14  ? 369 HIS A NE2 1 
ATOM   169  N N   . ALA A 1 22  ? -1.558  1.915   -12.970 1.00 32.74  ? 370 ALA A N   1 
ATOM   170  C CA  . ALA A 1 22  ? -0.118  1.652   -13.125 1.00 32.56  ? 370 ALA A CA  1 
ATOM   171  C C   . ALA A 1 22  ? 0.796   2.889   -13.152 1.00 36.27  ? 370 ALA A C   1 
ATOM   172  O O   . ALA A 1 22  ? 1.930   2.801   -12.677 1.00 35.80  ? 370 ALA A O   1 
ATOM   173  C CB  . ALA A 1 22  ? 0.127   0.806   -14.363 1.00 33.33  ? 370 ALA A CB  1 
ATOM   174  N N   . ALA A 1 23  ? 0.313   4.023   -13.701 1.00 32.69  ? 371 ALA A N   1 
ATOM   175  C CA  . ALA A 1 23  ? 1.075   5.275   -13.812 1.00 32.35  ? 371 ALA A CA  1 
ATOM   176  C C   . ALA A 1 23  ? 1.505   5.885   -12.469 1.00 35.19  ? 371 ALA A C   1 
ATOM   177  O O   . ALA A 1 23  ? 2.499   6.611   -12.426 1.00 34.93  ? 371 ALA A O   1 
ATOM   178  C CB  . ALA A 1 23  ? 0.293   6.296   -14.624 1.00 33.16  ? 371 ALA A CB  1 
ATOM   179  N N   . TYR A 1 24  ? 0.766   5.593   -11.383 1.00 30.91  ? 372 TYR A N   1 
ATOM   180  C CA  . TYR A 1 24  ? 1.050   6.116   -10.043 1.00 30.12  ? 372 TYR A CA  1 
ATOM   181  C C   . TYR A 1 24  ? 1.148   5.032   -8.955  1.00 33.43  ? 372 TYR A C   1 
ATOM   182  O O   . TYR A 1 24  ? 1.547   5.337   -7.826  1.00 33.00  ? 372 TYR A O   1 
ATOM   183  C CB  . TYR A 1 24  ? 0.038   7.207   -9.649  1.00 30.94  ? 372 TYR A CB  1 
ATOM   184  C CG  . TYR A 1 24  ? -1.408  6.888   -9.972  1.00 32.19  ? 372 TYR A CG  1 
ATOM   185  C CD1 . TYR A 1 24  ? -2.194  6.151   -9.090  1.00 33.93  ? 372 TYR A CD1 1 
ATOM   186  C CD2 . TYR A 1 24  ? -2.006  7.369   -11.134 1.00 32.74  ? 372 TYR A CD2 1 
ATOM   187  C CE1 . TYR A 1 24  ? -3.532  5.878   -9.370  1.00 34.49  ? 372 TYR A CE1 1 
ATOM   188  C CE2 . TYR A 1 24  ? -3.342  7.103   -11.424 1.00 33.47  ? 372 TYR A CE2 1 
ATOM   189  C CZ  . TYR A 1 24  ? -4.102  6.359   -10.537 1.00 40.76  ? 372 TYR A CZ  1 
ATOM   190  O OH  . TYR A 1 24  ? -5.422  6.101   -10.818 1.00 41.42  ? 372 TYR A OH  1 
ATOM   191  N N   . ALA A 1 25  ? 0.802   3.777   -9.291  1.00 29.47  ? 373 ALA A N   1 
ATOM   192  C CA  . ALA A 1 25  ? 0.838   2.654   -8.351  1.00 29.09  ? 373 ALA A CA  1 
ATOM   193  C C   . ALA A 1 25  ? 2.150   1.864   -8.347  1.00 32.86  ? 373 ALA A C   1 
ATOM   194  O O   . ALA A 1 25  ? 2.423   1.177   -7.361  1.00 32.65  ? 373 ALA A O   1 
ATOM   195  C CB  . ALA A 1 25  ? -0.329  1.719   -8.609  1.00 29.72  ? 373 ALA A CB  1 
ATOM   196  N N   . TRP A 1 26  ? 2.970   1.976   -9.423  1.00 29.16  ? 374 TRP A N   1 
ATOM   197  C CA  . TRP A 1 26  ? 4.242   1.253   -9.570  1.00 28.89  ? 374 TRP A CA  1 
ATOM   198  C C   . TRP A 1 26  ? 5.250   1.445   -8.401  1.00 32.32  ? 374 TRP A C   1 
ATOM   199  O O   . TRP A 1 26  ? 5.922   0.457   -8.099  1.00 31.93  ? 374 TRP A O   1 
ATOM   200  C CB  . TRP A 1 26  ? 4.929   1.519   -10.928 1.00 27.59  ? 374 TRP A CB  1 
ATOM   201  C CG  . TRP A 1 26  ? 5.454   2.910   -11.127 1.00 28.52  ? 374 TRP A CG  1 
ATOM   202  C CD1 . TRP A 1 26  ? 4.820   3.940   -11.755 1.00 31.37  ? 374 TRP A CD1 1 
ATOM   203  C CD2 . TRP A 1 26  ? 6.744   3.408   -10.742 1.00 28.38  ? 374 TRP A CD2 1 
ATOM   204  N NE1 . TRP A 1 26  ? 5.627   5.053   -11.772 1.00 30.80  ? 374 TRP A NE1 1 
ATOM   205  C CE2 . TRP A 1 26  ? 6.805   4.762   -11.136 1.00 32.23  ? 374 TRP A CE2 1 
ATOM   206  C CE3 . TRP A 1 26  ? 7.847   2.849   -10.068 1.00 29.59  ? 374 TRP A CE3 1 
ATOM   207  C CZ2 . TRP A 1 26  ? 7.927   5.564   -10.893 1.00 31.53  ? 374 TRP A CZ2 1 
ATOM   208  C CZ3 . TRP A 1 26  ? 8.952   3.647   -9.818  1.00 30.95  ? 374 TRP A CZ3 1 
ATOM   209  C CH2 . TRP A 1 26  ? 8.989   4.985   -10.232 1.00 31.55  ? 374 TRP A CH2 1 
ATOM   210  N N   . PRO A 1 27  ? 5.401   2.614   -7.708  1.00 28.60  ? 375 PRO A N   1 
ATOM   211  C CA  . PRO A 1 27  ? 6.381   2.665   -6.606  1.00 28.20  ? 375 PRO A CA  1 
ATOM   212  C C   . PRO A 1 27  ? 5.965   1.859   -5.372  1.00 31.00  ? 375 PRO A C   1 
ATOM   213  O O   . PRO A 1 27  ? 6.796   1.615   -4.499  1.00 29.99  ? 375 PRO A O   1 
ATOM   214  C CB  . PRO A 1 27  ? 6.484   4.164   -6.278  1.00 30.04  ? 375 PRO A CB  1 
ATOM   215  C CG  . PRO A 1 27  ? 5.766   4.879   -7.379  1.00 34.43  ? 375 PRO A CG  1 
ATOM   216  C CD  . PRO A 1 27  ? 4.738   3.926   -7.867  1.00 30.08  ? 375 PRO A CD  1 
ATOM   217  N N   . PHE A 1 28  ? 4.690   1.426   -5.314  1.00 27.32  ? 376 PHE A N   1 
ATOM   218  C CA  . PHE A 1 28  ? 4.125   0.687   -4.181  1.00 27.05  ? 376 PHE A CA  1 
ATOM   219  C C   . PHE A 1 28  ? 3.941   -0.812  -4.450  1.00 31.34  ? 376 PHE A C   1 
ATOM   220  O O   . PHE A 1 28  ? 3.545   -1.541  -3.538  1.00 31.02  ? 376 PHE A O   1 
ATOM   221  C CB  . PHE A 1 28  ? 2.813   1.351   -3.713  1.00 28.52  ? 376 PHE A CB  1 
ATOM   222  C CG  . PHE A 1 28  ? 2.949   2.850   -3.576  1.00 29.73  ? 376 PHE A CG  1 
ATOM   223  C CD1 . PHE A 1 28  ? 3.568   3.409   -2.463  1.00 32.56  ? 376 PHE A CD1 1 
ATOM   224  C CD2 . PHE A 1 28  ? 2.530   3.698   -4.594  1.00 31.49  ? 376 PHE A CD2 1 
ATOM   225  C CE1 . PHE A 1 28  ? 3.742   4.791   -2.363  1.00 33.30  ? 376 PHE A CE1 1 
ATOM   226  C CE2 . PHE A 1 28  ? 2.707   5.078   -4.492  1.00 34.21  ? 376 PHE A CE2 1 
ATOM   227  C CZ  . PHE A 1 28  ? 3.324   5.613   -3.383  1.00 32.26  ? 376 PHE A CZ  1 
ATOM   228  N N   . TYR A 1 29  ? 4.275   -1.275  -5.676  1.00 28.26  ? 377 TYR A N   1 
ATOM   229  C CA  . TYR A 1 29  ? 4.164   -2.676  -6.104  1.00 28.17  ? 377 TYR A CA  1 
ATOM   230  C C   . TYR A 1 29  ? 4.971   -3.643  -5.233  1.00 32.51  ? 377 TYR A C   1 
ATOM   231  O O   . TYR A 1 29  ? 4.412   -4.605  -4.714  1.00 31.88  ? 377 TYR A O   1 
ATOM   232  C CB  . TYR A 1 29  ? 4.611   -2.842  -7.574  1.00 29.07  ? 377 TYR A CB  1 
ATOM   233  C CG  . TYR A 1 29  ? 3.635   -2.405  -8.648  1.00 30.56  ? 377 TYR A CG  1 
ATOM   234  C CD1 . TYR A 1 29  ? 2.348   -1.980  -8.325  1.00 32.37  ? 377 TYR A CD1 1 
ATOM   235  C CD2 . TYR A 1 29  ? 3.992   -2.439  -9.992  1.00 31.30  ? 377 TYR A CD2 1 
ATOM   236  C CE1 . TYR A 1 29  ? 1.449   -1.578  -9.313  1.00 32.74  ? 377 TYR A CE1 1 
ATOM   237  C CE2 . TYR A 1 29  ? 3.102   -2.043  -10.988 1.00 32.15  ? 377 TYR A CE2 1 
ATOM   238  C CZ  . TYR A 1 29  ? 1.831   -1.616  -10.644 1.00 39.04  ? 377 TYR A CZ  1 
ATOM   239  O OH  . TYR A 1 29  ? 0.962   -1.224  -11.630 1.00 39.58  ? 377 TYR A OH  1 
ATOM   240  N N   . LYS A 1 30  ? 6.284   -3.386  -5.092  1.00 29.87  ? 378 LYS A N   1 
ATOM   241  C CA  . LYS A 1 30  ? 7.233   -4.231  -4.362  1.00 30.04  ? 378 LYS A CA  1 
ATOM   242  C C   . LYS A 1 30  ? 7.887   -3.469  -3.192  1.00 34.84  ? 378 LYS A C   1 
ATOM   243  O O   . LYS A 1 30  ? 7.774   -2.241  -3.170  1.00 34.44  ? 378 LYS A O   1 
ATOM   244  C CB  . LYS A 1 30  ? 8.305   -4.758  -5.342  1.00 32.60  ? 378 LYS A CB  1 
ATOM   245  C CG  . LYS A 1 30  ? 7.746   -5.658  -6.436  1.00 46.89  ? 378 LYS A CG  1 
ATOM   246  C CD  . LYS A 1 30  ? 8.604   -6.891  -6.654  1.00 58.17  ? 378 LYS A CD  1 
ATOM   247  C CE  . LYS A 1 30  ? 7.816   -8.025  -7.267  1.00 68.50  ? 378 LYS A CE  1 
ATOM   248  N NZ  . LYS A 1 30  ? 6.872   -8.640  -6.294  1.00 77.45  ? 378 LYS A NZ  1 
ATOM   249  N N   . PRO A 1 31  ? 8.565   -4.139  -2.213  1.00 32.07  ? 379 PRO A N   1 
ATOM   250  C CA  . PRO A 1 31  ? 9.198   -3.379  -1.114  1.00 32.09  ? 379 PRO A CA  1 
ATOM   251  C C   . PRO A 1 31  ? 10.247  -2.382  -1.600  1.00 36.68  ? 379 PRO A C   1 
ATOM   252  O O   . PRO A 1 31  ? 10.894  -2.623  -2.622  1.00 36.11  ? 379 PRO A O   1 
ATOM   253  C CB  . PRO A 1 31  ? 9.846   -4.464  -0.244  1.00 33.88  ? 379 PRO A CB  1 
ATOM   254  C CG  . PRO A 1 31  ? 9.189   -5.735  -0.631  1.00 38.20  ? 379 PRO A CG  1 
ATOM   255  C CD  . PRO A 1 31  ? 8.804   -5.591  -2.063  1.00 33.69  ? 379 PRO A CD  1 
ATOM   256  N N   . VAL A 1 32  ? 10.399  -1.258  -0.873  1.00 33.93  ? 380 VAL A N   1 
ATOM   257  C CA  . VAL A 1 32  ? 11.367  -0.203  -1.193  1.00 34.03  ? 380 VAL A CA  1 
ATOM   258  C C   . VAL A 1 32  ? 12.784  -0.790  -1.107  1.00 38.11  ? 380 VAL A C   1 
ATOM   259  O O   . VAL A 1 32  ? 13.165  -1.322  -0.060  1.00 37.28  ? 380 VAL A O   1 
ATOM   260  C CB  . VAL A 1 32  ? 11.199  1.058   -0.293  1.00 37.98  ? 380 VAL A CB  1 
ATOM   261  C CG1 . VAL A 1 32  ? 12.230  2.134   -0.636  1.00 37.76  ? 380 VAL A CG1 1 
ATOM   262  C CG2 . VAL A 1 32  ? 9.785   1.626   -0.384  1.00 37.77  ? 380 VAL A CG2 1 
ATOM   263  N N   . ASP A 1 33  ? 13.532  -0.732  -2.225  1.00 35.22  ? 381 ASP A N   1 
ATOM   264  C CA  . ASP A 1 33  ? 14.907  -1.226  -2.305  1.00 35.21  ? 381 ASP A CA  1 
ATOM   265  C C   . ASP A 1 33  ? 15.818  -0.202  -1.618  1.00 39.24  ? 381 ASP A C   1 
ATOM   266  O O   . ASP A 1 33  ? 16.172  0.822   -2.209  1.00 38.50  ? 381 ASP A O   1 
ATOM   267  C CB  . ASP A 1 33  ? 15.318  -1.482  -3.774  1.00 37.12  ? 381 ASP A CB  1 
ATOM   268  C CG  . ASP A 1 33  ? 16.671  -2.150  -3.996  1.00 47.69  ? 381 ASP A CG  1 
ATOM   269  O OD1 . ASP A 1 33  ? 17.303  -2.573  -2.999  1.00 48.00  ? 381 ASP A OD1 1 
ATOM   270  O OD2 . ASP A 1 33  ? 17.084  -2.273  -5.169  1.00 54.25  ? 381 ASP A OD2 1 
ATOM   271  N N   . VAL A 1 34  ? 16.157  -0.473  -0.345  1.00 36.38  ? 382 VAL A N   1 
ATOM   272  C CA  . VAL A 1 34  ? 16.986  0.393   0.505   1.00 36.60  ? 382 VAL A CA  1 
ATOM   273  C C   . VAL A 1 34  ? 18.454  0.471   0.033   1.00 40.73  ? 382 VAL A C   1 
ATOM   274  O O   . VAL A 1 34  ? 19.173  1.382   0.446   1.00 40.51  ? 382 VAL A O   1 
ATOM   275  C CB  . VAL A 1 34  ? 16.880  0.035   2.014   1.00 40.87  ? 382 VAL A CB  1 
ATOM   276  C CG1 . VAL A 1 34  ? 15.466  0.283   2.536   1.00 40.76  ? 382 VAL A CG1 1 
ATOM   277  C CG2 . VAL A 1 34  ? 17.322  -1.403  2.292   1.00 40.74  ? 382 VAL A CG2 1 
ATOM   278  N N   . GLU A 1 35  ? 18.885  -0.465  -0.836  1.00 37.32  ? 383 GLU A N   1 
ATOM   279  C CA  . GLU A 1 35  ? 20.241  -0.506  -1.390  1.00 37.25  ? 383 GLU A CA  1 
ATOM   280  C C   . GLU A 1 35  ? 20.416  0.455   -2.573  1.00 41.39  ? 383 GLU A C   1 
ATOM   281  O O   . GLU A 1 35  ? 21.548  0.713   -2.982  1.00 41.24  ? 383 GLU A O   1 
ATOM   282  C CB  . GLU A 1 35  ? 20.645  -1.945  -1.776  1.00 38.68  ? 383 GLU A CB  1 
ATOM   283  C CG  . GLU A 1 35  ? 20.709  -2.926  -0.611  1.00 49.86  ? 383 GLU A CG  1 
ATOM   284  C CD  . GLU A 1 35  ? 21.617  -2.555  0.548   1.00 75.00  ? 383 GLU A CD  1 
ATOM   285  O OE1 . GLU A 1 35  ? 22.815  -2.279  0.308   1.00 74.83  ? 383 GLU A OE1 1 
ATOM   286  O OE2 . GLU A 1 35  ? 21.132  -2.560  1.702   1.00 69.33  ? 383 GLU A OE2 1 
ATOM   287  N N   . ALA A 1 36  ? 19.302  0.988   -3.117  1.00 37.96  ? 384 ALA A N   1 
ATOM   288  C CA  . ALA A 1 36  ? 19.311  1.943   -4.228  1.00 37.79  ? 384 ALA A CA  1 
ATOM   289  C C   . ALA A 1 36  ? 19.810  3.314   -3.756  1.00 41.50  ? 384 ALA A C   1 
ATOM   290  O O   . ALA A 1 36  ? 19.669  3.644   -2.576  1.00 40.75  ? 384 ALA A O   1 
ATOM   291  C CB  . ALA A 1 36  ? 17.916  2.070   -4.821  1.00 38.48  ? 384 ALA A CB  1 
ATOM   292  N N   . LEU A 1 37  ? 20.395  4.104   -4.680  1.00 38.21  ? 385 LEU A N   1 
ATOM   293  C CA  . LEU A 1 37  ? 20.928  5.439   -4.396  1.00 38.19  ? 385 LEU A CA  1 
ATOM   294  C C   . LEU A 1 37  ? 19.832  6.406   -3.929  1.00 42.52  ? 385 LEU A C   1 
ATOM   295  O O   . LEU A 1 37  ? 18.804  6.553   -4.594  1.00 42.12  ? 385 LEU A O   1 
ATOM   296  C CB  . LEU A 1 37  ? 21.691  5.996   -5.614  1.00 38.22  ? 385 LEU A CB  1 
ATOM   297  C CG  . LEU A 1 37  ? 22.459  7.313   -5.417  1.00 43.08  ? 385 LEU A CG  1 
ATOM   298  C CD1 . LEU A 1 37  ? 23.745  7.105   -4.619  1.00 43.19  ? 385 LEU A CD1 1 
ATOM   299  C CD2 . LEU A 1 37  ? 22.785  7.949   -6.748  1.00 45.48  ? 385 LEU A CD2 1 
ATOM   300  N N   . GLY A 1 38  ? 20.072  7.022   -2.773  1.00 39.21  ? 386 GLY A N   1 
ATOM   301  C CA  . GLY A 1 38  ? 19.173  7.976   -2.135  1.00 39.08  ? 386 GLY A CA  1 
ATOM   302  C C   . GLY A 1 38  ? 18.292  7.389   -1.048  1.00 42.86  ? 386 GLY A C   1 
ATOM   303  O O   . GLY A 1 38  ? 17.600  8.137   -0.352  1.00 42.35  ? 386 GLY A O   1 
ATOM   304  N N   . LEU A 1 39  ? 18.318  6.050   -0.880  1.00 39.46  ? 387 LEU A N   1 
ATOM   305  C CA  . LEU A 1 39  ? 17.487  5.342   0.099   1.00 39.32  ? 387 LEU A CA  1 
ATOM   306  C C   . LEU A 1 39  ? 18.289  4.663   1.234   1.00 43.33  ? 387 LEU A C   1 
ATOM   307  O O   . LEU A 1 39  ? 17.807  3.707   1.851   1.00 42.81  ? 387 LEU A O   1 
ATOM   308  C CB  . LEU A 1 39  ? 16.560  4.340   -0.624  1.00 39.38  ? 387 LEU A CB  1 
ATOM   309  C CG  . LEU A 1 39  ? 15.531  4.957   -1.579  1.00 44.23  ? 387 LEU A CG  1 
ATOM   310  C CD1 . LEU A 1 39  ? 15.218  4.028   -2.726  1.00 44.48  ? 387 LEU A CD1 1 
ATOM   311  C CD2 . LEU A 1 39  ? 14.266  5.371   -0.846  1.00 46.90  ? 387 LEU A CD2 1 
ATOM   312  N N   . HIS A 1 40  ? 19.485  5.203   1.542   1.00 39.96  ? 388 HIS A N   1 
ATOM   313  C CA  . HIS A 1 40  ? 20.385  4.719   2.600   1.00 39.79  ? 388 HIS A CA  1 
ATOM   314  C C   . HIS A 1 40  ? 19.826  4.952   4.011   1.00 43.87  ? 388 HIS A C   1 
ATOM   315  O O   . HIS A 1 40  ? 20.164  4.211   4.935   1.00 43.64  ? 388 HIS A O   1 
ATOM   316  C CB  . HIS A 1 40  ? 21.770  5.382   2.469   1.00 40.38  ? 388 HIS A CB  1 
ATOM   317  C CG  . HIS A 1 40  ? 21.717  6.878   2.423   1.00 43.58  ? 388 HIS A CG  1 
ATOM   318  N ND1 . HIS A 1 40  ? 21.657  7.559   1.222   1.00 45.28  ? 388 HIS A ND1 1 
ATOM   319  C CD2 . HIS A 1 40  ? 21.677  7.775   3.435   1.00 45.15  ? 388 HIS A CD2 1 
ATOM   320  C CE1 . HIS A 1 40  ? 21.598  8.843   1.538   1.00 44.58  ? 388 HIS A CE1 1 
ATOM   321  N NE2 . HIS A 1 40  ? 21.606  9.021   2.858   1.00 44.87  ? 388 HIS A NE2 1 
ATOM   322  N N   . ASP A 1 41  ? 18.991  5.992   4.170   1.00 40.38  ? 389 ASP A N   1 
ATOM   323  C CA  . ASP A 1 41  ? 18.380  6.397   5.438   1.00 40.20  ? 389 ASP A CA  1 
ATOM   324  C C   . ASP A 1 41  ? 16.928  5.915   5.615   1.00 44.47  ? 389 ASP A C   1 
ATOM   325  O O   . ASP A 1 41  ? 16.300  6.259   6.621   1.00 44.14  ? 389 ASP A O   1 
ATOM   326  C CB  . ASP A 1 41  ? 18.474  7.931   5.595   1.00 41.88  ? 389 ASP A CB  1 
ATOM   327  C CG  . ASP A 1 41  ? 17.733  8.753   4.546   1.00 50.10  ? 389 ASP A CG  1 
ATOM   328  O OD1 . ASP A 1 41  ? 17.545  8.248   3.414   1.00 50.19  ? 389 ASP A OD1 1 
ATOM   329  O OD2 . ASP A 1 41  ? 17.380  9.912   4.844   1.00 55.93  ? 389 ASP A OD2 1 
ATOM   330  N N   . TYR A 1 42  ? 16.402  5.113   4.660   1.00 41.27  ? 390 TYR A N   1 
ATOM   331  C CA  . TYR A 1 42  ? 15.023  4.612   4.695   1.00 41.18  ? 390 TYR A CA  1 
ATOM   332  C C   . TYR A 1 42  ? 14.707  3.756   5.927   1.00 45.73  ? 390 TYR A C   1 
ATOM   333  O O   . TYR A 1 42  ? 13.640  3.931   6.514   1.00 44.93  ? 390 TYR A O   1 
ATOM   334  C CB  . TYR A 1 42  ? 14.651  3.875   3.395   1.00 42.05  ? 390 TYR A CB  1 
ATOM   335  C CG  . TYR A 1 42  ? 13.161  3.652   3.241   1.00 43.21  ? 390 TYR A CG  1 
ATOM   336  C CD1 . TYR A 1 42  ? 12.331  4.663   2.763   1.00 44.94  ? 390 TYR A CD1 1 
ATOM   337  C CD2 . TYR A 1 42  ? 12.577  2.436   3.580   1.00 43.87  ? 390 TYR A CD2 1 
ATOM   338  C CE1 . TYR A 1 42  ? 10.956  4.471   2.636   1.00 45.19  ? 390 TYR A CE1 1 
ATOM   339  C CE2 . TYR A 1 42  ? 11.204  2.231   3.456   1.00 44.64  ? 390 TYR A CE2 1 
ATOM   340  C CZ  . TYR A 1 42  ? 10.397  3.254   2.983   1.00 50.99  ? 390 TYR A CZ  1 
ATOM   341  O OH  . TYR A 1 42  ? 9.045   3.061   2.858   1.00 51.17  ? 390 TYR A OH  1 
ATOM   342  N N   . CYS A 1 43  ? 15.624  2.853   6.323   1.00 43.32  ? 391 CYS A N   1 
ATOM   343  C CA  . CYS A 1 43  ? 15.450  1.986   7.495   1.00 43.52  ? 391 CYS A CA  1 
ATOM   344  C C   . CYS A 1 43  ? 15.527  2.752   8.822   1.00 47.30  ? 391 CYS A C   1 
ATOM   345  O O   . CYS A 1 43  ? 14.948  2.309   9.816   1.00 47.08  ? 391 CYS A O   1 
ATOM   346  C CB  . CYS A 1 43  ? 16.430  0.818   7.463   1.00 44.09  ? 391 CYS A CB  1 
ATOM   347  S SG  . CYS A 1 43  ? 16.103  -0.385  6.149   1.00 48.15  ? 391 CYS A SG  1 
ATOM   348  N N   . ASP A 1 44  ? 16.231  3.901   8.832   1.00 43.63  ? 392 ASP A N   1 
ATOM   349  C CA  . ASP A 1 44  ? 16.388  4.753   10.012  1.00 43.46  ? 392 ASP A CA  1 
ATOM   350  C C   . ASP A 1 44  ? 15.124  5.569   10.300  1.00 46.63  ? 392 ASP A C   1 
ATOM   351  O O   . ASP A 1 44  ? 14.865  5.899   11.458  1.00 46.30  ? 392 ASP A O   1 
ATOM   352  C CB  . ASP A 1 44  ? 17.601  5.692   9.854   1.00 45.45  ? 392 ASP A CB  1 
ATOM   353  C CG  . ASP A 1 44  ? 18.919  5.016   9.501   1.00 56.51  ? 392 ASP A CG  1 
ATOM   354  O OD1 . ASP A 1 44  ? 19.052  3.795   9.751   1.00 57.27  ? 392 ASP A OD1 1 
ATOM   355  O OD2 . ASP A 1 44  ? 19.821  5.712   8.987   1.00 62.66  ? 392 ASP A OD2 1 
ATOM   356  N N   . ILE A 1 45  ? 14.353  5.907   9.248   1.00 42.33  ? 393 ILE A N   1 
ATOM   357  C CA  . ILE A 1 45  ? 13.122  6.696   9.353   1.00 41.85  ? 393 ILE A CA  1 
ATOM   358  C C   . ILE A 1 45  ? 11.877  5.788   9.374   1.00 44.34  ? 393 ILE A C   1 
ATOM   359  O O   . ILE A 1 45  ? 10.986  5.995   10.198  1.00 43.87  ? 393 ILE A O   1 
ATOM   360  C CB  . ILE A 1 45  ? 13.073  7.806   8.256   1.00 45.04  ? 393 ILE A CB  1 
ATOM   361  C CG1 . ILE A 1 45  ? 14.290  8.755   8.382   1.00 45.53  ? 393 ILE A CG1 1 
ATOM   362  C CG2 . ILE A 1 45  ? 11.756  8.607   8.300   1.00 45.77  ? 393 ILE A CG2 1 
ATOM   363  C CD1 . ILE A 1 45  ? 14.838  9.294   7.065   1.00 52.54  ? 393 ILE A CD1 1 
ATOM   364  N N   . ILE A 1 46  ? 11.833  4.782   8.486   1.00 39.99  ? 394 ILE A N   1 
ATOM   365  C CA  . ILE A 1 46  ? 10.714  3.842   8.380   1.00 39.33  ? 394 ILE A CA  1 
ATOM   366  C C   . ILE A 1 46  ? 11.028  2.546   9.129   1.00 43.05  ? 394 ILE A C   1 
ATOM   367  O O   . ILE A 1 46  ? 11.870  1.761   8.689   1.00 42.48  ? 394 ILE A O   1 
ATOM   368  C CB  . ILE A 1 46  ? 10.284  3.630   6.891   1.00 42.14  ? 394 ILE A CB  1 
ATOM   369  C CG1 . ILE A 1 46  ? 9.906   4.971   6.186   1.00 42.23  ? 394 ILE A CG1 1 
ATOM   370  C CG2 . ILE A 1 46  ? 9.182   2.571   6.736   1.00 42.71  ? 394 ILE A CG2 1 
ATOM   371  C CD1 . ILE A 1 46  ? 8.907   5.944   6.936   1.00 46.70  ? 394 ILE A CD1 1 
ATOM   372  N N   . LYS A 1 47  ? 10.350  2.342   10.271  1.00 39.94  ? 395 LYS A N   1 
ATOM   373  C CA  . LYS A 1 47  ? 10.534  1.169   11.133  1.00 39.83  ? 395 LYS A CA  1 
ATOM   374  C C   . LYS A 1 47  ? 9.692   -0.024  10.694  1.00 43.43  ? 395 LYS A C   1 
ATOM   375  O O   . LYS A 1 47  ? 10.116  -1.166  10.883  1.00 43.22  ? 395 LYS A O   1 
ATOM   376  C CB  . LYS A 1 47  ? 10.276  1.514   12.616  1.00 42.58  ? 395 LYS A CB  1 
ATOM   377  C CG  . LYS A 1 47  ? 11.127  2.667   13.170  1.00 58.79  ? 395 LYS A CG  1 
ATOM   378  C CD  . LYS A 1 47  ? 12.620  2.339   13.260  1.00 68.74  ? 395 LYS A CD  1 
ATOM   379  C CE  . LYS A 1 47  ? 13.447  3.577   13.483  1.00 78.06  ? 395 LYS A CE  1 
ATOM   380  N NZ  . LYS A 1 47  ? 14.878  3.344   13.161  1.00 85.75  ? 395 LYS A NZ  1 
ATOM   381  N N   . HIS A 1 48  ? 8.508   0.236   10.108  1.00 39.56  ? 396 HIS A N   1 
ATOM   382  C CA  . HIS A 1 48  ? 7.605   -0.806  9.625   1.00 39.08  ? 396 HIS A CA  1 
ATOM   383  C C   . HIS A 1 48  ? 7.314   -0.633  8.122   1.00 41.33  ? 396 HIS A C   1 
ATOM   384  O O   . HIS A 1 48  ? 6.299   -0.026  7.757   1.00 40.91  ? 396 HIS A O   1 
ATOM   385  C CB  . HIS A 1 48  ? 6.317   -0.869  10.469  1.00 40.08  ? 396 HIS A CB  1 
ATOM   386  C CG  . HIS A 1 48  ? 6.563   -1.110  11.925  1.00 43.67  ? 396 HIS A CG  1 
ATOM   387  N ND1 . HIS A 1 48  ? 6.952   -2.353  12.396  1.00 45.54  ? 396 HIS A ND1 1 
ATOM   388  C CD2 . HIS A 1 48  ? 6.467   -0.257  12.970  1.00 45.54  ? 396 HIS A CD2 1 
ATOM   389  C CE1 . HIS A 1 48  ? 7.084   -2.215  13.705  1.00 44.98  ? 396 HIS A CE1 1 
ATOM   390  N NE2 . HIS A 1 48  ? 6.802   -0.972  14.097  1.00 45.32  ? 396 HIS A NE2 1 
ATOM   391  N N   . PRO A 1 49  ? 8.208   -1.138  7.231   1.00 36.45  ? 397 PRO A N   1 
ATOM   392  C CA  . PRO A 1 49  ? 7.961   -0.988  5.785   1.00 35.56  ? 397 PRO A CA  1 
ATOM   393  C C   . PRO A 1 49  ? 6.832   -1.883  5.278   1.00 37.17  ? 397 PRO A C   1 
ATOM   394  O O   . PRO A 1 49  ? 6.684   -3.015  5.743   1.00 37.13  ? 397 PRO A O   1 
ATOM   395  C CB  . PRO A 1 49  ? 9.309   -1.348  5.153   1.00 37.46  ? 397 PRO A CB  1 
ATOM   396  C CG  . PRO A 1 49  ? 9.952   -2.263  6.129   1.00 42.14  ? 397 PRO A CG  1 
ATOM   397  C CD  . PRO A 1 49  ? 9.465   -1.870  7.495   1.00 37.85  ? 397 PRO A CD  1 
ATOM   398  N N   . MET A 1 50  ? 6.025   -1.362  4.338   1.00 31.19  ? 398 MET A N   1 
ATOM   399  C CA  . MET A 1 50  ? 4.897   -2.085  3.756   1.00 29.66  ? 398 MET A CA  1 
ATOM   400  C C   . MET A 1 50  ? 4.711   -1.725  2.285   1.00 31.55  ? 398 MET A C   1 
ATOM   401  O O   . MET A 1 50  ? 4.932   -0.581  1.891   1.00 30.54  ? 398 MET A O   1 
ATOM   402  C CB  . MET A 1 50  ? 3.608   -1.830  4.568   1.00 31.69  ? 398 MET A CB  1 
ATOM   403  C CG  . MET A 1 50  ? 2.452   -2.800  4.272   1.00 34.83  ? 398 MET A CG  1 
ATOM   404  S SD  . MET A 1 50  ? 2.812   -4.585  4.271   1.00 38.45  ? 398 MET A SD  1 
ATOM   405  C CE  . MET A 1 50  ? 3.318   -4.830  5.982   1.00 35.01  ? 398 MET A CE  1 
ATOM   406  N N   . ASP A 1 51  ? 4.320   -2.719  1.482   1.00 27.43  ? 399 ASP A N   1 
ATOM   407  C CA  . ASP A 1 51  ? 4.068   -2.595  0.048   1.00 27.24  ? 399 ASP A CA  1 
ATOM   408  C C   . ASP A 1 51  ? 2.928   -3.535  -0.345  1.00 31.14  ? 399 ASP A C   1 
ATOM   409  O O   . ASP A 1 51  ? 2.550   -4.406  0.439   1.00 31.02  ? 399 ASP A O   1 
ATOM   410  C CB  . ASP A 1 51  ? 5.335   -2.935  -0.746  1.00 28.89  ? 399 ASP A CB  1 
ATOM   411  C CG  . ASP A 1 51  ? 5.759   -4.370  -0.548  1.00 36.64  ? 399 ASP A CG  1 
ATOM   412  O OD1 . ASP A 1 51  ? 6.294   -4.679  0.531   1.00 36.86  ? 399 ASP A OD1 1 
ATOM   413  O OD2 . ASP A 1 51  ? 5.495   -5.195  -1.445  1.00 42.35  ? 399 ASP A OD2 1 
ATOM   414  N N   . MET A 1 52  ? 2.426   -3.388  -1.577  1.00 27.28  ? 400 MET A N   1 
ATOM   415  C CA  . MET A 1 52  ? 1.318   -4.170  -2.126  1.00 26.88  ? 400 MET A CA  1 
ATOM   416  C C   . MET A 1 52  ? 1.584   -5.678  -2.247  1.00 32.18  ? 400 MET A C   1 
ATOM   417  O O   . MET A 1 52  ? 0.667   -6.461  -1.988  1.00 32.03  ? 400 MET A O   1 
ATOM   418  C CB  . MET A 1 52  ? 0.882   -3.590  -3.469  1.00 28.73  ? 400 MET A CB  1 
ATOM   419  C CG  . MET A 1 52  ? 0.165   -2.259  -3.343  1.00 31.69  ? 400 MET A CG  1 
ATOM   420  S SD  . MET A 1 52  ? 0.142   -1.310  -4.879  1.00 35.14  ? 400 MET A SD  1 
ATOM   421  C CE  . MET A 1 52  ? -0.685  -2.433  -5.938  1.00 31.71  ? 400 MET A CE  1 
ATOM   422  N N   . SER A 1 53  ? 2.813   -6.089  -2.638  1.00 29.56  ? 401 SER A N   1 
ATOM   423  C CA  . SER A 1 53  ? 3.173   -7.511  -2.771  1.00 29.62  ? 401 SER A CA  1 
ATOM   424  C C   . SER A 1 53  ? 3.190   -8.226  -1.421  1.00 34.66  ? 401 SER A C   1 
ATOM   425  O O   . SER A 1 53  ? 2.781   -9.385  -1.351  1.00 34.49  ? 401 SER A O   1 
ATOM   426  C CB  . SER A 1 53  ? 4.503   -7.684  -3.493  1.00 32.49  ? 401 SER A CB  1 
ATOM   427  O OG  . SER A 1 53  ? 4.384   -7.336  -4.863  1.00 39.46  ? 401 SER A OG  1 
ATOM   428  N N   . THR A 1 54  ? 3.630   -7.527  -0.351  1.00 31.81  ? 402 THR A N   1 
ATOM   429  C CA  . THR A 1 54  ? 3.651   -8.051  1.017   1.00 31.92  ? 402 THR A CA  1 
ATOM   430  C C   . THR A 1 54  ? 2.207   -8.199  1.520   1.00 36.59  ? 402 THR A C   1 
ATOM   431  O O   . THR A 1 54  ? 1.892   -9.210  2.154   1.00 36.32  ? 402 THR A O   1 
ATOM   432  C CB  . THR A 1 54  ? 4.564   -7.202  1.918   1.00 39.92  ? 402 THR A CB  1 
ATOM   433  O OG1 . THR A 1 54  ? 5.874   -7.196  1.353   1.00 39.99  ? 402 THR A OG1 1 
ATOM   434  C CG2 . THR A 1 54  ? 4.650   -7.730  3.348   1.00 38.50  ? 402 THR A CG2 1 
ATOM   435  N N   . ILE A 1 55  ? 1.327   -7.219  1.189   1.00 33.32  ? 403 ILE A N   1 
ATOM   436  C CA  . ILE A 1 55  ? -0.100  -7.244  1.539   1.00 33.22  ? 403 ILE A CA  1 
ATOM   437  C C   . ILE A 1 55  ? -0.780  -8.434  0.832   1.00 37.68  ? 403 ILE A C   1 
ATOM   438  O O   . ILE A 1 55  ? -1.546  -9.159  1.472   1.00 37.70  ? 403 ILE A O   1 
ATOM   439  C CB  . ILE A 1 55  ? -0.811  -5.878  1.265   1.00 36.16  ? 403 ILE A CB  1 
ATOM   440  C CG1 . ILE A 1 55  ? -0.224  -4.752  2.145   1.00 36.62  ? 403 ILE A CG1 1 
ATOM   441  C CG2 . ILE A 1 55  ? -2.328  -5.979  1.483   1.00 36.59  ? 403 ILE A CG2 1 
ATOM   442  C CD1 . ILE A 1 55  ? -0.444  -3.303  1.620   1.00 42.92  ? 403 ILE A CD1 1 
ATOM   443  N N   . LYS A 1 56  ? -0.461  -8.654  -0.466  1.00 34.49  ? 404 LYS A N   1 
ATOM   444  C CA  . LYS A 1 56  ? -0.990  -9.764  -1.268  1.00 34.57  ? 404 LYS A CA  1 
ATOM   445  C C   . LYS A 1 56  ? -0.594  -11.112 -0.669  1.00 39.94  ? 404 LYS A C   1 
ATOM   446  O O   . LYS A 1 56  ? -1.433  -12.011 -0.597  1.00 39.89  ? 404 LYS A O   1 
ATOM   447  C CB  . LYS A 1 56  ? -0.532  -9.667  -2.733  1.00 36.70  ? 404 LYS A CB  1 
ATOM   448  C CG  . LYS A 1 56  ? -1.360  -10.536 -3.676  1.00 48.68  ? 404 LYS A CG  1 
ATOM   449  C CD  . LYS A 1 56  ? -0.760  -10.625 -5.067  1.00 57.90  ? 404 LYS A CD  1 
ATOM   450  C CE  . LYS A 1 56  ? -1.552  -11.565 -5.942  1.00 68.84  ? 404 LYS A CE  1 
ATOM   451  N NZ  . LYS A 1 56  ? -0.979  -11.660 -7.309  1.00 78.65  ? 404 LYS A NZ  1 
ATOM   452  N N   . SER A 1 57  ? 0.672   -11.238 -0.222  1.00 37.19  ? 405 SER A N   1 
ATOM   453  C CA  . SER A 1 57  ? 1.202   -12.449 0.407   1.00 37.29  ? 405 SER A CA  1 
ATOM   454  C C   . SER A 1 57  ? 0.565   -12.667 1.779   1.00 41.62  ? 405 SER A C   1 
ATOM   455  O O   . SER A 1 57  ? 0.250   -13.808 2.116   1.00 41.40  ? 405 SER A O   1 
ATOM   456  C CB  . SER A 1 57  ? 2.720   -12.374 0.528   1.00 40.67  ? 405 SER A CB  1 
ATOM   457  O OG  . SER A 1 57  ? 3.326   -12.276 -0.750  1.00 48.99  ? 405 SER A OG  1 
ATOM   458  N N   . LYS A 1 58  ? 0.350   -11.576 2.550   1.00 38.21  ? 406 LYS A N   1 
ATOM   459  C CA  . LYS A 1 58  ? -0.284  -11.618 3.873   1.00 38.05  ? 406 LYS A CA  1 
ATOM   460  C C   . LYS A 1 58  ? -1.751  -12.041 3.788   1.00 42.84  ? 406 LYS A C   1 
ATOM   461  O O   . LYS A 1 58  ? -2.219  -12.756 4.674   1.00 42.56  ? 406 LYS A O   1 
ATOM   462  C CB  . LYS A 1 58  ? -0.132  -10.284 4.617   1.00 40.04  ? 406 LYS A CB  1 
ATOM   463  C CG  . LYS A 1 58  ? 1.210   -10.139 5.327   1.00 47.72  ? 406 LYS A CG  1 
ATOM   464  C CD  . LYS A 1 58  ? 1.343   -8.817  6.079   1.00 53.58  ? 406 LYS A CD  1 
ATOM   465  C CE  . LYS A 1 58  ? 0.854   -8.890  7.507   1.00 58.02  ? 406 LYS A CE  1 
ATOM   466  N NZ  . LYS A 1 58  ? 1.147   -7.638  8.252   1.00 63.02  ? 406 LYS A NZ  1 
ATOM   467  N N   . LEU A 1 59  ? -2.466  -11.629 2.714   1.00 39.86  ? 407 LEU A N   1 
ATOM   468  C CA  . LEU A 1 59  ? -3.862  -12.013 2.473   1.00 40.11  ? 407 LEU A CA  1 
ATOM   469  C C   . LEU A 1 59  ? -3.937  -13.509 2.147   1.00 45.13  ? 407 LEU A C   1 
ATOM   470  O O   . LEU A 1 59  ? -4.805  -14.207 2.674   1.00 44.50  ? 407 LEU A O   1 
ATOM   471  C CB  . LEU A 1 59  ? -4.472  -11.206 1.308   1.00 40.10  ? 407 LEU A CB  1 
ATOM   472  C CG  . LEU A 1 59  ? -5.116  -9.855  1.629   1.00 44.60  ? 407 LEU A CG  1 
ATOM   473  C CD1 . LEU A 1 59  ? -5.243  -9.018  0.375   1.00 44.75  ? 407 LEU A CD1 1 
ATOM   474  C CD2 . LEU A 1 59  ? -6.495  -10.024 2.262   1.00 46.66  ? 407 LEU A CD2 1 
ATOM   475  N N   . GLU A 1 60  ? -3.015  -13.991 1.285   1.00 42.72  ? 408 GLU A N   1 
ATOM   476  C CA  . GLU A 1 60  ? -2.915  -15.387 0.849   1.00 42.92  ? 408 GLU A CA  1 
ATOM   477  C C   . GLU A 1 60  ? -2.510  -16.317 1.995   1.00 47.48  ? 408 GLU A C   1 
ATOM   478  O O   . GLU A 1 60  ? -2.962  -17.463 2.033   1.00 47.28  ? 408 GLU A O   1 
ATOM   479  C CB  . GLU A 1 60  ? -1.955  -15.520 -0.344  1.00 44.31  ? 408 GLU A CB  1 
ATOM   480  C CG  . GLU A 1 60  ? -2.527  -14.967 -1.642  1.00 55.12  ? 408 GLU A CG  1 
ATOM   481  C CD  . GLU A 1 60  ? -1.537  -14.611 -2.738  1.00 76.18  ? 408 GLU A CD  1 
ATOM   482  O OE1 . GLU A 1 60  ? -0.366  -14.295 -2.421  1.00 71.24  ? 408 GLU A OE1 1 
ATOM   483  O OE2 . GLU A 1 60  ? -1.953  -14.598 -3.918  1.00 69.99  ? 408 GLU A OE2 1 
ATOM   484  N N   . ALA A 1 61  ? -1.689  -15.811 2.941   1.00 44.35  ? 409 ALA A N   1 
ATOM   485  C CA  . ALA A 1 61  ? -1.236  -16.544 4.128   1.00 44.33  ? 409 ALA A CA  1 
ATOM   486  C C   . ALA A 1 61  ? -2.211  -16.366 5.312   1.00 48.48  ? 409 ALA A C   1 
ATOM   487  O O   . ALA A 1 61  ? -1.941  -16.866 6.409   1.00 48.03  ? 409 ALA A O   1 
ATOM   488  C CB  . ALA A 1 61  ? 0.167   -16.098 4.518   1.00 45.03  ? 409 ALA A CB  1 
ATOM   489  N N   . ARG A 1 62  ? -3.351  -15.669 5.072   1.00 45.26  ? 410 ARG A N   1 
ATOM   490  C CA  . ARG A 1 62  ? -4.441  -15.396 6.025   1.00 45.22  ? 410 ARG A CA  1 
ATOM   491  C C   . ARG A 1 62  ? -3.954  -14.703 7.315   1.00 48.76  ? 410 ARG A C   1 
ATOM   492  O O   . ARG A 1 62  ? -4.369  -15.066 8.421   1.00 48.55  ? 410 ARG A O   1 
ATOM   493  C CB  . ARG A 1 62  ? -5.256  -16.674 6.323   1.00 46.40  ? 410 ARG A CB  1 
ATOM   494  C CG  . ARG A 1 62  ? -5.971  -17.258 5.104   1.00 58.84  ? 410 ARG A CG  1 
ATOM   495  C CD  . ARG A 1 62  ? -6.469  -18.668 5.360   1.00 71.36  ? 410 ARG A CD  1 
ATOM   496  N NE  . ARG A 1 62  ? -7.654  -18.691 6.220   1.00 81.54  ? 410 ARG A NE  1 
ATOM   497  C CZ  . ARG A 1 62  ? -8.156  -19.787 6.782   1.00 96.03  ? 410 ARG A CZ  1 
ATOM   498  N NH1 . ARG A 1 62  ? -7.576  -20.966 6.591   1.00 82.83  ? 410 ARG A NH1 1 
ATOM   499  N NH2 . ARG A 1 62  ? -9.237  -19.712 7.547   1.00 82.84  ? 410 ARG A NH2 1 
ATOM   500  N N   . GLU A 1 63  ? -3.082  -13.694 7.158   1.00 44.71  ? 411 GLU A N   1 
ATOM   501  C CA  . GLU A 1 63  ? -2.501  -12.932 8.266   1.00 44.25  ? 411 GLU A CA  1 
ATOM   502  C C   . GLU A 1 63  ? -3.411  -11.795 8.769   1.00 47.58  ? 411 GLU A C   1 
ATOM   503  O O   . GLU A 1 63  ? -3.129  -11.219 9.822   1.00 47.66  ? 411 GLU A O   1 
ATOM   504  C CB  . GLU A 1 63  ? -1.094  -12.422 7.906   1.00 45.61  ? 411 GLU A CB  1 
ATOM   505  C CG  . GLU A 1 63  ? -0.048  -13.527 7.887   1.00 55.31  ? 411 GLU A CG  1 
ATOM   506  C CD  . GLU A 1 63  ? 1.335   -13.127 7.412   1.00 74.24  ? 411 GLU A CD  1 
ATOM   507  O OE1 . GLU A 1 63  ? 1.923   -12.189 7.999   1.00 69.93  ? 411 GLU A OE1 1 
ATOM   508  O OE2 . GLU A 1 63  ? 1.848   -13.781 6.476   1.00 66.34  ? 411 GLU A OE2 1 
ATOM   509  N N   . TYR A 1 64  ? -4.509  -11.495 8.041   1.00 43.18  ? 412 TYR A N   1 
ATOM   510  C CA  . TYR A 1 64  ? -5.483  -10.471 8.440   1.00 42.42  ? 412 TYR A CA  1 
ATOM   511  C C   . TYR A 1 64  ? -6.768  -11.143 8.924   1.00 45.66  ? 412 TYR A C   1 
ATOM   512  O O   . TYR A 1 64  ? -7.357  -11.939 8.189   1.00 44.84  ? 412 TYR A O   1 
ATOM   513  C CB  . TYR A 1 64  ? -5.813  -9.502  7.283   1.00 43.15  ? 412 TYR A CB  1 
ATOM   514  C CG  . TYR A 1 64  ? -4.625  -8.858  6.602   1.00 44.09  ? 412 TYR A CG  1 
ATOM   515  C CD1 . TYR A 1 64  ? -3.803  -7.966  7.285   1.00 45.91  ? 412 TYR A CD1 1 
ATOM   516  C CD2 . TYR A 1 64  ? -4.378  -9.063  5.248   1.00 44.52  ? 412 TYR A CD2 1 
ATOM   517  C CE1 . TYR A 1 64  ? -2.726  -7.346  6.656   1.00 46.46  ? 412 TYR A CE1 1 
ATOM   518  C CE2 . TYR A 1 64  ? -3.308  -8.444  4.605   1.00 45.20  ? 412 TYR A CE2 1 
ATOM   519  C CZ  . TYR A 1 64  ? -2.483  -7.588  5.313   1.00 51.49  ? 412 TYR A CZ  1 
ATOM   520  O OH  . TYR A 1 64  ? -1.428  -6.980  4.680   1.00 50.84  ? 412 TYR A OH  1 
ATOM   521  N N   . ARG A 1 65  ? -7.201  -10.817 10.157  1.00 42.33  ? 413 ARG A N   1 
ATOM   522  C CA  . ARG A 1 65  ? -8.427  -11.354 10.761  1.00 42.11  ? 413 ARG A CA  1 
ATOM   523  C C   . ARG A 1 65  ? -9.675  -10.777 10.083  1.00 45.61  ? 413 ARG A C   1 
ATOM   524  O O   . ARG A 1 65  ? -10.666 -11.490 9.914   1.00 45.26  ? 413 ARG A O   1 
ATOM   525  C CB  . ARG A 1 65  ? -8.466  -11.059 12.272  1.00 42.62  ? 413 ARG A CB  1 
ATOM   526  C CG  . ARG A 1 65  ? -7.595  -11.987 13.110  1.00 53.06  ? 413 ARG A CG  1 
ATOM   527  C CD  . ARG A 1 65  ? -7.049  -11.282 14.337  1.00 62.38  ? 413 ARG A CD  1 
ATOM   528  N NE  . ARG A 1 65  ? -7.965  -11.334 15.479  1.00 70.44  ? 413 ARG A NE  1 
ATOM   529  C CZ  . ARG A 1 65  ? -8.076  -10.378 16.398  1.00 84.17  ? 413 ARG A CZ  1 
ATOM   530  N NH1 . ARG A 1 65  ? -7.353  -9.269  16.306  1.00 71.34  ? 413 ARG A NH1 1 
ATOM   531  N NH2 . ARG A 1 65  ? -8.921  -10.519 17.411  1.00 70.96  ? 413 ARG A NH2 1 
ATOM   532  N N   . ASP A 1 66  ? -9.617  -9.485  9.697   1.00 41.62  ? 414 ASP A N   1 
ATOM   533  C CA  . ASP A 1 66  ? -10.719 -8.751  9.070   1.00 41.02  ? 414 ASP A CA  1 
ATOM   534  C C   . ASP A 1 66  ? -10.236 -7.681  8.071   1.00 43.91  ? 414 ASP A C   1 
ATOM   535  O O   . ASP A 1 66  ? -9.036  -7.586  7.797   1.00 43.34  ? 414 ASP A O   1 
ATOM   536  C CB  . ASP A 1 66  ? -11.630 -8.130  10.155  1.00 42.82  ? 414 ASP A CB  1 
ATOM   537  C CG  . ASP A 1 66  ? -10.911 -7.491  11.336  1.00 52.62  ? 414 ASP A CG  1 
ATOM   538  O OD1 . ASP A 1 66  ? -9.894  -6.798  11.112  1.00 53.31  ? 414 ASP A OD1 1 
ATOM   539  O OD2 . ASP A 1 66  ? -11.388 -7.654  12.479  1.00 58.61  ? 414 ASP A OD2 1 
ATOM   540  N N   . ALA A 1 67  ? -11.182 -6.884  7.528   1.00 39.60  ? 415 ALA A N   1 
ATOM   541  C CA  . ALA A 1 67  ? -10.924 -5.801  6.577   1.00 38.71  ? 415 ALA A CA  1 
ATOM   542  C C   . ALA A 1 67  ? -10.107 -4.668  7.200   1.00 41.15  ? 415 ALA A C   1 
ATOM   543  O O   . ALA A 1 67  ? -9.275  -4.079  6.508   1.00 40.44  ? 415 ALA A O   1 
ATOM   544  C CB  . ALA A 1 67  ? -12.237 -5.259  6.031   1.00 39.39  ? 415 ALA A CB  1 
ATOM   545  N N   . GLN A 1 68  ? -10.332 -4.378  8.502   1.00 37.17  ? 416 GLN A N   1 
ATOM   546  C CA  . GLN A 1 68  ? -9.633  -3.322  9.245   1.00 36.69  ? 416 GLN A CA  1 
ATOM   547  C C   . GLN A 1 68  ? -8.135  -3.583  9.378   1.00 39.82  ? 416 GLN A C   1 
ATOM   548  O O   . GLN A 1 68  ? -7.354  -2.636  9.340   1.00 39.40  ? 416 GLN A O   1 
ATOM   549  C CB  . GLN A 1 68  ? -10.277 -3.055  10.623  1.00 37.99  ? 416 GLN A CB  1 
ATOM   550  C CG  . GLN A 1 68  ? -11.760 -2.644  10.589  1.00 55.41  ? 416 GLN A CG  1 
ATOM   551  C CD  . GLN A 1 68  ? -12.106 -1.615  9.535   1.00 76.02  ? 416 GLN A CD  1 
ATOM   552  O OE1 . GLN A 1 68  ? -11.641 -0.469  9.563   1.00 70.98  ? 416 GLN A OE1 1 
ATOM   553  N NE2 . GLN A 1 68  ? -12.939 -2.006  8.579   1.00 69.02  ? 416 GLN A NE2 1 
ATOM   554  N N   . GLU A 1 69  ? -7.736  -4.864  9.506   1.00 35.93  ? 417 GLU A N   1 
ATOM   555  C CA  . GLU A 1 69  ? -6.328  -5.265  9.598   1.00 35.44  ? 417 GLU A CA  1 
ATOM   556  C C   . GLU A 1 69  ? -5.633  -5.102  8.245   1.00 38.32  ? 417 GLU A C   1 
ATOM   557  O O   . GLU A 1 69  ? -4.471  -4.694  8.208   1.00 38.12  ? 417 GLU A O   1 
ATOM   558  C CB  . GLU A 1 69  ? -6.187  -6.695  10.138  1.00 36.84  ? 417 GLU A CB  1 
ATOM   559  C CG  . GLU A 1 69  ? -6.502  -6.796  11.623  1.00 46.63  ? 417 GLU A CG  1 
ATOM   560  C CD  . GLU A 1 69  ? -6.143  -8.088  12.333  1.00 62.10  ? 417 GLU A CD  1 
ATOM   561  O OE1 . GLU A 1 69  ? -5.640  -9.029  11.676  1.00 50.74  ? 417 GLU A OE1 1 
ATOM   562  O OE2 . GLU A 1 69  ? -6.362  -8.153  13.564  1.00 56.65  ? 417 GLU A OE2 1 
ATOM   563  N N   . PHE A 1 70  ? -6.355  -5.395  7.139   1.00 33.78  ? 418 PHE A N   1 
ATOM   564  C CA  . PHE A 1 70  ? -5.879  -5.224  5.761   1.00 33.01  ? 418 PHE A CA  1 
ATOM   565  C C   . PHE A 1 70  ? -5.707  -3.724  5.487   1.00 36.12  ? 418 PHE A C   1 
ATOM   566  O O   . PHE A 1 70  ? -4.673  -3.311  4.960   1.00 35.35  ? 418 PHE A O   1 
ATOM   567  C CB  . PHE A 1 70  ? -6.883  -5.845  4.761   1.00 34.46  ? 418 PHE A CB  1 
ATOM   568  C CG  . PHE A 1 70  ? -6.810  -5.333  3.337   1.00 35.61  ? 418 PHE A CG  1 
ATOM   569  C CD1 . PHE A 1 70  ? -5.950  -5.916  2.415   1.00 38.41  ? 418 PHE A CD1 1 
ATOM   570  C CD2 . PHE A 1 70  ? -7.613  -4.278  2.916   1.00 37.25  ? 418 PHE A CD2 1 
ATOM   571  C CE1 . PHE A 1 70  ? -5.893  -5.449  1.097   1.00 39.20  ? 418 PHE A CE1 1 
ATOM   572  C CE2 . PHE A 1 70  ? -7.558  -3.817  1.599   1.00 39.87  ? 418 PHE A CE2 1 
ATOM   573  C CZ  . PHE A 1 70  ? -6.692  -4.397  0.701   1.00 37.97  ? 418 PHE A CZ  1 
ATOM   574  N N   . GLY A 1 71  ? -6.731  -2.945  5.850   1.00 32.39  ? 419 GLY A N   1 
ATOM   575  C CA  . GLY A 1 71  ? -6.785  -1.496  5.690   1.00 31.88  ? 419 GLY A CA  1 
ATOM   576  C C   . GLY A 1 71  ? -5.682  -0.770  6.428   1.00 35.04  ? 419 GLY A C   1 
ATOM   577  O O   . GLY A 1 71  ? -5.188  0.253   5.948   1.00 34.45  ? 419 GLY A O   1 
ATOM   578  N N   . ALA A 1 72  ? -5.275  -1.314  7.596   1.00 31.22  ? 420 ALA A N   1 
ATOM   579  C CA  . ALA A 1 72  ? -4.202  -0.776  8.431   1.00 30.75  ? 420 ALA A CA  1 
ATOM   580  C C   . ALA A 1 72  ? -2.846  -0.891  7.720   1.00 33.71  ? 420 ALA A C   1 
ATOM   581  O O   . ALA A 1 72  ? -2.055  0.050   7.784   1.00 33.50  ? 420 ALA A O   1 
ATOM   582  C CB  . ALA A 1 72  ? -4.162  -1.500  9.770   1.00 31.48  ? 420 ALA A CB  1 
ATOM   583  N N   . ASP A 1 73  ? -2.599  -2.022  7.024   1.00 29.50  ? 421 ASP A N   1 
ATOM   584  C CA  . ASP A 1 73  ? -1.363  -2.272  6.277   1.00 29.33  ? 421 ASP A CA  1 
ATOM   585  C C   . ASP A 1 73  ? -1.276  -1.411  5.016   1.00 32.88  ? 421 ASP A C   1 
ATOM   586  O O   . ASP A 1 73  ? -0.196  -0.913  4.696   1.00 32.47  ? 421 ASP A O   1 
ATOM   587  C CB  . ASP A 1 73  ? -1.210  -3.767  5.938   1.00 31.13  ? 421 ASP A CB  1 
ATOM   588  C CG  . ASP A 1 73  ? -0.268  -4.543  6.848   1.00 38.99  ? 421 ASP A CG  1 
ATOM   589  O OD1 . ASP A 1 73  ? 0.135   -3.997  7.897   1.00 39.64  ? 421 ASP A OD1 1 
ATOM   590  O OD2 . ASP A 1 73  ? 0.064   -5.695  6.510   1.00 43.14  ? 421 ASP A OD2 1 
ATOM   591  N N   . VAL A 1 74  ? -2.413  -1.223  4.316   1.00 29.02  ? 422 VAL A N   1 
ATOM   592  C CA  . VAL A 1 74  ? -2.506  -0.390  3.112   1.00 28.52  ? 422 VAL A CA  1 
ATOM   593  C C   . VAL A 1 74  ? -2.223  1.073   3.505   1.00 31.30  ? 422 VAL A C   1 
ATOM   594  O O   . VAL A 1 74  ? -1.486  1.762   2.801   1.00 30.86  ? 422 VAL A O   1 
ATOM   595  C CB  . VAL A 1 74  ? -3.863  -0.564  2.369   1.00 32.32  ? 422 VAL A CB  1 
ATOM   596  C CG1 . VAL A 1 74  ? -3.968  0.368   1.165   1.00 32.28  ? 422 VAL A CG1 1 
ATOM   597  C CG2 . VAL A 1 74  ? -4.069  -2.011  1.929   1.00 32.02  ? 422 VAL A CG2 1 
ATOM   598  N N   . ARG A 1 75  ? -2.761  1.515   4.655   1.00 27.12  ? 423 ARG A N   1 
ATOM   599  C CA  . ARG A 1 75  ? -2.549  2.872   5.162   1.00 26.73  ? 423 ARG A CA  1 
ATOM   600  C C   . ARG A 1 75  ? -1.158  3.074   5.736   1.00 30.28  ? 423 ARG A C   1 
ATOM   601  O O   . ARG A 1 75  ? -0.656  4.196   5.694   1.00 30.22  ? 423 ARG A O   1 
ATOM   602  C CB  . ARG A 1 75  ? -3.634  3.281   6.151   1.00 26.42  ? 423 ARG A CB  1 
ATOM   603  C CG  . ARG A 1 75  ? -4.930  3.640   5.448   1.00 35.32  ? 423 ARG A CG  1 
ATOM   604  C CD  . ARG A 1 75  ? -6.038  3.778   6.447   1.00 41.13  ? 423 ARG A CD  1 
ATOM   605  N NE  . ARG A 1 75  ? -7.339  3.973   5.813   1.00 44.47  ? 423 ARG A NE  1 
ATOM   606  C CZ  . ARG A 1 75  ? -8.489  3.593   6.355   1.00 54.98  ? 423 ARG A CZ  1 
ATOM   607  N NH1 . ARG A 1 75  ? -8.508  2.984   7.534   1.00 41.78  ? 423 ARG A NH1 1 
ATOM   608  N NH2 . ARG A 1 75  ? -9.632  3.810   5.718   1.00 41.47  ? 423 ARG A NH2 1 
ATOM   609  N N   . LEU A 1 76  ? -0.524  1.991   6.238   1.00 26.31  ? 424 LEU A N   1 
ATOM   610  C CA  . LEU A 1 76  ? 0.851   2.001   6.750   1.00 25.84  ? 424 LEU A CA  1 
ATOM   611  C C   . LEU A 1 76  ? 1.794   2.293   5.572   1.00 28.52  ? 424 LEU A C   1 
ATOM   612  O O   . LEU A 1 76  ? 2.699   3.114   5.704   1.00 27.89  ? 424 LEU A O   1 
ATOM   613  C CB  . LEU A 1 76  ? 1.187   0.644   7.412   1.00 26.02  ? 424 LEU A CB  1 
ATOM   614  C CG  . LEU A 1 76  ? 2.637   0.381   7.863   1.00 30.97  ? 424 LEU A CG  1 
ATOM   615  C CD1 . LEU A 1 76  ? 3.036   1.271   9.036   1.00 31.11  ? 424 LEU A CD1 1 
ATOM   616  C CD2 . LEU A 1 76  ? 2.824   -1.074  8.241   1.00 33.27  ? 424 LEU A CD2 1 
ATOM   617  N N   . MET A 1 77  ? 1.529   1.652   4.415   1.00 24.38  ? 425 MET A N   1 
ATOM   618  C CA  . MET A 1 77  ? 2.257   1.812   3.155   1.00 24.00  ? 425 MET A CA  1 
ATOM   619  C C   . MET A 1 77  ? 2.223   3.285   2.700   1.00 27.17  ? 425 MET A C   1 
ATOM   620  O O   . MET A 1 77  ? 3.268   3.835   2.347   1.00 26.60  ? 425 MET A O   1 
ATOM   621  C CB  . MET A 1 77  ? 1.647   0.876   2.094   1.00 26.28  ? 425 MET A CB  1 
ATOM   622  C CG  . MET A 1 77  ? 2.234   1.027   0.704   1.00 29.81  ? 425 MET A CG  1 
ATOM   623  S SD  . MET A 1 77  ? 1.398   -0.040  -0.490  1.00 33.93  ? 425 MET A SD  1 
ATOM   624  C CE  . MET A 1 77  ? -0.094  0.884   -0.779  1.00 30.42  ? 425 MET A CE  1 
ATOM   625  N N   . PHE A 1 78  ? 1.036   3.925   2.747   1.00 23.17  ? 426 PHE A N   1 
ATOM   626  C CA  . PHE A 1 78  ? 0.883   5.331   2.369   1.00 22.67  ? 426 PHE A CA  1 
ATOM   627  C C   . PHE A 1 78  ? 1.519   6.272   3.390   1.00 27.00  ? 426 PHE A C   1 
ATOM   628  O O   . PHE A 1 78  ? 2.198   7.210   2.984   1.00 27.22  ? 426 PHE A O   1 
ATOM   629  C CB  . PHE A 1 78  ? -0.587  5.699   2.086   1.00 23.95  ? 426 PHE A CB  1 
ATOM   630  C CG  . PHE A 1 78  ? -1.215  4.979   0.911   1.00 24.80  ? 426 PHE A CG  1 
ATOM   631  C CD1 . PHE A 1 78  ? -0.632  5.029   -0.353  1.00 27.38  ? 426 PHE A CD1 1 
ATOM   632  C CD2 . PHE A 1 78  ? -2.423  4.308   1.052   1.00 25.98  ? 426 PHE A CD2 1 
ATOM   633  C CE1 . PHE A 1 78  ? -1.220  4.373   -1.439  1.00 27.88  ? 426 PHE A CE1 1 
ATOM   634  C CE2 . PHE A 1 78  ? -3.014  3.661   -0.037  1.00 28.39  ? 426 PHE A CE2 1 
ATOM   635  C CZ  . PHE A 1 78  ? -2.408  3.696   -1.273  1.00 26.45  ? 426 PHE A CZ  1 
ATOM   636  N N   . SER A 1 79  ? 1.339   5.997   4.704   1.00 23.54  ? 427 SER A N   1 
ATOM   637  C CA  . SER A 1 79  ? 1.924   6.791   5.795   1.00 23.45  ? 427 SER A CA  1 
ATOM   638  C C   . SER A 1 79  ? 3.455   6.770   5.775   1.00 27.58  ? 427 SER A C   1 
ATOM   639  O O   . SER A 1 79  ? 4.074   7.776   6.115   1.00 27.41  ? 427 SER A O   1 
ATOM   640  C CB  . SER A 1 79  ? 1.405   6.330   7.152   1.00 26.65  ? 427 SER A CB  1 
ATOM   641  O OG  . SER A 1 79  ? 0.018   6.597   7.278   1.00 34.70  ? 427 SER A OG  1 
ATOM   642  N N   . ASN A 1 80  ? 4.061   5.638   5.358   1.00 24.29  ? 428 ASN A N   1 
ATOM   643  C CA  . ASN A 1 80  ? 5.516   5.494   5.228   1.00 24.22  ? 428 ASN A CA  1 
ATOM   644  C C   . ASN A 1 80  ? 6.044   6.444   4.150   1.00 29.03  ? 428 ASN A C   1 
ATOM   645  O O   . ASN A 1 80  ? 7.110   7.040   4.322   1.00 28.96  ? 428 ASN A O   1 
ATOM   646  C CB  . ASN A 1 80  ? 5.900   4.050   4.881   1.00 22.23  ? 428 ASN A CB  1 
ATOM   647  C CG  . ASN A 1 80  ? 5.786   3.062   6.016   1.00 36.34  ? 428 ASN A CG  1 
ATOM   648  O OD1 . ASN A 1 80  ? 5.769   3.416   7.201   1.00 30.75  ? 428 ASN A OD1 1 
ATOM   649  N ND2 . ASN A 1 80  ? 5.750   1.786   5.672   1.00 26.55  ? 428 ASN A ND2 1 
ATOM   650  N N   . CYS A 1 81  ? 5.279   6.600   3.053   1.00 25.65  ? 429 CYS A N   1 
ATOM   651  C CA  . CYS A 1 81  ? 5.609   7.484   1.936   1.00 25.53  ? 429 CYS A CA  1 
ATOM   652  C C   . CYS A 1 81  ? 5.526   8.955   2.364   1.00 30.18  ? 429 CYS A C   1 
ATOM   653  O O   . CYS A 1 81  ? 6.421   9.734   2.032   1.00 29.70  ? 429 CYS A O   1 
ATOM   654  C CB  . CYS A 1 81  ? 4.713   7.192   0.735   1.00 25.48  ? 429 CYS A CB  1 
ATOM   655  S SG  . CYS A 1 81  ? 5.176   8.081   -0.772  1.00 29.15  ? 429 CYS A SG  1 
ATOM   656  N N   . TYR A 1 82  ? 4.472   9.318   3.123   1.00 27.32  ? 430 TYR A N   1 
ATOM   657  C CA  . TYR A 1 82  ? 4.260   10.683  3.609   1.00 27.47  ? 430 TYR A CA  1 
ATOM   658  C C   . TYR A 1 82  ? 5.289   11.102  4.665   1.00 32.41  ? 430 TYR A C   1 
ATOM   659  O O   . TYR A 1 82  ? 5.658   12.274  4.710   1.00 32.13  ? 430 TYR A O   1 
ATOM   660  C CB  . TYR A 1 82  ? 2.818   10.887  4.124   1.00 28.33  ? 430 TYR A CB  1 
ATOM   661  C CG  . TYR A 1 82  ? 1.727   10.500  3.142   1.00 29.67  ? 430 TYR A CG  1 
ATOM   662  C CD1 . TYR A 1 82  ? 1.797   10.881  1.803   1.00 31.45  ? 430 TYR A CD1 1 
ATOM   663  C CD2 . TYR A 1 82  ? 0.595   9.812   3.565   1.00 30.26  ? 430 TYR A CD2 1 
ATOM   664  C CE1 . TYR A 1 82  ? 0.796   10.531  0.898   1.00 31.79  ? 430 TYR A CE1 1 
ATOM   665  C CE2 . TYR A 1 82  ? -0.408  9.446   2.666   1.00 31.02  ? 430 TYR A CE2 1 
ATOM   666  C CZ  . TYR A 1 82  ? -0.307  9.817   1.335   1.00 38.11  ? 430 TYR A CZ  1 
ATOM   667  O OH  . TYR A 1 82  ? -1.296  9.480   0.444   1.00 39.13  ? 430 TYR A OH  1 
ATOM   668  N N   . LYS A 1 83  ? 5.761   10.150  5.494   1.00 29.59  ? 431 LYS A N   1 
ATOM   669  C CA  . LYS A 1 83  ? 6.746   10.402  6.551   1.00 29.93  ? 431 LYS A CA  1 
ATOM   670  C C   . LYS A 1 83  ? 8.174   10.575  6.013   1.00 34.84  ? 431 LYS A C   1 
ATOM   671  O O   . LYS A 1 83  ? 8.858   11.526  6.395   1.00 34.41  ? 431 LYS A O   1 
ATOM   672  C CB  . LYS A 1 83  ? 6.702   9.283   7.616   1.00 32.26  ? 431 LYS A CB  1 
ATOM   673  C CG  . LYS A 1 83  ? 7.596   9.534   8.829   1.00 44.78  ? 431 LYS A CG  1 
ATOM   674  C CD  . LYS A 1 83  ? 7.596   8.363   9.794   1.00 55.03  ? 431 LYS A CD  1 
ATOM   675  C CE  . LYS A 1 83  ? 8.495   8.620   10.978  1.00 66.78  ? 431 LYS A CE  1 
ATOM   676  N NZ  . LYS A 1 83  ? 8.455   7.500   11.954  1.00 77.47  ? 431 LYS A NZ  1 
ATOM   677  N N   . TYR A 1 84  ? 8.626   9.645   5.160   1.00 32.41  ? 432 TYR A N   1 
ATOM   678  C CA  . TYR A 1 84  ? 9.990   9.622   4.634   1.00 32.69  ? 432 TYR A CA  1 
ATOM   679  C C   . TYR A 1 84  ? 10.314  10.721  3.612   1.00 37.11  ? 432 TYR A C   1 
ATOM   680  O O   . TYR A 1 84  ? 11.350  11.376  3.737   1.00 36.72  ? 432 TYR A O   1 
ATOM   681  C CB  . TYR A 1 84  ? 10.320  8.227   4.059   1.00 33.88  ? 432 TYR A CB  1 
ATOM   682  C CG  . TYR A 1 84  ? 11.681  8.138   3.402   1.00 35.73  ? 432 TYR A CG  1 
ATOM   683  C CD1 . TYR A 1 84  ? 12.845  8.089   4.166   1.00 37.66  ? 432 TYR A CD1 1 
ATOM   684  C CD2 . TYR A 1 84  ? 11.810  8.121   2.017   1.00 36.50  ? 432 TYR A CD2 1 
ATOM   685  C CE1 . TYR A 1 84  ? 14.102  8.040   3.567   1.00 38.41  ? 432 TYR A CE1 1 
ATOM   686  C CE2 . TYR A 1 84  ? 13.061  8.063   1.406   1.00 37.45  ? 432 TYR A CE2 1 
ATOM   687  C CZ  . TYR A 1 84  ? 14.206  8.021   2.187   1.00 44.25  ? 432 TYR A CZ  1 
ATOM   688  O OH  . TYR A 1 84  ? 15.444  7.958   1.595   1.00 44.46  ? 432 TYR A OH  1 
ATOM   689  N N   . ASN A 1 85  ? 9.470   10.876  2.586   1.00 34.12  ? 433 ASN A N   1 
ATOM   690  C CA  . ASN A 1 85  ? 9.682   11.793  1.464   1.00 34.01  ? 433 ASN A CA  1 
ATOM   691  C C   . ASN A 1 85  ? 9.316   13.256  1.730   1.00 39.08  ? 433 ASN A C   1 
ATOM   692  O O   . ASN A 1 85  ? 8.474   13.503  2.590   1.00 38.74  ? 433 ASN A O   1 
ATOM   693  C CB  . ASN A 1 85  ? 8.927   11.278  0.242   1.00 32.63  ? 433 ASN A CB  1 
ATOM   694  C CG  . ASN A 1 85  ? 9.340   9.890   -0.149  1.00 46.96  ? 433 ASN A CG  1 
ATOM   695  O OD1 . ASN A 1 85  ? 10.362  9.683   -0.808  1.00 40.82  ? 433 ASN A OD1 1 
ATOM   696  N ND2 . ASN A 1 85  ? 8.552   8.912   0.261   1.00 35.57  ? 433 ASN A ND2 1 
ATOM   697  N N   . PRO A 1 86  ? 9.897   14.243  0.989   1.00 36.59  ? 434 PRO A N   1 
ATOM   698  C CA  . PRO A 1 86  ? 9.488   15.647  1.192   1.00 36.66  ? 434 PRO A CA  1 
ATOM   699  C C   . PRO A 1 86  ? 8.058   15.878  0.677   1.00 40.95  ? 434 PRO A C   1 
ATOM   700  O O   . PRO A 1 86  ? 7.655   15.192  -0.266  1.00 40.59  ? 434 PRO A O   1 
ATOM   701  C CB  . PRO A 1 86  ? 10.510  16.446  0.366   1.00 38.36  ? 434 PRO A CB  1 
ATOM   702  C CG  . PRO A 1 86  ? 11.589  15.475  -0.001  1.00 42.75  ? 434 PRO A CG  1 
ATOM   703  C CD  . PRO A 1 86  ? 10.917  14.147  -0.074  1.00 38.23  ? 434 PRO A CD  1 
ATOM   704  N N   . PRO A 1 87  ? 7.277   16.829  1.253   1.00 37.74  ? 435 PRO A N   1 
ATOM   705  C CA  . PRO A 1 87  ? 5.884   17.027  0.796   1.00 37.58  ? 435 PRO A CA  1 
ATOM   706  C C   . PRO A 1 87  ? 5.673   17.354  -0.688  1.00 41.51  ? 435 PRO A C   1 
ATOM   707  O O   . PRO A 1 87  ? 4.568   17.134  -1.189  1.00 40.95  ? 435 PRO A O   1 
ATOM   708  C CB  . PRO A 1 87  ? 5.372   18.165  1.688   1.00 39.34  ? 435 PRO A CB  1 
ATOM   709  C CG  . PRO A 1 87  ? 6.590   18.809  2.250   1.00 43.76  ? 435 PRO A CG  1 
ATOM   710  C CD  . PRO A 1 87  ? 7.586   17.710  2.396   1.00 39.24  ? 435 PRO A CD  1 
ATOM   711  N N   . ASP A 1 88  ? 6.710   17.855  -1.392  1.00 38.56  ? 436 ASP A N   1 
ATOM   712  C CA  . ASP A 1 88  ? 6.616   18.218  -2.812  1.00 38.69  ? 436 ASP A CA  1 
ATOM   713  C C   . ASP A 1 88  ? 7.111   17.122  -3.777  1.00 41.90  ? 436 ASP A C   1 
ATOM   714  O O   . ASP A 1 88  ? 6.988   17.292  -4.993  1.00 41.43  ? 436 ASP A O   1 
ATOM   715  C CB  . ASP A 1 88  ? 7.325   19.564  -3.083  1.00 41.02  ? 436 ASP A CB  1 
ATOM   716  C CG  . ASP A 1 88  ? 8.827   19.574  -2.857  1.00 54.94  ? 436 ASP A CG  1 
ATOM   717  O OD1 . ASP A 1 88  ? 9.282   19.005  -1.835  1.00 56.23  ? 436 ASP A OD1 1 
ATOM   718  O OD2 . ASP A 1 88  ? 9.546   20.197  -3.669  1.00 61.77  ? 436 ASP A OD2 1 
ATOM   719  N N   . HIS A 1 89  ? 7.646   15.998  -3.242  1.00 37.91  ? 437 HIS A N   1 
ATOM   720  C CA  . HIS A 1 89  ? 8.142   14.866  -4.038  1.00 37.31  ? 437 HIS A CA  1 
ATOM   721  C C   . HIS A 1 89  ? 7.018   14.249  -4.869  1.00 39.63  ? 437 HIS A C   1 
ATOM   722  O O   . HIS A 1 89  ? 5.879   14.188  -4.404  1.00 39.04  ? 437 HIS A O   1 
ATOM   723  C CB  . HIS A 1 89  ? 8.765   13.794  -3.132  1.00 38.21  ? 437 HIS A CB  1 
ATOM   724  C CG  . HIS A 1 89  ? 9.720   12.878  -3.837  1.00 41.71  ? 437 HIS A CG  1 
ATOM   725  N ND1 . HIS A 1 89  ? 9.293   11.993  -4.815  1.00 43.53  ? 437 HIS A ND1 1 
ATOM   726  C CD2 . HIS A 1 89  ? 11.053  12.721  -3.661  1.00 43.40  ? 437 HIS A CD2 1 
ATOM   727  C CE1 . HIS A 1 89  ? 10.374  11.342  -5.208  1.00 42.89  ? 437 HIS A CE1 1 
ATOM   728  N NE2 . HIS A 1 89  ? 11.457  11.745  -4.542  1.00 43.21  ? 437 HIS A NE2 1 
ATOM   729  N N   . GLU A 1 90  ? 7.346   13.789  -6.091  1.00 35.43  ? 438 GLU A N   1 
ATOM   730  C CA  . GLU A 1 90  ? 6.390   13.180  -7.026  1.00 34.84  ? 438 GLU A CA  1 
ATOM   731  C C   . GLU A 1 90  ? 5.729   11.897  -6.489  1.00 37.40  ? 438 GLU A C   1 
ATOM   732  O O   . GLU A 1 90  ? 4.572   11.641  -6.821  1.00 37.29  ? 438 GLU A O   1 
ATOM   733  C CB  . GLU A 1 90  ? 7.020   12.946  -8.417  1.00 36.31  ? 438 GLU A CB  1 
ATOM   734  C CG  . GLU A 1 90  ? 8.176   11.952  -8.458  1.00 47.81  ? 438 GLU A CG  1 
ATOM   735  C CD  . GLU A 1 90  ? 8.771   11.663  -9.825  1.00 70.93  ? 438 GLU A CD  1 
ATOM   736  O OE1 . GLU A 1 90  ? 9.988   11.374  -9.883  1.00 68.38  ? 438 GLU A OE1 1 
ATOM   737  O OE2 . GLU A 1 90  ? 8.026   11.700  -10.831 1.00 65.01  ? 438 GLU A OE2 1 
ATOM   738  N N   . VAL A 1 91  ? 6.450   11.117  -5.652  1.00 32.62  ? 439 VAL A N   1 
ATOM   739  C CA  . VAL A 1 91  ? 5.960   9.861   -5.073  1.00 31.97  ? 439 VAL A CA  1 
ATOM   740  C C   . VAL A 1 91  ? 4.812   10.118  -4.061  1.00 34.80  ? 439 VAL A C   1 
ATOM   741  O O   . VAL A 1 91  ? 3.924   9.275   -3.932  1.00 33.98  ? 439 VAL A O   1 
ATOM   742  C CB  . VAL A 1 91  ? 7.113   8.976   -4.510  1.00 35.59  ? 439 VAL A CB  1 
ATOM   743  C CG1 . VAL A 1 91  ? 7.651   9.500   -3.181  1.00 35.27  ? 439 VAL A CG1 1 
ATOM   744  C CG2 . VAL A 1 91  ? 6.698   7.512   -4.396  1.00 35.37  ? 439 VAL A CG2 1 
ATOM   745  N N   . VAL A 1 92  ? 4.818   11.295  -3.393  1.00 31.07  ? 440 VAL A N   1 
ATOM   746  C CA  . VAL A 1 92  ? 3.788   11.719  -2.434  1.00 30.61  ? 440 VAL A CA  1 
ATOM   747  C C   . VAL A 1 92  ? 2.465   11.962  -3.180  1.00 33.96  ? 440 VAL A C   1 
ATOM   748  O O   . VAL A 1 92  ? 1.407   11.546  -2.699  1.00 33.27  ? 440 VAL A O   1 
ATOM   749  C CB  . VAL A 1 92  ? 4.242   12.947  -1.591  1.00 34.25  ? 440 VAL A CB  1 
ATOM   750  C CG1 . VAL A 1 92  ? 3.112   13.484  -0.713  1.00 33.94  ? 440 VAL A CG1 1 
ATOM   751  C CG2 . VAL A 1 92  ? 5.459   12.605  -0.737  1.00 33.96  ? 440 VAL A CG2 1 
ATOM   752  N N   . ALA A 1 93  ? 2.542   12.599  -4.370  1.00 30.47  ? 441 ALA A N   1 
ATOM   753  C CA  . ALA A 1 93  ? 1.393   12.885  -5.234  1.00 30.16  ? 441 ALA A CA  1 
ATOM   754  C C   . ALA A 1 93  ? 0.811   11.585  -5.790  1.00 33.14  ? 441 ALA A C   1 
ATOM   755  O O   . ALA A 1 93  ? -0.408  11.462  -5.899  1.00 32.98  ? 441 ALA A O   1 
ATOM   756  C CB  . ALA A 1 93  ? 1.805   13.808  -6.373  1.00 30.90  ? 441 ALA A CB  1 
ATOM   757  N N   . MET A 1 94  ? 1.685   10.613  -6.115  1.00 29.13  ? 442 MET A N   1 
ATOM   758  C CA  . MET A 1 94  ? 1.307   9.290   -6.618  1.00 28.76  ? 442 MET A CA  1 
ATOM   759  C C   . MET A 1 94  ? 0.625   8.483   -5.511  1.00 30.92  ? 442 MET A C   1 
ATOM   760  O O   . MET A 1 94  ? -0.354  7.785   -5.783  1.00 30.44  ? 442 MET A O   1 
ATOM   761  C CB  . MET A 1 94  ? 2.536   8.539   -7.144  1.00 31.34  ? 442 MET A CB  1 
ATOM   762  C CG  . MET A 1 94  ? 3.092   9.126   -8.410  1.00 35.35  ? 442 MET A CG  1 
ATOM   763  S SD  . MET A 1 94  ? 4.809   8.645   -8.637  1.00 40.04  ? 442 MET A SD  1 
ATOM   764  C CE  . MET A 1 94  ? 4.632   7.525   -9.928  1.00 36.65  ? 442 MET A CE  1 
ATOM   765  N N   . ALA A 1 95  ? 1.127   8.606   -4.261  1.00 26.38  ? 443 ALA A N   1 
ATOM   766  C CA  . ALA A 1 95  ? 0.571   7.951   -3.076  1.00 26.02  ? 443 ALA A CA  1 
ATOM   767  C C   . ALA A 1 95  ? -0.847  8.448   -2.818  1.00 29.72  ? 443 ALA A C   1 
ATOM   768  O O   . ALA A 1 95  ? -1.719  7.637   -2.516  1.00 29.05  ? 443 ALA A O   1 
ATOM   769  C CB  . ALA A 1 95  ? 1.449   8.216   -1.863  1.00 26.64  ? 443 ALA A CB  1 
ATOM   770  N N   . ARG A 1 96  ? -1.078  9.770   -2.985  1.00 26.62  ? 444 ARG A N   1 
ATOM   771  C CA  . ARG A 1 96  ? -2.386  10.407  -2.812  1.00 26.48  ? 444 ARG A CA  1 
ATOM   772  C C   . ARG A 1 96  ? -3.375  9.900   -3.857  1.00 30.02  ? 444 ARG A C   1 
ATOM   773  O O   . ARG A 1 96  ? -4.529  9.643   -3.519  1.00 29.47  ? 444 ARG A O   1 
ATOM   774  C CB  . ARG A 1 96  ? -2.269  11.934  -2.892  1.00 26.73  ? 444 ARG A CB  1 
ATOM   775  C CG  . ARG A 1 96  ? -1.704  12.585  -1.639  1.00 36.74  ? 444 ARG A CG  1 
ATOM   776  C CD  . ARG A 1 96  ? -1.899  14.083  -1.706  1.00 47.47  ? 444 ARG A CD  1 
ATOM   777  N NE  . ARG A 1 96  ? -1.327  14.769  -0.548  1.00 56.89  ? 444 ARG A NE  1 
ATOM   778  C CZ  . ARG A 1 96  ? -0.264  15.565  -0.595  1.00 69.98  ? 444 ARG A CZ  1 
ATOM   779  N NH1 . ARG A 1 96  ? 0.359   15.788  -1.746  1.00 58.97  ? 444 ARG A NH1 1 
ATOM   780  N NH2 . ARG A 1 96  ? 0.178   16.155  0.507   1.00 54.37  ? 444 ARG A NH2 1 
ATOM   781  N N   . LYS A 1 97  ? -2.911  9.735   -5.117  1.00 26.46  ? 445 LYS A N   1 
ATOM   782  C CA  . LYS A 1 97  ? -3.706  9.237   -6.241  1.00 26.13  ? 445 LYS A CA  1 
ATOM   783  C C   . LYS A 1 97  ? -4.144  7.789   -6.014  1.00 29.77  ? 445 LYS A C   1 
ATOM   784  O O   . LYS A 1 97  ? -5.300  7.461   -6.283  1.00 29.75  ? 445 LYS A O   1 
ATOM   785  C CB  . LYS A 1 97  ? -2.926  9.356   -7.559  1.00 28.59  ? 445 LYS A CB  1 
ATOM   786  C CG  . LYS A 1 97  ? -2.932  10.741  -8.181  1.00 40.37  ? 445 LYS A CG  1 
ATOM   787  C CD  . LYS A 1 97  ? -2.306  10.689  -9.564  1.00 50.17  ? 445 LYS A CD  1 
ATOM   788  C CE  . LYS A 1 97  ? -2.375  12.001  -10.300 1.00 62.08  ? 445 LYS A CE  1 
ATOM   789  N NZ  . LYS A 1 97  ? -1.892  11.862  -11.698 1.00 72.26  ? 445 LYS A NZ  1 
ATOM   790  N N   . LEU A 1 98  ? -3.225  6.931   -5.520  1.00 25.75  ? 446 LEU A N   1 
ATOM   791  C CA  . LEU A 1 98  ? -3.515  5.524   -5.228  1.00 25.31  ? 446 LEU A CA  1 
ATOM   792  C C   . LEU A 1 98  ? -4.376  5.389   -3.968  1.00 29.14  ? 446 LEU A C   1 
ATOM   793  O O   . LEU A 1 98  ? -5.226  4.495   -3.912  1.00 28.67  ? 446 LEU A O   1 
ATOM   794  C CB  . LEU A 1 98  ? -2.221  4.687   -5.118  1.00 25.13  ? 446 LEU A CB  1 
ATOM   795  C CG  . LEU A 1 98  ? -2.377  3.152   -5.062  1.00 29.39  ? 446 LEU A CG  1 
ATOM   796  C CD1 . LEU A 1 98  ? -3.086  2.604   -6.301  1.00 29.42  ? 446 LEU A CD1 1 
ATOM   797  C CD2 . LEU A 1 98  ? -1.033  2.474   -4.881  1.00 31.13  ? 446 LEU A CD2 1 
ATOM   798  N N   . GLN A 1 99  ? -4.178  6.284   -2.971  1.00 25.66  ? 447 GLN A N   1 
ATOM   799  C CA  . GLN A 1 99  ? -4.976  6.279   -1.743  1.00 25.65  ? 447 GLN A CA  1 
ATOM   800  C C   . GLN A 1 99  ? -6.432  6.649   -2.044  1.00 31.25  ? 447 GLN A C   1 
ATOM   801  O O   . GLN A 1 99  ? -7.327  6.091   -1.415  1.00 30.96  ? 447 GLN A O   1 
ATOM   802  C CB  . GLN A 1 99  ? -4.370  7.170   -0.642  1.00 26.55  ? 447 GLN A CB  1 
ATOM   803  C CG  . GLN A 1 99  ? -5.000  6.927   0.734   1.00 34.80  ? 447 GLN A CG  1 
ATOM   804  C CD  . GLN A 1 99  ? -4.222  7.457   1.913   1.00 49.96  ? 447 GLN A CD  1 
ATOM   805  O OE1 . GLN A 1 99  ? -3.379  8.353   1.804   1.00 43.53  ? 447 GLN A OE1 1 
ATOM   806  N NE2 . GLN A 1 99  ? -4.529  6.935   3.087   1.00 43.96  ? 447 GLN A NE2 1 
ATOM   807  N N   . ASP A 1 100 ? -6.663  7.539   -3.036  1.00 28.91  ? 448 ASP A N   1 
ATOM   808  C CA  . ASP A 1 100 ? -8.003  7.936   -3.484  1.00 29.28  ? 448 ASP A CA  1 
ATOM   809  C C   . ASP A 1 100 ? -8.742  6.705   -4.003  1.00 32.75  ? 448 ASP A C   1 
ATOM   810  O O   . ASP A 1 100 ? -9.900  6.504   -3.649  1.00 32.38  ? 448 ASP A O   1 
ATOM   811  C CB  . ASP A 1 100 ? -7.931  9.019   -4.580  1.00 31.52  ? 448 ASP A CB  1 
ATOM   812  C CG  . ASP A 1 100 ? -7.480  10.396  -4.125  1.00 45.27  ? 448 ASP A CG  1 
ATOM   813  O OD1 . ASP A 1 100 ? -7.549  10.678  -2.905  1.00 46.62  ? 448 ASP A OD1 1 
ATOM   814  O OD2 . ASP A 1 100 ? -7.069  11.201  -4.990  1.00 52.74  ? 448 ASP A OD2 1 
ATOM   815  N N   . VAL A 1 101 ? -8.048  5.854   -4.790  1.00 29.04  ? 449 VAL A N   1 
ATOM   816  C CA  . VAL A 1 101 ? -8.582  4.599   -5.334  1.00 28.56  ? 449 VAL A CA  1 
ATOM   817  C C   . VAL A 1 101 ? -8.961  3.663   -4.175  1.00 30.71  ? 449 VAL A C   1 
ATOM   818  O O   . VAL A 1 101 ? -10.082 3.154   -4.153  1.00 30.33  ? 449 VAL A O   1 
ATOM   819  C CB  . VAL A 1 101 ? -7.598  3.923   -6.335  1.00 32.75  ? 449 VAL A CB  1 
ATOM   820  C CG1 . VAL A 1 101 ? -8.152  2.598   -6.862  1.00 32.70  ? 449 VAL A CG1 1 
ATOM   821  C CG2 . VAL A 1 101 ? -7.259  4.854   -7.492  1.00 32.56  ? 449 VAL A CG2 1 
ATOM   822  N N   . PHE A 1 102 ? -8.044  3.477   -3.201  1.00 26.10  ? 450 PHE A N   1 
ATOM   823  C CA  . PHE A 1 102 ? -8.268  2.612   -2.042  1.00 25.44  ? 450 PHE A CA  1 
ATOM   824  C C   . PHE A 1 102 ? -9.413  3.087   -1.146  1.00 29.20  ? 450 PHE A C   1 
ATOM   825  O O   . PHE A 1 102 ? -10.326 2.304   -0.900  1.00 28.60  ? 450 PHE A O   1 
ATOM   826  C CB  . PHE A 1 102 ? -6.974  2.387   -1.229  1.00 26.79  ? 450 PHE A CB  1 
ATOM   827  C CG  . PHE A 1 102 ? -7.196  1.742   0.126   1.00 27.87  ? 450 PHE A CG  1 
ATOM   828  C CD1 . PHE A 1 102 ? -7.463  0.381   0.232   1.00 30.53  ? 450 PHE A CD1 1 
ATOM   829  C CD2 . PHE A 1 102 ? -7.157  2.501   1.290   1.00 29.53  ? 450 PHE A CD2 1 
ATOM   830  C CE1 . PHE A 1 102 ? -7.671  -0.212  1.483   1.00 31.22  ? 450 PHE A CE1 1 
ATOM   831  C CE2 . PHE A 1 102 ? -7.379  1.909   2.539   1.00 32.13  ? 450 PHE A CE2 1 
ATOM   832  C CZ  . PHE A 1 102 ? -7.629  0.557   2.626   1.00 30.15  ? 450 PHE A CZ  1 
ATOM   833  N N   . GLU A 1 103 ? -9.351  4.343   -0.643  1.00 25.95  ? 451 GLU A N   1 
ATOM   834  C CA  . GLU A 1 103 ? -10.344 4.936   0.264   1.00 25.89  ? 451 GLU A CA  1 
ATOM   835  C C   . GLU A 1 103 ? -11.782 4.859   -0.250  1.00 30.46  ? 451 GLU A C   1 
ATOM   836  O O   . GLU A 1 103 ? -12.682 4.560   0.531   1.00 30.20  ? 451 GLU A O   1 
ATOM   837  C CB  . GLU A 1 103 ? -9.983  6.386   0.648   1.00 27.16  ? 451 GLU A CB  1 
ATOM   838  C CG  . GLU A 1 103 ? -8.714  6.549   1.482   1.00 35.01  ? 451 GLU A CG  1 
ATOM   839  C CD  . GLU A 1 103 ? -8.639  5.884   2.846   1.00 48.97  ? 451 GLU A CD  1 
ATOM   840  O OE1 . GLU A 1 103 ? -9.699  5.667   3.478   1.00 42.83  ? 451 GLU A OE1 1 
ATOM   841  O OE2 . GLU A 1 103 ? -7.504  5.618   3.301   1.00 37.87  ? 451 GLU A OE2 1 
ATOM   842  N N   . MET A 1 104 ? -11.994 5.108   -1.555  1.00 27.50  ? 452 MET A N   1 
ATOM   843  C CA  . MET A 1 104 ? -13.319 5.050   -2.183  1.00 27.64  ? 452 MET A CA  1 
ATOM   844  C C   . MET A 1 104 ? -13.858 3.609   -2.192  1.00 31.65  ? 452 MET A C   1 
ATOM   845  O O   . MET A 1 104 ? -15.033 3.396   -1.889  1.00 31.42  ? 452 MET A O   1 
ATOM   846  C CB  . MET A 1 104 ? -13.293 5.656   -3.606  1.00 29.92  ? 452 MET A CB  1 
ATOM   847  C CG  A MET A 1 104 ? -12.934 7.137   -3.644  0.50 33.54  ? 452 MET A CG  1 
ATOM   848  C CG  B MET A 1 104 ? -14.671 5.853   -4.223  0.50 33.60  ? 452 MET A CG  1 
ATOM   849  S SD  A MET A 1 104 ? -14.132 8.250   -2.876  0.50 37.62  ? 452 MET A SD  1 
ATOM   850  S SD  B MET A 1 104 ? -15.708 7.065   -3.366  0.50 37.78  ? 452 MET A SD  1 
ATOM   851  C CE  A MET A 1 104 ? -15.208 8.514   -4.222  0.50 34.31  ? 452 MET A CE  1 
ATOM   852  C CE  B MET A 1 104 ? -15.098 8.565   -4.073  0.50 34.46  ? 452 MET A CE  1 
ATOM   853  N N   . ARG A 1 105 ? -12.989 2.631   -2.506  1.00 28.17  ? 453 ARG A N   1 
ATOM   854  C CA  . ARG A 1 105 ? -13.343 1.210   -2.537  1.00 27.96  ? 453 ARG A CA  1 
ATOM   855  C C   . ARG A 1 105 ? -13.549 0.626   -1.138  1.00 32.30  ? 453 ARG A C   1 
ATOM   856  O O   . ARG A 1 105 ? -14.490 -0.143  -0.935  1.00 32.16  ? 453 ARG A O   1 
ATOM   857  C CB  . ARG A 1 105 ? -12.297 0.391   -3.320  1.00 27.48  ? 453 ARG A CB  1 
ATOM   858  C CG  . ARG A 1 105 ? -12.235 0.679   -4.823  1.00 33.82  ? 453 ARG A CG  1 
ATOM   859  C CD  . ARG A 1 105 ? -13.526 0.338   -5.544  1.00 38.58  ? 453 ARG A CD  1 
ATOM   860  N NE  . ARG A 1 105 ? -13.378 0.417   -6.995  1.00 42.58  ? 453 ARG A NE  1 
ATOM   861  C CZ  . ARG A 1 105 ? -14.379 0.288   -7.858  1.00 54.85  ? 453 ARG A CZ  1 
ATOM   862  N NH1 . ARG A 1 105 ? -15.619 0.093   -7.424  1.00 42.80  ? 453 ARG A NH1 1 
ATOM   863  N NH2 . ARG A 1 105 ? -14.152 0.366   -9.162  1.00 39.77  ? 453 ARG A NH2 1 
ATOM   864  N N   . PHE A 1 106 ? -12.674 0.999   -0.179  1.00 28.77  ? 454 PHE A N   1 
ATOM   865  C CA  . PHE A 1 106 ? -12.711 0.541   1.213   1.00 28.82  ? 454 PHE A CA  1 
ATOM   866  C C   . PHE A 1 106 ? -13.935 1.062   1.981   1.00 34.18  ? 454 PHE A C   1 
ATOM   867  O O   . PHE A 1 106 ? -14.416 0.384   2.890   1.00 33.74  ? 454 PHE A O   1 
ATOM   868  C CB  . PHE A 1 106 ? -11.401 0.910   1.933   1.00 30.44  ? 454 PHE A CB  1 
ATOM   869  C CG  . PHE A 1 106 ? -11.149 0.177   3.230   1.00 31.78  ? 454 PHE A CG  1 
ATOM   870  C CD1 . PHE A 1 106 ? -10.815 -1.174  3.233   1.00 34.69  ? 454 PHE A CD1 1 
ATOM   871  C CD2 . PHE A 1 106 ? -11.205 0.845   4.446   1.00 33.70  ? 454 PHE A CD2 1 
ATOM   872  C CE1 . PHE A 1 106 ? -10.577 -1.849  4.433   1.00 35.56  ? 454 PHE A CE1 1 
ATOM   873  C CE2 . PHE A 1 106 ? -10.961 0.170   5.646   1.00 36.49  ? 454 PHE A CE2 1 
ATOM   874  C CZ  . PHE A 1 106 ? -10.647 -1.172  5.632   1.00 34.58  ? 454 PHE A CZ  1 
ATOM   875  N N   . ALA A 1 107 ? -14.433 2.256   1.619   1.00 31.80  ? 455 ALA A N   1 
ATOM   876  C CA  . ALA A 1 107 ? -15.606 2.866   2.244   1.00 32.01  ? 455 ALA A CA  1 
ATOM   877  C C   . ALA A 1 107 ? -16.903 2.255   1.711   1.00 37.15  ? 455 ALA A C   1 
ATOM   878  O O   . ALA A 1 107 ? -17.856 2.099   2.472   1.00 36.58  ? 455 ALA A O   1 
ATOM   879  C CB  . ALA A 1 107 ? -15.606 4.367   2.003   1.00 32.65  ? 455 ALA A CB  1 
ATOM   880  N N   . LYS A 1 108 ? -16.931 1.901   0.411   1.00 35.06  ? 456 LYS A N   1 
ATOM   881  C CA  . LYS A 1 108 ? -18.094 1.334   -0.276  1.00 35.48  ? 456 LYS A CA  1 
ATOM   882  C C   . LYS A 1 108 ? -18.176 -0.209  -0.198  1.00 41.41  ? 456 LYS A C   1 
ATOM   883  O O   . LYS A 1 108 ? -18.589 -0.855  -1.166  1.00 41.71  ? 456 LYS A O   1 
ATOM   884  C CB  . LYS A 1 108 ? -18.149 1.836   -1.732  1.00 37.81  ? 456 LYS A CB  1 
ATOM   885  C CG  . LYS A 1 108 ? -18.650 3.269   -1.868  1.00 48.82  ? 456 LYS A CG  1 
ATOM   886  C CD  . LYS A 1 108 ? -18.345 3.844   -3.240  1.00 56.10  ? 456 LYS A CD  1 
ATOM   887  C CE  . LYS A 1 108 ? -18.983 5.196   -3.432  1.00 64.42  ? 456 LYS A CE  1 
ATOM   888  N NZ  . LYS A 1 108 ? -18.451 5.887   -4.635  1.00 73.23  ? 456 LYS A NZ  1 
ATOM   889  N N   . MET A 1 109 ? -17.823 -0.792  0.967   1.00 38.49  ? 457 MET A N   1 
ATOM   890  C CA  . MET A 1 109 ? -17.889 -2.242  1.186   1.00 70.63  ? 457 MET A CA  1 
ATOM   891  C C   . MET A 1 109 ? -18.631 -2.611  2.477   1.00 105.68 ? 457 MET A C   1 
ATOM   892  O O   . MET A 1 109 ? -19.412 -1.815  2.997   1.00 69.87  ? 457 MET A O   1 
ATOM   893  C CB  . MET A 1 109 ? -16.496 -2.903  1.112   1.00 72.93  ? 457 MET A CB  1 
ATOM   894  C CG  . MET A 1 109 ? -15.594 -2.614  2.302   1.00 76.55  ? 457 MET A CG  1 
ATOM   895  S SD  . MET A 1 109 ? -14.026 -3.518  2.249   1.00 80.66  ? 457 MET A SD  1 
ATOM   896  C CE  . MET A 1 109 ? -14.535 -5.086  2.903   1.00 77.29  ? 457 MET A CE  1 
HETATM 897  C C4  . 87V B 2 .   ? 11.663  3.666   -6.207  1.00 32.76  ? 501 87V A C4  1 
HETATM 898  C C5  . 87V B 2 .   ? 10.006  1.958   -6.027  1.00 32.33  ? 501 87V A C5  1 
HETATM 899  C C6  . 87V B 2 .   ? 10.484  4.888   -3.687  1.00 33.16  ? 501 87V A C6  1 
HETATM 900  C C7  . 87V B 2 .   ? 10.573  3.126   -5.550  1.00 32.97  ? 501 87V A C7  1 
HETATM 901  C C8  . 87V B 2 .   ? 9.572   5.181   -2.640  1.00 33.06  ? 501 87V A C8  1 
HETATM 902  C C10 . 87V B 2 .   ? 8.557   4.249   -2.738  1.00 32.81  ? 501 87V A C10 1 
HETATM 903  C C1  . 87V B 2 .   ? 11.613  1.881   -7.793  1.00 32.38  ? 501 87V A C1  1 
HETATM 904  C C2  . 87V B 2 .   ? 12.187  3.044   -7.323  1.00 32.52  ? 501 87V A C2  1 
HETATM 905  C C3  . 87V B 2 .   ? 10.522  1.338   -7.147  1.00 32.11  ? 501 87V A C3  1 
HETATM 906  C C9  . 87V B 2 .   ? 10.026  3.797   -4.392  1.00 33.24  ? 501 87V A C9  1 
HETATM 907  C C11 . 87V B 2 .   ? 9.677   6.252   -1.681  1.00 33.54  ? 501 87V A C11 1 
HETATM 908  C C12 . 87V B 2 .   ? 7.323   4.014   -1.963  1.00 32.90  ? 501 87V A C12 1 
HETATM 909  N N13 . 87V B 2 .   ? 8.856   3.432   -3.790  1.00 32.63  ? 501 87V A N13 1 
HETATM 910  N N14 . 87V B 2 .   ? 10.625  7.175   -2.035  1.00 33.58  ? 501 87V A N14 1 
HETATM 911  O O15 . 87V B 2 .   ? 8.994   6.326   -0.670  1.00 33.54  ? 501 87V A O15 1 
HETATM 912  O O   . HOH C 3 .   ? 5.987   14.360  2.974   1.00 46.81  ? 601 HOH A O   1 
HETATM 913  O O   . HOH C 3 .   ? -1.495  -0.461  -10.851 1.00 31.16  ? 602 HOH A O   1 
HETATM 914  O O   . HOH C 3 .   ? 7.777   -3.383  2.375   1.00 32.67  ? 603 HOH A O   1 
HETATM 915  O O   . HOH C 3 .   ? 7.229   0.222   -2.194  1.00 32.81  ? 604 HOH A O   1 
HETATM 916  O O   . HOH C 3 .   ? 7.328   0.971   2.997   1.00 35.61  ? 605 HOH A O   1 
HETATM 917  O O   . HOH C 3 .   ? -12.236 4.503   3.201   1.00 25.04  ? 606 HOH A O   1 
HETATM 918  O O   . HOH C 3 .   ? 21.127  3.097   -0.330  1.00 40.15  ? 607 HOH A O   1 
HETATM 919  O O   . HOH C 3 .   ? 7.832   5.019   1.411   1.00 29.05  ? 608 HOH A O   1 
HETATM 920  O O   . HOH C 3 .   ? 5.637   1.040   -0.175  1.00 29.18  ? 609 HOH A O   1 
HETATM 921  O O   . HOH C 3 .   ? -10.442 7.472   5.372   1.00 25.93  ? 610 HOH A O   1 
HETATM 922  O O   . HOH C 3 .   ? -7.906  -0.010  9.789   1.00 39.86  ? 611 HOH A O   1 
HETATM 923  O O   . HOH C 3 .   ? 3.825   15.889  -3.852  1.00 41.77  ? 612 HOH A O   1 
HETATM 924  O O   . HOH C 3 .   ? 12.360  -4.642  -3.713  1.00 43.09  ? 613 HOH A O   1 
HETATM 925  O O   . HOH C 3 .   ? -2.007  13.646  -6.214  1.00 48.33  ? 614 HOH A O   1 
HETATM 926  O O   . HOH C 3 .   ? 5.633   3.471   1.041   1.00 29.01  ? 615 HOH A O   1 
HETATM 927  O O   . HOH C 3 .   ? -4.596  -6.799  -11.344 1.00 44.36  ? 616 HOH A O   1 
HETATM 928  O O   . HOH C 3 .   ? 5.743   -11.124 -0.225  1.00 52.65  ? 617 HOH A O   1 
HETATM 929  O O   . HOH C 3 .   ? -5.668  6.140   -15.329 1.00 63.55  ? 618 HOH A O   1 
HETATM 930  O O   . HOH C 3 .   ? 18.362  10.209  1.256   1.00 49.54  ? 619 HOH A O   1 
HETATM 931  O O   . HOH C 3 .   ? -0.616  -2.552  10.092  1.00 37.17  ? 620 HOH A O   1 
HETATM 932  O O   . HOH C 3 .   ? 17.728  -4.751  -1.404  1.00 46.80  ? 621 HOH A O   1 
HETATM 933  O O   . HOH C 3 .   ? -2.346  4.315   -15.452 1.00 35.71  ? 622 HOH A O   1 
HETATM 934  O O   . HOH C 3 .   ? -5.043  -11.354 -2.883  1.00 56.53  ? 623 HOH A O   1 
HETATM 935  O O   . HOH C 3 .   ? -10.416 -6.000  -8.916  1.00 52.90  ? 624 HOH A O   1 
HETATM 936  O O   . HOH C 3 .   ? 4.398   7.160   -14.318 1.00 49.27  ? 625 HOH A O   1 
HETATM 937  O O   . HOH C 3 .   ? -7.467  -13.717 3.094   1.00 44.53  ? 626 HOH A O   1 
HETATM 938  O O   . HOH C 3 .   ? -6.188  -12.502 5.769   1.00 49.34  ? 627 HOH A O   1 
HETATM 939  O O   . HOH C 3 .   ? 7.070   -8.763  -0.560  1.00 40.73  ? 628 HOH A O   1 
HETATM 940  O O   . HOH C 3 .   ? -15.746 -1.365  -3.053  1.00 47.05  ? 629 HOH A O   1 
HETATM 941  O O   . HOH C 3 .   ? -5.223  -9.189  -4.967  1.00 45.36  ? 630 HOH A O   1 
HETATM 942  O O   . HOH C 3 .   ? 11.689  -1.834  2.206   1.00 31.55  ? 631 HOH A O   1 
HETATM 943  O O   . HOH C 3 .   ? 8.173   -7.741  2.768   1.00 58.25  ? 632 HOH A O   1 
HETATM 944  O O   . HOH C 3 .   ? -12.061 -3.039  -9.545  1.00 46.36  ? 633 HOH A O   1 
HETATM 945  O O   . HOH C 3 .   ? 18.199  2.261   4.936   1.00 53.85  ? 634 HOH A O   1 
HETATM 946  O O   . HOH C 3 .   ? -1.702  2.022   9.746   1.00 50.31  ? 635 HOH A O   1 
HETATM 947  O O   . HOH C 3 .   ? -13.458 -5.334  9.657   1.00 52.56  ? 636 HOH A O   1 
HETATM 948  O O   . HOH C 3 .   ? -11.909 3.517   7.351   1.00 49.59  ? 637 HOH A O   1 
HETATM 949  O O   . HOH C 3 .   ? -8.429  -13.396 17.342  1.00 50.14  ? 638 HOH A O   1 
HETATM 950  O O   . HOH C 3 .   ? -16.666 -7.648  12.019  1.00 69.63  ? 639 HOH A O   1 
HETATM 951  O O   . HOH C 3 .   ? 13.632  11.754  2.128   1.00 50.65  ? 640 HOH A O   1 
HETATM 952  O O   . HOH C 3 .   ? -0.223  16.055  -4.495  1.00 55.47  ? 641 HOH A O   1 
HETATM 953  O O   . HOH C 3 .   ? 21.647  11.682  3.810   1.00 46.80  ? 642 HOH A O   1 
HETATM 954  O O   . HOH C 3 .   ? 7.005   2.732   9.649   1.00 38.38  ? 643 HOH A O   1 
HETATM 955  O O   . HOH C 3 .   ? -7.270  10.285  -0.119  1.00 49.62  ? 644 HOH A O   1 
HETATM 956  O O   . HOH C 3 .   ? 10.358  -1.329  -5.110  1.00 38.42  ? 645 HOH A O   1 
HETATM 957  O O   . HOH C 3 .   ? 14.036  10.633  -5.075  1.00 71.19  ? 646 HOH A O   1 
HETATM 958  O O   . HOH C 3 .   ? 8.914   -1.046  1.567   1.00 35.26  ? 647 HOH A O   1 
HETATM 959  O O   . HOH C 3 .   ? 12.676  11.830  6.266   1.00 48.52  ? 648 HOH A O   1 
HETATM 960  O O   . HOH C 3 .   ? 0.811   -5.392  -11.874 1.00 42.37  ? 649 HOH A O   1 
HETATM 961  O O   . HOH C 3 .   ? 4.613   -11.119 8.285   1.00 57.12  ? 650 HOH A O   1 
HETATM 962  O O   . HOH C 3 .   ? 12.996  10.946  -1.067  1.00 45.43  ? 651 HOH A O   1 
HETATM 963  O O   . HOH C 3 .   ? -2.635  -8.556  10.974  1.00 50.91  ? 652 HOH A O   1 
HETATM 964  O O   . HOH C 3 .   ? 18.073  5.316   -7.184  1.00 55.74  ? 653 HOH A O   1 
HETATM 965  O O   . HOH C 3 .   ? -16.789 0.749   -4.777  1.00 47.90  ? 654 HOH A O   1 
HETATM 966  O O   . HOH C 3 .   ? 8.345   4.664   11.055  1.00 44.99  ? 655 HOH A O   1 
HETATM 967  O O   . HOH C 3 .   ? 7.767   -1.061  -6.227  1.00 33.66  ? 656 HOH A O   1 
HETATM 968  O O   . HOH C 3 .   ? -6.220  2.064   9.310   1.00 39.24  ? 657 HOH A O   1 
HETATM 969  O O   . HOH C 3 .   ? -11.679 -14.783 3.008   1.00 74.47  ? 658 HOH A O   1 
HETATM 970  O O   . HOH C 3 .   ? 2.912   -11.146 -3.874  1.00 50.74  ? 659 HOH A O   1 
HETATM 971  O O   . HOH C 3 .   ? 20.594  2.751   -7.482  1.00 48.05  ? 660 HOH A O   1 
HETATM 972  O O   . HOH C 3 .   ? -4.974  -13.301 11.305  1.00 48.74  ? 661 HOH A O   1 
HETATM 973  O O   . HOH C 3 .   ? 10.068  14.613  -7.552  1.00 39.79  ? 662 HOH A O   1 
HETATM 974  O O   . HOH C 3 .   ? -7.030  -2.084  -15.653 1.00 39.64  ? 663 HOH A O   1 
HETATM 975  O O   . HOH C 3 .   ? 12.775  7.811   -4.374  1.00 42.39  ? 664 HOH A O   1 
HETATM 976  O O   . HOH C 3 .   ? -17.608 -3.374  -3.027  1.00 60.08  ? 665 HOH A O   1 
HETATM 977  O O   . HOH C 3 .   ? -9.790  2.171   10.452  1.00 50.77  ? 666 HOH A O   1 
HETATM 978  O O   . HOH C 3 .   ? 7.893   -8.890  -3.160  1.00 55.75  ? 667 HOH A O   1 
HETATM 979  O O   . HOH C 3 .   ? 4.124   5.253   9.404   1.00 51.36  ? 668 HOH A O   1 
HETATM 980  O O   . HOH C 3 .   ? -1.796  12.718  2.044   1.00 45.58  ? 669 HOH A O   1 
HETATM 981  O O   . HOH C 3 .   ? 1.367   -16.346 -0.435  1.00 54.42  ? 670 HOH A O   1 
HETATM 982  O O   . HOH C 3 .   ? -14.595 0.165   6.228   1.00 73.84  ? 671 HOH A O   1 
HETATM 983  O O   . HOH C 3 .   ? 22.155  -1.573  -5.358  1.00 50.28  ? 672 HOH A O   1 
HETATM 984  O O   . HOH C 3 .   ? 15.453  -3.707  0.542   1.00 51.80  ? 673 HOH A O   1 
HETATM 985  O O   . HOH C 3 .   ? 0.966   11.574  -9.790  1.00 45.67  ? 674 HOH A O   1 
HETATM 986  O O   . HOH C 3 .   ? 6.421   -4.007  9.057   1.00 58.77  ? 675 HOH A O   1 
HETATM 987  O O   . HOH C 3 .   ? 3.849   20.547  -1.143  1.00 58.40  ? 676 HOH A O   1 
HETATM 988  O O   . HOH C 3 .   ? -16.166 5.230   -7.217  1.00 68.47  ? 677 HOH A O   1 
HETATM 989  O O   . HOH C 3 .   ? -4.719  13.663  -5.875  1.00 49.91  ? 678 HOH A O   1 
HETATM 990  O O   . HOH C 3 .   ? -11.508 7.071   -6.744  1.00 50.73  ? 679 HOH A O   1 
HETATM 991  O O   . HOH C 3 .   ? 20.223  0.290   3.646   1.00 54.70  ? 680 HOH A O   1 
HETATM 992  O O   . HOH C 3 .   ? -21.550 0.913   -0.300  1.00 45.42  ? 681 HOH A O   1 
HETATM 993  O O   . HOH C 3 .   ? 0.152   -8.785  -9.108  1.00 59.24  ? 682 HOH A O   1 
HETATM 994  O O   . HOH C 3 .   ? 11.218  16.447  -3.945  1.00 44.63  ? 683 HOH A O   1 
HETATM 995  O O   . HOH C 3 .   ? -10.559 -10.398 -6.706  1.00 52.54  ? 684 HOH A O   1 
HETATM 996  O O   . HOH C 3 .   ? -7.628  -0.516  12.465  1.00 60.58  ? 685 HOH A O   1 
HETATM 997  O O   . HOH C 3 .   ? -3.699  -9.008  -7.323  1.00 33.76  ? 686 HOH A O   1 
HETATM 998  O O   . HOH C 3 .   ? 9.834   8.333   -7.595  1.00 57.62  ? 687 HOH A O   1 
HETATM 999  O O   . HOH C 3 .   ? -19.966 -12.801 10.428  1.00 70.57  ? 688 HOH A O   1 
HETATM 1000 O O   . HOH C 3 .   ? 3.592   -15.743 2.825   1.00 62.76  ? 689 HOH A O   1 
HETATM 1001 O O   . HOH C 3 .   ? 4.008   -4.028  10.345  1.00 57.16  ? 690 HOH A O   1 
HETATM 1002 O O   . HOH C 3 .   ? -6.063  -11.124 -7.056  1.00 54.10  ? 691 HOH A O   1 
HETATM 1003 O O   . HOH C 3 .   ? 13.873  13.422  -1.829  1.00 50.07  ? 692 HOH A O   1 
HETATM 1004 O O   . HOH C 3 .   ? 13.459  14.768  2.835   1.00 66.82  ? 693 HOH A O   1 
HETATM 1005 O O   . HOH C 3 .   ? -10.574 -7.182  18.995  1.00 53.91  ? 694 HOH A O   1 
HETATM 1006 O O   . HOH C 3 .   ? 4.728   -6.581  -9.079  1.00 55.19  ? 695 HOH A O   1 
HETATM 1007 O O   . HOH C 3 .   ? 11.606  15.356  4.764   1.00 58.33  ? 696 HOH A O   1 
HETATM 1008 O O   . HOH C 3 .   ? 5.089   5.003   -15.857 1.00 61.32  ? 697 HOH A O   1 
HETATM 1009 O O   . HOH C 3 .   ? 9.365   -5.365  3.459   1.00 40.97  ? 698 HOH A O   1 
HETATM 1010 O O   . HOH C 3 .   ? 15.114  5.000   -6.212  1.00 51.40  ? 699 HOH A O   1 
HETATM 1011 O O   . HOH C 3 .   ? 11.132  -7.220  -3.962  1.00 54.25  ? 700 HOH A O   1 
HETATM 1012 O O   . HOH C 3 .   ? 4.824   2.709   11.592  1.00 62.08  ? 701 HOH A O   1 
HETATM 1013 O O   . HOH C 3 .   ? 8.923   2.280   -13.502 1.00 56.49  ? 702 HOH A O   1 
HETATM 1014 O O   . HOH C 3 .   ? -2.850  -19.173 -2.319  1.00 60.74  ? 703 HOH A O   1 
HETATM 1015 O O   . HOH C 3 .   ? -3.813  -3.905  12.813  1.00 47.72  ? 704 HOH A O   1 
HETATM 1016 O O   . HOH C 3 .   ? 11.210  -2.750  -7.386  1.00 57.09  ? 705 HOH A O   1 
HETATM 1017 O O   . HOH C 3 .   ? 2.363   -7.070  -10.361 1.00 67.14  ? 706 HOH A O   1 
HETATM 1018 O O   . HOH C 3 .   ? 12.887  -6.507  1.838   1.00 49.92  ? 707 HOH A O   1 
HETATM 1019 O O   . HOH C 3 .   ? 12.483  5.378   -10.653 1.00 44.62  ? 708 HOH A O   1 
HETATM 1020 O O   . HOH C 3 .   ? -3.671  -18.645 -9.621  1.00 55.40  ? 709 HOH A O   1 
# 
